data_1FLC
#
_entry.id   1FLC
#
_cell.length_a   155.400
_cell.length_b   155.400
_cell.length_c   414.400
_cell.angle_alpha   90.00
_cell.angle_beta   90.00
_cell.angle_gamma   90.00
#
_symmetry.space_group_name_H-M   'P 43 2 2'
#
loop_
_entity.id
_entity.type
_entity.pdbx_description
1 polymer 'HAEMAGGLUTININ-ESTERASE-FUSION GLYCOPROTEIN'
2 polymer 'HAEMAGGLUTININ-ESTERASE-FUSION GLYCOPROTEIN'
3 branched beta-D-mannopyranose-(1-4)-2-acetamido-2-deoxy-beta-D-glucopyranose-(1-4)-2-acetamido-2-deoxy-beta-D-glucopyranose
4 branched alpha-D-mannopyranose-(1-4)-2-acetamido-2-deoxy-alpha-D-glucopyranose-(1-4)-2-acetamido-2-deoxy-beta-D-glucopyranose
5 branched beta-D-mannopyranose-(1-4)-2-acetamido-2-deoxy-alpha-D-glucopyranose-(1-4)-2-acetamido-2-deoxy-beta-D-glucopyranose
#
loop_
_entity_poly.entity_id
_entity_poly.type
_entity_poly.pdbx_seq_one_letter_code
_entity_poly.pdbx_strand_id
1 'polypeptide(L)'
;EKIKICLQKQVNSSFSLHNGFGGNLYATEEKRMFELVKPKAGASVLNQSTWIGFGDSRTDKSNSAFPRSADVSAKTADKF
RFLSGGSLMLSMFGPPGKVDYLYQGCGKHKVFYEGVNWSPHAAINCYRKNWTDIKLNFQKNIYELASQSHCMSLVNALDK
TIPLQVTAGTAGNCNNSFLKNPALYTQEVKPSENKCGKENLAFFTLPTQFGTYECKLHLVASCYFIYDSKEVYNKRGCDN
YFQVIYDSFGKVVGGLDNRVSPYTGNSGDTPTMQCDMLQLKPGRYSVRSSPRFLLMPERSYCFDMKEKGPVTAVQSIWGK
GRESDYAVDQACLSTPGCMLIQKQKPYIGEADDHHGDQEMRELLSGLDYEARCISQSGWVNETSPFTEKYLLPPKFGRCP
LAAKEESIPKIPDGLLIPTSGTDTTVTKPKSR
;
A,C,E
2 'polypeptide(L)'
;IFGIDDLIIGVLFVAIVETGIGGYLLGSRKESGGGVTKESAEKGFEKIGNDIQILKSSINIAIEKLNDRISHDEQAIRDL
TLEIENARSEALLGELGIIRALLVGNISIGLQESLWELASEITNRAGDLAVEVSPGCWIIDNNICDQSCQNFIFKFNETA
PVPTIPPLDTKIDLQ
;
B,D,F
#
loop_
_chem_comp.id
_chem_comp.type
_chem_comp.name
_chem_comp.formula
BMA D-saccharide, beta linking beta-D-mannopyranose 'C6 H12 O6'
MAN D-saccharide, alpha linking alpha-D-mannopyranose 'C6 H12 O6'
NAG D-saccharide, beta linking 2-acetamido-2-deoxy-beta-D-glucopyranose 'C8 H15 N O6'
NDG D-saccharide, alpha linking 2-acetamido-2-deoxy-alpha-D-glucopyranose 'C8 H15 N O6'
#
# COMPACT_ATOMS: atom_id res chain seq x y z
N GLU A 1 -35.24 51.35 -38.59
CA GLU A 1 -34.35 52.35 -37.96
C GLU A 1 -34.22 52.12 -36.47
N LYS A 2 -35.17 52.61 -35.66
CA LYS A 2 -35.11 52.44 -34.19
C LYS A 2 -35.26 50.95 -33.82
N ILE A 3 -34.57 50.10 -34.60
CA ILE A 3 -34.58 48.66 -34.39
C ILE A 3 -33.57 48.27 -33.31
N LYS A 4 -33.17 46.99 -33.29
CA LYS A 4 -32.23 46.49 -32.30
C LYS A 4 -31.98 45.04 -32.55
N ILE A 5 -30.79 44.71 -33.02
CA ILE A 5 -30.41 43.32 -33.28
C ILE A 5 -29.54 42.82 -32.13
N CYS A 6 -29.57 41.52 -31.86
CA CYS A 6 -28.82 41.02 -30.74
C CYS A 6 -28.50 39.56 -30.94
N LEU A 7 -27.25 39.19 -30.74
CA LEU A 7 -26.88 37.77 -30.81
C LEU A 7 -27.43 37.20 -29.51
N GLN A 8 -28.53 36.46 -29.59
CA GLN A 8 -29.15 35.95 -28.37
C GLN A 8 -28.85 34.48 -28.04
N LYS A 9 -28.71 34.17 -26.75
CA LYS A 9 -28.45 32.80 -26.28
C LYS A 9 -29.73 32.38 -25.57
N GLN A 10 -30.46 31.44 -26.17
CA GLN A 10 -31.72 31.04 -25.57
C GLN A 10 -31.78 29.57 -25.31
N VAL A 11 -32.21 29.23 -24.09
CA VAL A 11 -32.30 27.85 -23.68
C VAL A 11 -33.70 27.45 -23.21
N ASN A 12 -34.24 26.42 -23.86
CA ASN A 12 -35.56 25.90 -23.57
C ASN A 12 -35.55 24.75 -22.57
N SER A 13 -36.40 23.75 -22.75
CA SER A 13 -36.44 22.64 -21.83
C SER A 13 -35.51 21.50 -22.17
N SER A 14 -35.26 21.29 -23.46
CA SER A 14 -34.37 20.22 -23.88
C SER A 14 -32.92 20.47 -23.43
N PHE A 15 -32.78 21.40 -22.48
CA PHE A 15 -31.47 21.78 -21.93
C PHE A 15 -31.05 20.92 -20.74
N SER A 16 -29.87 21.24 -20.22
CA SER A 16 -29.25 20.61 -19.06
C SER A 16 -28.10 21.55 -18.71
N LEU A 17 -27.85 21.78 -17.43
CA LEU A 17 -26.79 22.71 -17.10
C LEU A 17 -25.54 22.16 -16.42
N HIS A 18 -24.52 21.82 -17.19
CA HIS A 18 -23.26 21.32 -16.62
C HIS A 18 -22.44 22.48 -16.12
N ASN A 19 -22.11 22.49 -14.84
CA ASN A 19 -21.34 23.62 -14.32
C ASN A 19 -19.86 23.26 -14.32
N GLY A 20 -19.01 24.26 -14.48
CA GLY A 20 -17.57 24.02 -14.53
C GLY A 20 -16.78 25.10 -13.81
N PHE A 21 -15.47 24.92 -13.79
CA PHE A 21 -14.60 25.87 -13.13
C PHE A 21 -14.27 27.04 -14.03
N GLY A 22 -14.95 28.15 -13.80
CA GLY A 22 -14.73 29.34 -14.61
C GLY A 22 -15.70 29.44 -15.76
N GLY A 23 -16.98 29.16 -15.48
CA GLY A 23 -17.99 29.23 -16.51
C GLY A 23 -18.69 27.91 -16.72
N ASN A 24 -19.99 27.96 -16.97
CA ASN A 24 -20.79 26.76 -17.14
C ASN A 24 -21.21 26.54 -18.57
N LEU A 25 -22.05 25.52 -18.78
CA LEU A 25 -22.51 25.16 -20.11
C LEU A 25 -23.90 24.59 -20.10
N TYR A 26 -24.75 25.03 -21.00
CA TYR A 26 -26.06 24.43 -21.04
C TYR A 26 -25.85 23.49 -22.21
N ALA A 27 -26.50 22.33 -22.15
CA ALA A 27 -26.40 21.30 -23.21
C ALA A 27 -27.67 20.47 -23.46
N THR A 28 -27.81 20.01 -24.69
CA THR A 28 -28.96 19.23 -25.13
C THR A 28 -28.79 17.76 -24.85
N GLU A 29 -27.55 17.30 -24.85
CA GLU A 29 -27.24 15.91 -24.60
C GLU A 29 -26.10 15.84 -23.60
N GLU A 30 -25.81 14.64 -23.13
CA GLU A 30 -24.74 14.42 -22.16
C GLU A 30 -24.34 12.97 -22.21
N LYS A 31 -23.08 12.68 -21.94
CA LYS A 31 -22.60 11.31 -21.94
C LYS A 31 -21.53 11.10 -20.87
N ARG A 32 -21.26 9.83 -20.59
CA ARG A 32 -20.29 9.44 -19.57
C ARG A 32 -18.83 9.59 -20.00
N MET A 33 -18.02 10.03 -19.05
CA MET A 33 -16.59 10.24 -19.29
C MET A 33 -15.95 8.92 -19.68
N PHE A 34 -16.36 7.88 -18.96
CA PHE A 34 -15.88 6.50 -19.17
C PHE A 34 -17.07 5.54 -19.12
N GLU A 35 -16.93 4.41 -19.80
CA GLU A 35 -18.00 3.43 -19.81
C GLU A 35 -17.70 2.33 -18.80
N LEU A 36 -18.72 1.77 -18.17
CA LEU A 36 -18.51 0.68 -17.21
C LEU A 36 -17.99 -0.53 -17.97
N VAL A 37 -17.02 -1.23 -17.41
CA VAL A 37 -16.48 -2.39 -18.10
C VAL A 37 -16.85 -3.71 -17.45
N LYS A 38 -17.22 -4.66 -18.30
CA LYS A 38 -17.61 -5.99 -17.88
C LYS A 38 -16.38 -6.90 -17.94
N PRO A 39 -16.27 -7.85 -17.02
CA PRO A 39 -15.08 -8.71 -17.11
C PRO A 39 -15.40 -9.87 -18.01
N LYS A 40 -14.48 -10.15 -18.91
CA LYS A 40 -14.63 -11.26 -19.83
C LYS A 40 -14.37 -12.45 -18.93
N ALA A 41 -15.28 -13.43 -18.94
CA ALA A 41 -15.11 -14.63 -18.10
C ALA A 41 -14.11 -15.60 -18.72
N GLY A 42 -13.27 -16.21 -17.89
CA GLY A 42 -12.29 -17.13 -18.43
C GLY A 42 -10.88 -16.78 -17.97
N ALA A 43 -9.88 -17.35 -18.63
CA ALA A 43 -8.50 -17.11 -18.22
C ALA A 43 -7.69 -16.43 -19.24
N SER A 44 -6.86 -15.52 -18.77
CA SER A 44 -5.97 -14.81 -19.65
C SER A 44 -4.70 -14.48 -18.88
N VAL A 45 -3.79 -13.78 -19.54
CA VAL A 45 -2.52 -13.43 -18.94
C VAL A 45 -2.12 -12.01 -19.32
N LEU A 46 -0.92 -11.62 -18.93
CA LEU A 46 -0.34 -10.33 -19.30
C LEU A 46 1.00 -10.78 -19.96
N ASN A 47 1.85 -9.86 -20.39
CA ASN A 47 3.10 -10.27 -21.04
C ASN A 47 3.19 -11.45 -22.03
N GLN A 48 2.23 -12.37 -22.04
CA GLN A 48 2.23 -13.47 -23.01
C GLN A 48 3.53 -14.24 -23.22
N SER A 49 4.62 -13.77 -22.66
CA SER A 49 5.88 -14.45 -22.82
C SER A 49 6.44 -14.77 -21.44
N THR A 50 5.69 -14.40 -20.41
CA THR A 50 6.06 -14.66 -19.02
C THR A 50 5.15 -15.74 -18.43
N TRP A 51 4.45 -16.49 -19.28
CA TRP A 51 3.56 -17.53 -18.77
C TRP A 51 3.86 -18.88 -19.36
N ILE A 52 3.49 -19.91 -18.60
CA ILE A 52 3.73 -21.29 -18.98
C ILE A 52 2.59 -22.13 -18.47
N GLY A 53 2.26 -23.20 -19.17
CA GLY A 53 1.19 -24.03 -18.66
C GLY A 53 1.62 -25.48 -18.54
N PHE A 54 0.97 -26.21 -17.63
CA PHE A 54 1.26 -27.63 -17.47
C PHE A 54 -0.01 -28.33 -17.95
N GLY A 55 0.16 -29.18 -18.97
CA GLY A 55 -0.97 -29.83 -19.60
C GLY A 55 -1.40 -31.28 -19.47
N ASP A 56 -2.60 -31.50 -20.01
CA ASP A 56 -3.32 -32.75 -20.03
C ASP A 56 -3.11 -33.45 -21.34
N SER A 57 -4.19 -33.46 -22.11
CA SER A 57 -4.23 -34.05 -23.43
C SER A 57 -5.03 -32.99 -24.15
N ARG A 58 -5.94 -32.33 -23.41
CA ARG A 58 -6.79 -31.27 -23.93
C ARG A 58 -5.92 -30.07 -24.25
N THR A 59 -4.65 -30.21 -23.89
CA THR A 59 -3.69 -29.18 -24.16
C THR A 59 -2.61 -29.80 -25.00
N ASP A 60 -2.49 -31.13 -24.99
CA ASP A 60 -1.45 -31.84 -25.78
C ASP A 60 -1.46 -31.63 -27.28
N LYS A 61 -0.57 -30.77 -27.75
CA LYS A 61 -0.48 -30.41 -29.15
C LYS A 61 -0.11 -31.59 -30.02
N SER A 62 0.78 -32.40 -29.49
CA SER A 62 1.27 -33.56 -30.20
C SER A 62 0.35 -34.75 -29.97
N ASN A 63 -0.95 -34.48 -29.94
CA ASN A 63 -1.88 -35.58 -29.78
C ASN A 63 -2.45 -35.92 -31.15
N SER A 64 -2.73 -37.21 -31.34
CA SER A 64 -3.29 -37.72 -32.58
C SER A 64 -4.35 -36.78 -33.17
N ALA A 65 -5.59 -36.91 -32.68
CA ALA A 65 -6.69 -36.08 -33.15
C ALA A 65 -6.52 -34.70 -32.58
N PHE A 66 -5.61 -33.93 -33.14
CA PHE A 66 -5.39 -32.67 -32.49
C PHE A 66 -6.43 -31.58 -32.37
N PRO A 67 -6.44 -30.58 -33.25
CA PRO A 67 -7.43 -29.54 -33.02
C PRO A 67 -8.68 -29.96 -32.30
N ARG A 68 -9.24 -31.08 -32.74
CA ARG A 68 -10.45 -31.65 -32.14
C ARG A 68 -10.31 -31.87 -30.64
N SER A 69 -9.43 -32.79 -30.27
CA SER A 69 -9.16 -33.09 -28.87
C SER A 69 -8.80 -31.92 -27.95
N ALA A 70 -8.28 -30.82 -28.49
CA ALA A 70 -7.86 -29.66 -27.68
C ALA A 70 -8.96 -28.76 -27.10
N ASP A 71 -8.63 -28.11 -25.99
CA ASP A 71 -9.54 -27.19 -25.34
C ASP A 71 -8.90 -25.83 -25.52
N VAL A 72 -7.76 -25.84 -26.19
CA VAL A 72 -7.03 -24.60 -26.43
C VAL A 72 -6.59 -24.55 -27.89
N SER A 73 -6.18 -23.36 -28.31
CA SER A 73 -5.71 -23.14 -29.68
C SER A 73 -4.30 -23.69 -29.76
N ALA A 74 -3.69 -23.58 -30.94
CA ALA A 74 -2.34 -24.07 -31.10
C ALA A 74 -1.41 -23.08 -30.42
N LYS A 75 -1.56 -21.81 -30.76
CA LYS A 75 -0.75 -20.75 -30.16
C LYS A 75 -0.58 -21.07 -28.67
N THR A 76 -1.70 -21.25 -27.98
CA THR A 76 -1.70 -21.55 -26.55
C THR A 76 -0.99 -22.87 -26.25
N ALA A 77 -1.43 -23.93 -26.92
CA ALA A 77 -0.83 -25.23 -26.68
C ALA A 77 0.69 -25.13 -26.73
N ASP A 78 1.21 -24.27 -27.59
CA ASP A 78 2.65 -24.12 -27.71
C ASP A 78 3.28 -23.75 -26.39
N LYS A 79 2.57 -22.95 -25.62
CA LYS A 79 3.10 -22.50 -24.35
C LYS A 79 2.89 -23.50 -23.23
N PHE A 80 2.27 -24.61 -23.56
CA PHE A 80 1.99 -25.62 -22.57
C PHE A 80 3.02 -26.74 -22.58
N ARG A 81 3.22 -27.37 -21.42
CA ARG A 81 4.14 -28.50 -21.30
C ARG A 81 3.24 -29.60 -20.72
N PHE A 82 2.64 -30.37 -21.62
CA PHE A 82 1.70 -31.43 -21.29
C PHE A 82 2.10 -32.72 -21.99
N LEU A 83 1.28 -33.75 -21.82
CA LEU A 83 1.52 -35.04 -22.44
C LEU A 83 0.31 -35.87 -22.12
N SER A 84 -0.46 -36.23 -23.12
CA SER A 84 -1.70 -36.97 -22.93
C SER A 84 -1.66 -37.99 -21.82
N GLY A 85 -2.70 -37.97 -20.98
CA GLY A 85 -2.81 -38.93 -19.89
C GLY A 85 -2.03 -38.65 -18.62
N GLY A 86 -1.39 -37.49 -18.54
CA GLY A 86 -0.61 -37.15 -17.38
C GLY A 86 -1.31 -36.30 -16.32
N SER A 87 -0.65 -36.16 -15.18
CA SER A 87 -1.19 -35.38 -14.07
C SER A 87 -0.02 -35.16 -13.16
N LEU A 88 0.13 -33.94 -12.62
CA LEU A 88 1.23 -33.71 -11.69
C LEU A 88 1.13 -34.75 -10.59
N MET A 89 -0.08 -35.00 -10.11
CA MET A 89 -0.20 -36.00 -9.07
C MET A 89 0.23 -37.40 -9.52
N LEU A 90 0.00 -37.73 -10.78
CA LEU A 90 0.32 -39.04 -11.29
C LEU A 90 1.81 -39.25 -11.29
N SER A 91 2.50 -38.15 -11.54
CA SER A 91 3.94 -38.17 -11.62
C SER A 91 4.53 -38.19 -10.22
N MET A 92 3.77 -37.62 -9.30
CA MET A 92 4.21 -37.58 -7.93
C MET A 92 4.32 -38.98 -7.38
N PHE A 93 3.33 -39.83 -7.60
CA PHE A 93 3.40 -41.18 -7.04
C PHE A 93 3.70 -42.25 -8.02
N GLY A 94 3.67 -41.91 -9.30
CA GLY A 94 3.94 -42.90 -10.32
C GLY A 94 3.21 -44.21 -10.11
N PRO A 95 1.88 -44.21 -10.16
CA PRO A 95 1.22 -45.48 -9.96
C PRO A 95 1.45 -46.32 -11.21
N PRO A 96 1.33 -47.65 -11.10
CA PRO A 96 1.53 -48.61 -12.18
C PRO A 96 0.65 -48.45 -13.40
N GLY A 97 1.25 -48.51 -14.57
CA GLY A 97 0.46 -48.40 -15.78
C GLY A 97 0.16 -46.99 -16.20
N LYS A 98 -0.18 -46.15 -15.25
CA LYS A 98 -0.49 -44.77 -15.57
C LYS A 98 0.76 -44.00 -16.04
N VAL A 99 0.58 -43.14 -17.05
CA VAL A 99 1.65 -42.30 -17.63
C VAL A 99 2.40 -41.42 -16.61
N ASP A 100 3.73 -41.46 -16.67
CA ASP A 100 4.58 -40.72 -15.74
C ASP A 100 5.32 -39.66 -16.54
N TYR A 101 4.81 -38.44 -16.54
CA TYR A 101 5.43 -37.38 -17.31
C TYR A 101 6.26 -36.35 -16.53
N LEU A 102 7.45 -36.03 -17.02
CA LEU A 102 8.30 -35.08 -16.32
C LEU A 102 7.85 -33.66 -16.49
N TYR A 103 6.97 -33.21 -15.62
CA TYR A 103 6.50 -31.83 -15.68
C TYR A 103 7.56 -30.95 -15.04
N GLN A 104 7.86 -29.83 -15.69
CA GLN A 104 8.83 -28.88 -15.18
C GLN A 104 8.87 -27.66 -16.11
N GLY A 105 9.28 -26.52 -15.59
CA GLY A 105 9.36 -25.36 -16.45
C GLY A 105 9.39 -24.09 -15.63
N CYS A 106 9.51 -22.95 -16.30
CA CYS A 106 9.57 -21.69 -15.60
C CYS A 106 8.58 -20.71 -16.13
N GLY A 107 8.27 -19.73 -15.33
CA GLY A 107 7.33 -18.73 -15.77
C GLY A 107 6.91 -17.88 -14.61
N LYS A 108 6.62 -16.62 -14.87
CA LYS A 108 6.19 -15.68 -13.84
C LYS A 108 4.75 -16.03 -13.49
N HIS A 109 4.01 -16.50 -14.48
CA HIS A 109 2.61 -16.91 -14.33
C HIS A 109 2.48 -18.37 -14.80
N LYS A 110 2.02 -19.24 -13.91
CA LYS A 110 1.85 -20.66 -14.23
C LYS A 110 0.35 -21.02 -14.34
N VAL A 111 -0.01 -21.68 -15.43
CA VAL A 111 -1.40 -22.09 -15.66
C VAL A 111 -1.51 -23.60 -15.65
N PHE A 112 -2.25 -24.12 -14.67
CA PHE A 112 -2.42 -25.56 -14.56
C PHE A 112 -3.79 -25.99 -15.07
N TYR A 113 -3.80 -27.00 -15.93
CA TYR A 113 -5.04 -27.58 -16.44
C TYR A 113 -4.77 -29.08 -16.57
N GLU A 114 -4.62 -29.75 -15.43
CA GLU A 114 -4.37 -31.20 -15.33
C GLU A 114 -5.11 -31.79 -14.15
N GLY A 115 -5.08 -33.12 -14.00
CA GLY A 115 -5.72 -33.72 -12.85
C GLY A 115 -6.77 -34.78 -13.07
N VAL A 116 -7.64 -34.53 -14.04
CA VAL A 116 -8.72 -35.45 -14.38
C VAL A 116 -8.19 -36.87 -14.57
N ASN A 117 -6.95 -36.94 -15.04
CA ASN A 117 -6.39 -38.24 -15.27
C ASN A 117 -6.20 -39.15 -14.06
N TRP A 118 -6.34 -38.61 -12.85
CA TRP A 118 -6.32 -39.41 -11.60
C TRP A 118 -7.52 -39.00 -10.74
N SER A 119 -8.71 -39.27 -11.29
CA SER A 119 -9.96 -38.96 -10.62
C SER A 119 -10.44 -40.30 -10.13
N PRO A 120 -11.45 -40.29 -9.28
CA PRO A 120 -12.01 -41.54 -8.74
C PRO A 120 -12.12 -42.62 -9.80
N HIS A 121 -12.41 -42.17 -11.02
CA HIS A 121 -12.54 -43.07 -12.14
C HIS A 121 -11.34 -43.97 -12.28
N ALA A 122 -10.16 -43.35 -12.26
CA ALA A 122 -8.91 -44.08 -12.39
C ALA A 122 -8.89 -45.32 -11.54
N ALA A 123 -9.77 -45.35 -10.54
CA ALA A 123 -9.88 -46.49 -9.65
C ALA A 123 -8.54 -47.09 -9.27
N ILE A 124 -7.63 -46.23 -8.85
CA ILE A 124 -6.34 -46.68 -8.41
C ILE A 124 -6.50 -46.83 -6.93
N ASN A 125 -5.85 -47.82 -6.34
CA ASN A 125 -5.95 -48.02 -4.91
C ASN A 125 -4.72 -48.73 -4.46
N CYS A 126 -3.78 -48.04 -3.84
CA CYS A 126 -2.63 -48.82 -3.43
C CYS A 126 -2.56 -48.72 -1.97
N TYR A 127 -3.55 -49.35 -1.39
CA TYR A 127 -3.73 -49.40 0.04
C TYR A 127 -4.59 -48.24 0.47
N ARG A 128 -5.21 -47.58 -0.49
CA ARG A 128 -6.07 -46.48 -0.21
C ARG A 128 -7.21 -46.43 -1.24
N LYS A 129 -8.46 -46.54 -0.76
CA LYS A 129 -9.63 -46.53 -1.63
C LYS A 129 -10.02 -45.17 -2.23
N ASN A 130 -10.10 -44.10 -1.42
CA ASN A 130 -10.48 -42.75 -1.92
C ASN A 130 -9.30 -41.77 -1.83
N TRP A 131 -8.61 -41.57 -2.95
CA TRP A 131 -7.44 -40.70 -3.02
C TRP A 131 -7.76 -39.19 -3.05
N THR A 132 -8.99 -38.83 -3.33
CA THR A 132 -9.33 -37.42 -3.42
C THR A 132 -8.71 -36.53 -2.36
N ASP A 133 -8.83 -36.90 -1.10
CA ASP A 133 -8.29 -36.01 -0.11
C ASP A 133 -6.83 -35.71 -0.39
N ILE A 134 -6.06 -36.75 -0.63
CA ILE A 134 -4.66 -36.54 -0.92
C ILE A 134 -4.51 -35.64 -2.13
N LYS A 135 -5.24 -35.95 -3.20
CA LYS A 135 -5.18 -35.10 -4.40
C LYS A 135 -5.32 -33.65 -3.95
N LEU A 136 -6.37 -33.38 -3.21
CA LEU A 136 -6.62 -32.05 -2.68
C LEU A 136 -5.37 -31.45 -2.07
N ASN A 137 -4.86 -32.04 -1.00
CA ASN A 137 -3.66 -31.52 -0.37
C ASN A 137 -2.46 -31.45 -1.31
N PHE A 138 -2.25 -32.45 -2.14
CA PHE A 138 -1.13 -32.37 -3.05
C PHE A 138 -1.30 -31.10 -3.89
N GLN A 139 -2.45 -30.98 -4.55
CA GLN A 139 -2.69 -29.79 -5.38
C GLN A 139 -2.45 -28.51 -4.56
N LYS A 140 -3.07 -28.45 -3.39
CA LYS A 140 -2.92 -27.32 -2.51
C LYS A 140 -1.47 -26.84 -2.40
N ASN A 141 -0.54 -27.77 -2.22
CA ASN A 141 0.85 -27.38 -2.08
C ASN A 141 1.43 -26.96 -3.42
N ILE A 142 1.18 -27.75 -4.47
CA ILE A 142 1.72 -27.40 -5.77
C ILE A 142 1.37 -25.93 -6.04
N TYR A 143 0.14 -25.56 -5.86
CA TYR A 143 -0.24 -24.20 -6.08
C TYR A 143 0.51 -23.23 -5.17
N GLU A 144 0.53 -23.49 -3.86
CA GLU A 144 1.25 -22.61 -2.94
C GLU A 144 2.70 -22.42 -3.39
N LEU A 145 3.48 -23.51 -3.34
CA LEU A 145 4.86 -23.44 -3.76
C LEU A 145 4.99 -22.86 -5.19
N ALA A 146 4.05 -23.17 -6.06
CA ALA A 146 4.15 -22.65 -7.43
C ALA A 146 4.02 -21.15 -7.48
N SER A 147 3.16 -20.61 -6.64
CA SER A 147 2.94 -19.18 -6.62
C SER A 147 4.07 -18.40 -5.94
N GLN A 148 5.16 -19.08 -5.61
CA GLN A 148 6.28 -18.44 -4.91
C GLN A 148 7.61 -18.80 -5.55
N SER A 149 7.57 -19.64 -6.57
CA SER A 149 8.79 -20.04 -7.21
C SER A 149 8.70 -19.51 -8.62
N HIS A 150 9.79 -19.58 -9.35
CA HIS A 150 9.76 -19.14 -10.73
C HIS A 150 9.81 -20.39 -11.57
N CYS A 151 10.63 -21.31 -11.10
CA CYS A 151 10.83 -22.59 -11.75
C CYS A 151 10.41 -23.72 -10.85
N MET A 152 9.91 -24.80 -11.45
CA MET A 152 9.52 -25.95 -10.66
C MET A 152 9.68 -27.17 -11.54
N SER A 153 10.07 -28.28 -10.91
CA SER A 153 10.23 -29.51 -11.66
C SER A 153 10.08 -30.75 -10.82
N LEU A 154 9.55 -31.76 -11.46
CA LEU A 154 9.40 -33.00 -10.79
C LEU A 154 10.82 -33.50 -10.64
N VAL A 155 11.09 -34.19 -9.55
CA VAL A 155 12.39 -34.76 -9.33
C VAL A 155 12.07 -36.25 -9.30
N ASN A 156 12.29 -36.89 -10.44
CA ASN A 156 11.92 -38.29 -10.60
C ASN A 156 12.76 -39.33 -9.90
N ALA A 157 13.85 -38.90 -9.29
CA ALA A 157 14.67 -39.86 -8.56
C ALA A 157 15.64 -39.17 -7.65
N LEU A 158 15.76 -39.64 -6.42
CA LEU A 158 16.71 -38.99 -5.54
C LEU A 158 17.62 -39.96 -4.82
N ASP A 159 18.80 -39.45 -4.50
CA ASP A 159 19.84 -40.23 -3.84
C ASP A 159 19.29 -40.83 -2.57
N LYS A 160 19.26 -42.16 -2.50
CA LYS A 160 18.74 -42.81 -1.31
C LYS A 160 19.53 -44.05 -0.93
N THR A 161 19.31 -44.59 0.26
CA THR A 161 19.99 -45.81 0.65
C THR A 161 19.04 -46.66 1.47
N ILE A 162 18.74 -47.83 0.94
CA ILE A 162 17.85 -48.76 1.60
C ILE A 162 18.64 -49.89 2.28
N PRO A 163 18.23 -50.29 3.48
CA PRO A 163 18.84 -51.34 4.30
C PRO A 163 18.77 -52.69 3.63
N LEU A 164 19.56 -53.65 4.12
CA LEU A 164 19.57 -54.97 3.51
C LEU A 164 18.47 -55.91 3.91
N GLN A 165 18.00 -55.89 5.16
CA GLN A 165 16.92 -56.82 5.54
C GLN A 165 15.72 -56.61 4.65
N VAL A 166 15.45 -55.36 4.38
CA VAL A 166 14.31 -55.06 3.54
C VAL A 166 14.56 -55.31 2.06
N THR A 167 13.52 -55.75 1.36
CA THR A 167 13.56 -56.02 -0.07
C THR A 167 12.30 -55.45 -0.75
N ALA A 168 12.45 -54.93 -1.97
CA ALA A 168 11.34 -54.33 -2.70
C ALA A 168 10.06 -55.11 -2.58
N GLY A 169 8.96 -54.39 -2.37
CA GLY A 169 7.70 -55.05 -2.21
C GLY A 169 6.68 -54.82 -3.32
N THR A 170 5.79 -55.79 -3.48
CA THR A 170 4.74 -55.71 -4.49
C THR A 170 3.41 -55.89 -3.76
N ALA A 171 2.33 -55.35 -4.29
CA ALA A 171 1.05 -55.44 -3.61
C ALA A 171 -0.11 -55.85 -4.48
N GLY A 172 -1.07 -56.51 -3.86
CA GLY A 172 -2.24 -56.95 -4.60
C GLY A 172 -3.02 -55.77 -5.12
N ASN A 173 -3.41 -54.85 -4.26
CA ASN A 173 -4.19 -53.70 -4.70
C ASN A 173 -3.44 -52.89 -5.71
N CYS A 174 -2.14 -52.81 -5.57
CA CYS A 174 -1.37 -52.03 -6.52
C CYS A 174 -1.04 -52.78 -7.80
N ASN A 175 -2.08 -53.20 -8.52
CA ASN A 175 -1.89 -54.03 -9.72
C ASN A 175 -0.87 -54.98 -9.20
N ASN A 176 0.13 -55.38 -9.94
CA ASN A 176 0.89 -56.29 -9.15
C ASN A 176 2.25 -55.91 -8.79
N SER A 177 2.35 -54.74 -8.19
CA SER A 177 3.62 -54.21 -7.76
C SER A 177 3.33 -53.09 -6.76
N PHE A 178 3.85 -51.90 -7.02
CA PHE A 178 3.58 -50.79 -6.14
C PHE A 178 3.76 -49.44 -6.78
N LEU A 179 3.46 -48.40 -6.02
CA LEU A 179 3.60 -47.06 -6.48
C LEU A 179 5.09 -46.82 -6.65
N LYS A 180 5.42 -45.78 -7.39
CA LYS A 180 6.80 -45.47 -7.56
C LYS A 180 7.23 -44.53 -6.45
N ASN A 181 6.40 -43.55 -6.04
CA ASN A 181 6.87 -42.66 -4.99
C ASN A 181 6.79 -43.30 -3.64
N PRO A 182 5.63 -43.35 -3.02
CA PRO A 182 5.89 -44.04 -1.75
C PRO A 182 6.31 -45.46 -2.22
N ALA A 183 7.56 -45.85 -1.96
CA ALA A 183 8.05 -47.14 -2.42
C ALA A 183 7.96 -48.20 -1.31
N LEU A 184 7.25 -49.27 -1.60
CA LEU A 184 7.12 -50.28 -0.59
C LEU A 184 8.37 -51.10 -0.51
N TYR A 185 8.62 -51.63 0.67
CA TYR A 185 9.80 -52.41 0.90
C TYR A 185 9.38 -53.26 2.07
N THR A 186 9.82 -54.51 2.09
CA THR A 186 9.44 -55.40 3.18
C THR A 186 10.47 -56.44 3.58
N GLN A 187 10.23 -57.05 4.73
CA GLN A 187 11.13 -58.08 5.19
C GLN A 187 10.34 -59.20 5.88
N GLU A 188 10.75 -60.43 5.64
CA GLU A 188 10.06 -61.59 6.22
C GLU A 188 10.05 -61.48 7.71
N VAL A 189 8.85 -61.51 8.26
CA VAL A 189 8.68 -61.46 9.70
C VAL A 189 7.39 -62.19 10.07
N LYS A 190 7.54 -63.18 10.96
CA LYS A 190 6.41 -63.96 11.43
C LYS A 190 6.43 -63.96 12.94
N PRO A 191 5.50 -63.22 13.54
CA PRO A 191 5.34 -63.06 14.99
C PRO A 191 5.04 -64.36 15.68
N SER A 192 4.16 -65.14 15.07
CA SER A 192 3.78 -66.44 15.58
C SER A 192 5.01 -67.21 16.00
N GLU A 193 5.91 -67.43 15.05
CA GLU A 193 7.16 -68.15 15.32
C GLU A 193 8.16 -67.23 15.97
N ASN A 194 7.63 -66.15 16.52
CA ASN A 194 8.43 -65.14 17.16
C ASN A 194 9.67 -64.69 16.38
N LYS A 195 9.45 -64.31 15.13
CA LYS A 195 10.51 -63.81 14.29
C LYS A 195 10.12 -62.44 13.79
N CYS A 196 10.55 -61.41 14.54
CA CYS A 196 10.29 -60.01 14.21
C CYS A 196 11.53 -59.50 13.53
N GLY A 197 11.37 -58.78 12.44
CA GLY A 197 12.54 -58.33 11.71
C GLY A 197 13.45 -57.37 12.43
N LYS A 198 14.24 -56.63 11.65
CA LYS A 198 15.12 -55.66 12.24
C LYS A 198 14.54 -54.29 11.90
N GLU A 199 14.15 -53.55 12.94
CA GLU A 199 13.59 -52.23 12.73
C GLU A 199 14.50 -51.56 11.71
N ASN A 200 13.92 -51.01 10.66
CA ASN A 200 14.79 -50.41 9.67
C ASN A 200 14.97 -48.93 9.73
N LEU A 201 16.13 -48.53 9.21
CA LEU A 201 16.60 -47.16 9.12
C LEU A 201 17.07 -46.99 7.69
N ALA A 202 16.55 -46.00 6.99
CA ALA A 202 16.99 -45.76 5.62
C ALA A 202 17.14 -44.27 5.43
N PHE A 203 18.05 -43.86 4.56
CA PHE A 203 18.26 -42.43 4.32
C PHE A 203 17.75 -42.06 2.96
N PHE A 204 17.71 -40.77 2.72
CA PHE A 204 17.29 -40.20 1.44
C PHE A 204 17.72 -38.70 1.38
N THR A 205 18.01 -38.22 0.20
CA THR A 205 18.53 -36.87 0.05
C THR A 205 17.82 -35.94 -0.90
N LEU A 206 17.28 -34.86 -0.37
CA LEU A 206 16.61 -33.90 -1.21
C LEU A 206 17.75 -33.04 -1.71
N PRO A 207 17.92 -32.96 -3.05
CA PRO A 207 18.97 -32.20 -3.72
C PRO A 207 18.77 -30.74 -3.72
N THR A 208 19.89 -30.04 -3.77
CA THR A 208 19.91 -28.61 -3.80
C THR A 208 19.57 -28.17 -5.22
N GLN A 209 19.89 -29.03 -6.18
CA GLN A 209 19.63 -28.70 -7.55
C GLN A 209 19.25 -29.95 -8.30
N PHE A 210 18.55 -29.79 -9.42
CA PHE A 210 18.12 -30.92 -10.26
C PHE A 210 18.19 -30.45 -11.71
N GLY A 211 19.37 -30.60 -12.31
CA GLY A 211 19.57 -30.14 -13.66
C GLY A 211 19.56 -28.62 -13.55
N THR A 212 19.10 -27.93 -14.59
CA THR A 212 19.03 -26.48 -14.57
C THR A 212 18.42 -25.99 -13.27
N TYR A 213 17.32 -26.62 -12.90
CA TYR A 213 16.55 -26.28 -11.74
C TYR A 213 17.20 -26.26 -10.38
N GLU A 214 16.97 -25.14 -9.68
CA GLU A 214 17.49 -24.91 -8.35
C GLU A 214 16.38 -25.19 -7.35
N CYS A 215 16.68 -26.00 -6.36
CA CYS A 215 15.69 -26.38 -5.40
C CYS A 215 15.89 -25.73 -4.09
N LYS A 216 15.02 -24.80 -3.74
CA LYS A 216 15.14 -24.13 -2.46
C LYS A 216 14.20 -24.81 -1.48
N LEU A 217 13.22 -25.49 -2.05
CA LEU A 217 12.21 -26.16 -1.28
C LEU A 217 11.60 -27.38 -1.98
N HIS A 218 11.51 -28.49 -1.27
CA HIS A 218 10.98 -29.73 -1.85
C HIS A 218 9.62 -30.12 -1.31
N LEU A 219 8.75 -30.60 -2.18
CA LEU A 219 7.44 -31.08 -1.76
C LEU A 219 7.52 -32.61 -1.81
N VAL A 220 7.58 -33.23 -0.63
CA VAL A 220 7.64 -34.67 -0.64
C VAL A 220 6.42 -35.22 0.08
N ALA A 221 6.13 -36.48 -0.17
CA ALA A 221 5.00 -37.11 0.45
C ALA A 221 5.42 -38.07 1.53
N SER A 222 5.02 -37.77 2.76
CA SER A 222 5.32 -38.65 3.88
C SER A 222 4.12 -39.58 4.03
N CYS A 223 4.33 -40.87 3.82
CA CYS A 223 3.23 -41.83 3.92
C CYS A 223 3.44 -42.87 5.02
N TYR A 224 2.34 -43.50 5.46
CA TYR A 224 2.41 -44.55 6.48
C TYR A 224 1.13 -45.38 6.47
N PHE A 225 1.21 -46.55 7.08
CA PHE A 225 0.06 -47.44 7.15
C PHE A 225 -0.76 -47.20 8.40
N ILE A 226 -2.06 -47.10 8.20
CA ILE A 226 -2.96 -46.89 9.32
C ILE A 226 -3.64 -48.20 9.68
N TYR A 227 -3.28 -48.74 10.83
CA TYR A 227 -3.86 -50.00 11.25
C TYR A 227 -5.02 -49.75 12.17
N ASP A 228 -5.99 -50.66 12.19
CA ASP A 228 -7.17 -50.55 13.08
C ASP A 228 -6.76 -50.67 14.56
N SER A 229 -5.79 -51.52 14.88
CA SER A 229 -5.38 -51.71 16.26
C SER A 229 -4.17 -52.61 16.41
N LYS A 230 -3.58 -52.60 17.59
CA LYS A 230 -2.40 -53.41 17.84
C LYS A 230 -2.51 -54.83 17.32
N GLU A 231 -3.31 -55.65 18.00
CA GLU A 231 -3.56 -57.05 17.66
C GLU A 231 -3.73 -57.21 16.17
N VAL A 232 -4.52 -56.35 15.55
CA VAL A 232 -4.66 -56.44 14.12
C VAL A 232 -3.28 -56.21 13.52
N TYR A 233 -2.62 -55.13 13.90
CA TYR A 233 -1.29 -54.91 13.37
C TYR A 233 -0.43 -56.13 13.75
N ASN A 234 -0.50 -56.54 15.01
CA ASN A 234 0.23 -57.69 15.51
C ASN A 234 -0.09 -58.98 14.79
N LYS A 235 -1.04 -58.94 13.87
CA LYS A 235 -1.37 -60.15 13.15
C LYS A 235 -0.15 -60.40 12.29
N ARG A 236 0.25 -59.41 11.49
CA ARG A 236 1.40 -59.57 10.60
C ARG A 236 2.66 -58.83 11.10
N GLY A 237 2.50 -57.97 12.10
CA GLY A 237 3.63 -57.23 12.62
C GLY A 237 3.99 -57.57 14.04
N CYS A 238 5.23 -57.29 14.45
CA CYS A 238 5.63 -57.67 15.79
C CYS A 238 5.40 -56.80 17.03
N ASP A 239 5.69 -55.51 17.01
CA ASP A 239 5.41 -54.81 18.26
C ASP A 239 4.35 -53.76 18.10
N ASN A 240 4.75 -52.57 17.68
CA ASN A 240 3.80 -51.53 17.47
C ASN A 240 4.22 -50.84 16.22
N TYR A 241 3.28 -50.59 15.33
CA TYR A 241 3.61 -49.97 14.06
C TYR A 241 4.16 -48.60 14.22
N PHE A 242 4.97 -48.17 13.25
CA PHE A 242 5.54 -46.82 13.25
C PHE A 242 6.42 -46.58 12.05
N GLN A 243 6.38 -45.34 11.57
CA GLN A 243 7.18 -44.87 10.44
C GLN A 243 7.40 -43.40 10.75
N VAL A 244 8.66 -42.99 10.79
CA VAL A 244 8.97 -41.61 11.13
C VAL A 244 10.10 -41.04 10.30
N ILE A 245 9.98 -39.78 9.90
CA ILE A 245 11.06 -39.16 9.15
C ILE A 245 11.74 -38.11 10.01
N TYR A 246 13.01 -38.33 10.25
CA TYR A 246 13.81 -37.43 11.05
C TYR A 246 14.62 -36.61 10.10
N ASP A 247 15.13 -35.48 10.60
CA ASP A 247 15.95 -34.60 9.77
C ASP A 247 17.41 -34.81 10.10
N SER A 248 18.32 -33.96 9.60
CA SER A 248 19.77 -34.11 9.85
C SER A 248 20.05 -34.46 11.32
N PHE A 249 19.48 -33.68 12.23
CA PHE A 249 19.64 -34.07 13.59
C PHE A 249 18.40 -34.92 13.76
N GLY A 250 18.25 -35.63 14.88
CA GLY A 250 17.05 -36.43 15.06
C GLY A 250 15.69 -35.73 15.12
N LYS A 251 15.58 -34.50 14.63
CA LYS A 251 14.29 -33.80 14.65
C LYS A 251 13.34 -34.59 13.78
N VAL A 252 12.08 -34.68 14.16
CA VAL A 252 11.19 -35.43 13.31
C VAL A 252 10.46 -34.44 12.42
N VAL A 253 10.22 -34.82 11.20
CA VAL A 253 9.59 -33.88 10.32
C VAL A 253 8.30 -34.48 9.83
N GLY A 254 8.09 -35.75 10.16
CA GLY A 254 6.86 -36.42 9.76
C GLY A 254 6.70 -37.91 10.02
N GLY A 255 5.49 -38.39 9.77
CA GLY A 255 5.21 -39.81 9.95
C GLY A 255 4.12 -40.19 10.96
N LEU A 256 4.17 -41.43 11.42
CA LEU A 256 3.20 -41.90 12.39
C LEU A 256 3.84 -42.88 13.37
N ASP A 257 3.71 -42.60 14.66
CA ASP A 257 4.33 -43.49 15.64
C ASP A 257 3.30 -44.02 16.56
N ASN A 258 2.90 -45.26 16.27
CA ASN A 258 1.87 -45.94 17.06
C ASN A 258 2.42 -46.40 18.37
N ARG A 259 3.68 -46.06 18.67
CA ARG A 259 4.20 -46.42 19.96
C ARG A 259 3.81 -45.30 20.93
N VAL A 260 3.19 -44.21 20.44
CA VAL A 260 2.79 -43.12 21.35
C VAL A 260 1.46 -42.54 20.94
N SER A 261 1.06 -42.78 19.69
CA SER A 261 -0.21 -42.26 19.24
C SER A 261 -1.07 -43.48 19.10
N PRO A 262 -2.39 -43.32 19.26
CA PRO A 262 -3.32 -44.45 19.16
C PRO A 262 -3.57 -44.87 17.74
N TYR A 263 -4.02 -46.11 17.61
CA TYR A 263 -4.33 -46.71 16.32
C TYR A 263 -5.69 -46.14 15.96
N THR A 264 -5.87 -45.75 14.71
CA THR A 264 -7.12 -45.16 14.32
C THR A 264 -7.73 -45.73 13.05
N GLY A 265 -7.31 -46.91 12.65
CA GLY A 265 -7.85 -47.46 11.42
C GLY A 265 -9.23 -48.06 11.54
N ASN A 266 -9.84 -48.31 10.38
CA ASN A 266 -11.16 -48.92 10.32
C ASN A 266 -11.32 -49.47 8.89
N SER A 267 -10.43 -50.37 8.53
CA SER A 267 -10.44 -50.98 7.21
C SER A 267 -10.23 -52.48 7.47
N GLY A 268 -10.54 -52.87 8.68
CA GLY A 268 -10.36 -54.25 8.99
C GLY A 268 -8.91 -54.69 8.95
N ASP A 269 -8.73 -55.97 8.63
CA ASP A 269 -7.45 -56.63 8.64
C ASP A 269 -6.33 -56.02 7.82
N THR A 270 -6.64 -55.31 6.75
CA THR A 270 -5.51 -54.73 6.04
C THR A 270 -5.49 -53.21 6.28
N PRO A 271 -4.28 -52.60 6.35
CA PRO A 271 -4.13 -51.16 6.61
C PRO A 271 -4.60 -50.30 5.52
N THR A 272 -4.48 -49.02 5.76
CA THR A 272 -4.85 -48.00 4.77
C THR A 272 -3.64 -47.05 4.74
N MET A 273 -3.31 -46.58 3.55
CA MET A 273 -2.16 -45.74 3.45
C MET A 273 -2.56 -44.31 3.52
N GLN A 274 -1.76 -43.55 4.25
CA GLN A 274 -1.99 -42.13 4.42
C GLN A 274 -0.76 -41.42 3.97
N CYS A 275 -0.96 -40.41 3.14
CA CYS A 275 0.14 -39.65 2.60
C CYS A 275 0.07 -38.18 2.94
N ASP A 276 0.99 -37.71 3.77
CA ASP A 276 1.00 -36.30 4.15
C ASP A 276 1.90 -35.48 3.21
N MET A 277 1.53 -34.23 2.95
CA MET A 277 2.36 -33.39 2.10
C MET A 277 3.34 -32.68 3.02
N LEU A 278 4.61 -32.75 2.69
CA LEU A 278 5.62 -32.14 3.54
C LEU A 278 6.45 -31.21 2.68
N GLN A 279 6.89 -30.09 3.23
CA GLN A 279 7.75 -29.16 2.48
C GLN A 279 9.08 -29.29 3.17
N LEU A 280 10.11 -29.72 2.47
CA LEU A 280 11.38 -29.91 3.14
C LEU A 280 12.49 -29.14 2.47
N LYS A 281 13.36 -28.54 3.27
CA LYS A 281 14.50 -27.82 2.71
C LYS A 281 15.39 -28.93 2.20
N PRO A 282 16.31 -28.62 1.29
CA PRO A 282 17.16 -29.72 0.81
C PRO A 282 18.10 -30.24 1.85
N GLY A 283 18.38 -31.54 1.78
CA GLY A 283 19.29 -32.15 2.73
C GLY A 283 19.20 -33.68 2.80
N ARG A 284 19.87 -34.22 3.81
CA ARG A 284 19.89 -35.66 4.02
C ARG A 284 18.91 -36.06 5.13
N TYR A 285 17.80 -36.69 4.77
CA TYR A 285 16.83 -37.14 5.76
C TYR A 285 16.90 -38.65 5.97
N SER A 286 16.34 -39.11 7.08
CA SER A 286 16.34 -40.55 7.33
C SER A 286 14.95 -40.92 7.79
N VAL A 287 14.64 -42.20 7.64
CA VAL A 287 13.36 -42.71 8.09
C VAL A 287 13.59 -44.01 8.83
N ARG A 288 12.75 -44.23 9.82
CA ARG A 288 12.84 -45.40 10.65
C ARG A 288 11.45 -46.00 10.67
N SER A 289 11.36 -47.32 10.67
CA SER A 289 10.04 -47.93 10.68
C SER A 289 10.08 -49.34 11.21
N SER A 290 8.90 -49.85 11.56
CA SER A 290 8.76 -51.19 12.09
C SER A 290 9.27 -52.09 11.00
N PRO A 291 9.93 -53.18 11.37
CA PRO A 291 10.50 -54.12 10.43
C PRO A 291 9.71 -54.46 9.18
N ARG A 292 8.55 -55.07 9.31
CA ARG A 292 7.80 -55.47 8.13
C ARG A 292 7.68 -54.56 6.91
N PHE A 293 7.24 -53.32 7.10
CA PHE A 293 7.07 -52.43 5.96
C PHE A 293 7.89 -51.16 6.06
N LEU A 294 8.30 -50.65 4.90
CA LEU A 294 9.01 -49.40 4.84
C LEU A 294 8.52 -48.69 3.59
N LEU A 295 7.91 -47.53 3.77
CA LEU A 295 7.40 -46.75 2.65
C LEU A 295 8.38 -45.58 2.43
N MET A 296 9.43 -45.83 1.65
CA MET A 296 10.48 -44.86 1.39
C MET A 296 10.12 -43.81 0.35
N PRO A 297 10.26 -42.52 0.69
CA PRO A 297 9.94 -41.46 -0.28
C PRO A 297 11.03 -41.47 -1.33
N GLU A 298 10.68 -41.41 -2.60
CA GLU A 298 11.71 -41.47 -3.63
C GLU A 298 11.49 -40.54 -4.80
N ARG A 299 10.79 -39.46 -4.55
CA ARG A 299 10.50 -38.52 -5.60
C ARG A 299 9.96 -37.26 -4.96
N SER A 300 9.86 -36.19 -5.74
CA SER A 300 9.35 -34.93 -5.21
C SER A 300 9.27 -33.86 -6.26
N TYR A 301 8.64 -32.76 -5.91
CA TYR A 301 8.59 -31.63 -6.80
C TYR A 301 9.51 -30.64 -6.14
N CYS A 302 10.35 -30.03 -6.95
CA CYS A 302 11.33 -29.10 -6.43
C CYS A 302 11.05 -27.69 -6.91
N PHE A 303 11.03 -26.77 -5.94
CA PHE A 303 10.79 -25.36 -6.23
C PHE A 303 11.92 -24.46 -5.71
N ASP A 304 12.34 -23.51 -6.55
CA ASP A 304 13.33 -22.52 -6.12
C ASP A 304 12.31 -21.62 -5.45
N MET A 305 12.69 -20.61 -4.71
CA MET A 305 11.59 -19.83 -4.18
C MET A 305 11.79 -18.44 -4.69
N LYS A 306 12.57 -18.38 -5.77
CA LYS A 306 12.97 -17.15 -6.44
C LYS A 306 11.99 -15.97 -6.44
N GLU A 307 10.77 -16.14 -6.93
CA GLU A 307 9.85 -15.00 -6.95
C GLU A 307 8.37 -15.33 -6.91
N LYS A 308 7.57 -14.34 -6.51
CA LYS A 308 6.13 -14.52 -6.41
C LYS A 308 5.48 -14.40 -7.79
N GLY A 309 4.30 -14.97 -7.95
CA GLY A 309 3.64 -14.90 -9.25
C GLY A 309 2.22 -15.44 -9.21
N PRO A 310 1.41 -15.12 -10.23
CA PRO A 310 0.04 -15.60 -10.26
C PRO A 310 -0.03 -17.06 -10.70
N VAL A 311 -1.17 -17.68 -10.40
CA VAL A 311 -1.42 -19.06 -10.76
C VAL A 311 -2.86 -19.28 -11.16
N THR A 312 -3.05 -19.80 -12.36
CA THR A 312 -4.40 -20.07 -12.80
C THR A 312 -4.55 -21.59 -12.79
N ALA A 313 -5.67 -22.06 -12.29
CA ALA A 313 -5.92 -23.49 -12.25
C ALA A 313 -7.27 -23.74 -12.91
N VAL A 314 -7.26 -24.56 -13.95
CA VAL A 314 -8.48 -24.85 -14.67
C VAL A 314 -9.07 -26.13 -14.12
N GLN A 315 -10.38 -26.18 -13.90
CA GLN A 315 -10.97 -27.41 -13.39
C GLN A 315 -10.87 -28.57 -14.38
N SER A 316 -10.53 -29.75 -13.85
CA SER A 316 -10.36 -30.96 -14.68
C SER A 316 -11.34 -32.10 -14.40
N ILE A 317 -12.32 -32.27 -15.29
CA ILE A 317 -13.27 -33.35 -15.11
C ILE A 317 -13.56 -34.12 -16.35
N TRP A 318 -14.25 -35.22 -16.15
CA TRP A 318 -14.60 -36.09 -17.24
C TRP A 318 -15.89 -35.66 -17.85
N GLY A 319 -16.14 -36.11 -19.08
CA GLY A 319 -17.40 -35.82 -19.72
C GLY A 319 -18.28 -36.77 -18.92
N LYS A 320 -19.59 -36.80 -19.17
CA LYS A 320 -20.40 -37.74 -18.39
C LYS A 320 -20.01 -39.17 -18.73
N GLY A 321 -20.16 -40.03 -17.72
CA GLY A 321 -19.81 -41.42 -17.90
C GLY A 321 -18.96 -41.86 -16.72
N ARG A 322 -17.81 -41.20 -16.55
CA ARG A 322 -16.86 -41.49 -15.47
C ARG A 322 -16.94 -40.48 -14.31
N GLU A 323 -16.59 -40.93 -13.12
CA GLU A 323 -16.66 -40.10 -11.91
C GLU A 323 -15.53 -39.09 -11.82
N SER A 324 -15.87 -37.82 -11.58
CA SER A 324 -14.82 -36.80 -11.45
C SER A 324 -14.68 -36.28 -10.00
N ASP A 325 -13.84 -35.26 -9.79
CA ASP A 325 -13.63 -34.68 -8.46
C ASP A 325 -13.30 -33.17 -8.43
N TYR A 326 -13.52 -32.55 -7.28
CA TYR A 326 -13.26 -31.13 -7.19
C TYR A 326 -12.09 -30.70 -6.34
N ALA A 327 -11.16 -31.64 -6.16
CA ALA A 327 -9.95 -31.40 -5.38
C ALA A 327 -9.32 -30.11 -5.88
N VAL A 328 -9.09 -30.05 -7.18
CA VAL A 328 -8.50 -28.85 -7.78
C VAL A 328 -9.25 -27.62 -7.32
N ASP A 329 -10.53 -27.58 -7.67
CA ASP A 329 -11.37 -26.47 -7.31
C ASP A 329 -11.14 -26.12 -5.86
N GLN A 330 -11.42 -27.08 -5.02
CA GLN A 330 -11.27 -26.84 -3.62
C GLN A 330 -9.92 -26.21 -3.35
N ALA A 331 -8.87 -26.89 -3.78
CA ALA A 331 -7.53 -26.41 -3.53
C ALA A 331 -7.29 -25.00 -4.05
N CYS A 332 -7.56 -24.74 -5.31
CA CYS A 332 -7.34 -23.36 -5.79
C CYS A 332 -8.02 -22.37 -4.84
N LEU A 333 -9.32 -22.51 -4.67
CA LEU A 333 -10.03 -21.59 -3.83
C LEU A 333 -9.52 -21.49 -2.40
N SER A 334 -8.69 -22.42 -1.99
CA SER A 334 -8.23 -22.36 -0.61
C SER A 334 -6.78 -21.96 -0.51
N THR A 335 -6.26 -21.31 -1.55
CA THR A 335 -4.87 -20.88 -1.47
C THR A 335 -4.73 -19.54 -2.16
N PRO A 336 -4.01 -18.59 -1.51
CA PRO A 336 -3.78 -17.24 -2.02
C PRO A 336 -2.89 -17.26 -3.23
N GLY A 337 -3.27 -16.54 -4.27
CA GLY A 337 -2.45 -16.55 -5.45
C GLY A 337 -3.00 -17.31 -6.64
N CYS A 338 -3.82 -18.34 -6.44
CA CYS A 338 -4.34 -18.97 -7.66
C CYS A 338 -5.78 -18.59 -7.93
N MET A 339 -6.09 -18.54 -9.23
CA MET A 339 -7.41 -18.22 -9.72
C MET A 339 -7.99 -19.48 -10.37
N LEU A 340 -9.17 -19.88 -9.91
CA LEU A 340 -9.83 -21.06 -10.42
C LEU A 340 -10.75 -20.79 -11.58
N ILE A 341 -10.70 -21.65 -12.60
CA ILE A 341 -11.57 -21.51 -13.77
C ILE A 341 -12.51 -22.69 -13.77
N GLN A 342 -13.82 -22.44 -13.72
CA GLN A 342 -14.76 -23.57 -13.76
C GLN A 342 -15.87 -23.43 -14.78
N LYS A 343 -16.37 -24.58 -15.22
CA LYS A 343 -17.44 -24.66 -16.20
C LYS A 343 -18.78 -24.65 -15.52
N GLN A 344 -19.77 -24.05 -16.19
CA GLN A 344 -21.12 -24.00 -15.68
C GLN A 344 -21.85 -25.20 -16.26
N LYS A 345 -21.66 -25.44 -17.55
CA LYS A 345 -22.30 -26.57 -18.20
C LYS A 345 -21.34 -27.76 -18.11
N PRO A 346 -21.84 -28.98 -18.37
CA PRO A 346 -21.00 -30.17 -18.31
C PRO A 346 -20.02 -30.30 -19.47
N TYR A 347 -19.25 -31.37 -19.46
CA TYR A 347 -18.27 -31.62 -20.51
C TYR A 347 -18.85 -32.51 -21.64
N ILE A 348 -18.66 -32.10 -22.88
CA ILE A 348 -19.11 -32.87 -24.04
C ILE A 348 -18.06 -32.54 -25.10
N GLY A 349 -17.18 -33.49 -25.38
CA GLY A 349 -16.11 -33.25 -26.31
C GLY A 349 -16.38 -33.53 -27.76
N GLU A 350 -15.62 -32.85 -28.61
CA GLU A 350 -15.74 -32.99 -30.06
C GLU A 350 -15.01 -34.27 -30.51
N ALA A 351 -13.72 -34.40 -30.19
CA ALA A 351 -12.98 -35.59 -30.58
C ALA A 351 -13.75 -36.80 -30.12
N ASP A 352 -14.13 -36.79 -28.85
CA ASP A 352 -14.91 -37.86 -28.25
C ASP A 352 -15.60 -37.25 -27.04
N ASP A 353 -16.33 -38.06 -26.28
CA ASP A 353 -17.04 -37.52 -25.13
C ASP A 353 -16.24 -36.73 -24.10
N HIS A 354 -14.93 -36.94 -24.05
CA HIS A 354 -14.11 -36.28 -23.05
C HIS A 354 -13.06 -35.27 -23.51
N HIS A 355 -13.06 -34.89 -24.78
CA HIS A 355 -12.06 -33.94 -25.25
C HIS A 355 -12.60 -32.88 -26.20
N GLY A 356 -12.32 -31.61 -25.92
CA GLY A 356 -12.76 -30.52 -26.77
C GLY A 356 -14.15 -29.98 -26.47
N ASP A 357 -14.36 -29.50 -25.24
CA ASP A 357 -15.66 -28.97 -24.86
C ASP A 357 -15.69 -27.48 -25.19
N GLN A 358 -16.80 -27.05 -25.79
CA GLN A 358 -16.98 -25.65 -26.18
C GLN A 358 -16.74 -24.67 -25.05
N GLU A 359 -17.57 -24.73 -24.01
CA GLU A 359 -17.40 -23.82 -22.89
C GLU A 359 -15.91 -23.64 -22.53
N MET A 360 -15.25 -24.72 -22.13
CA MET A 360 -13.85 -24.65 -21.76
C MET A 360 -13.06 -23.87 -22.76
N ARG A 361 -13.33 -24.10 -24.04
CA ARG A 361 -12.59 -23.41 -25.09
C ARG A 361 -12.75 -21.90 -25.03
N GLU A 362 -13.99 -21.42 -24.97
CA GLU A 362 -14.20 -19.98 -24.92
C GLU A 362 -13.79 -19.48 -23.56
N LEU A 363 -13.44 -20.41 -22.67
CA LEU A 363 -13.02 -20.02 -21.34
C LEU A 363 -11.52 -19.74 -21.37
N LEU A 364 -10.78 -20.70 -21.91
CA LEU A 364 -9.33 -20.60 -22.02
C LEU A 364 -8.87 -19.86 -23.30
N SER A 365 -9.80 -19.17 -23.97
CA SER A 365 -9.43 -18.43 -25.18
C SER A 365 -8.58 -17.22 -24.82
N GLY A 366 -8.86 -16.64 -23.66
CA GLY A 366 -8.12 -15.50 -23.22
C GLY A 366 -6.62 -15.73 -23.19
N LEU A 367 -6.20 -16.97 -22.98
CA LEU A 367 -4.77 -17.26 -22.94
C LEU A 367 -4.04 -16.80 -24.20
N ASP A 368 -4.80 -16.35 -25.20
CA ASP A 368 -4.19 -15.92 -26.44
C ASP A 368 -3.98 -14.44 -26.51
N TYR A 369 -4.67 -13.69 -25.66
CA TYR A 369 -4.50 -12.24 -25.68
C TYR A 369 -3.82 -11.73 -24.41
N GLU A 370 -3.47 -10.46 -24.42
CA GLU A 370 -2.81 -9.83 -23.28
C GLU A 370 -3.85 -8.97 -22.59
N ALA A 371 -4.15 -9.30 -21.34
CA ALA A 371 -5.14 -8.57 -20.58
C ALA A 371 -4.52 -7.43 -19.82
N ARG A 372 -5.37 -6.49 -19.38
CA ARG A 372 -4.91 -5.33 -18.62
C ARG A 372 -4.96 -5.73 -17.15
N CYS A 373 -5.80 -6.71 -16.89
CA CYS A 373 -5.97 -7.21 -15.55
C CYS A 373 -6.66 -8.59 -15.55
N ILE A 374 -6.31 -9.40 -14.56
CA ILE A 374 -6.90 -10.71 -14.42
C ILE A 374 -7.28 -10.88 -12.96
N SER A 375 -8.47 -11.40 -12.73
CA SER A 375 -8.98 -11.58 -11.37
C SER A 375 -9.72 -12.88 -11.28
N GLN A 376 -10.08 -13.22 -10.05
CA GLN A 376 -10.84 -14.41 -9.81
C GLN A 376 -12.26 -14.13 -10.30
N SER A 377 -12.50 -12.89 -10.69
CA SER A 377 -13.81 -12.55 -11.18
C SER A 377 -13.83 -12.51 -12.71
N GLY A 378 -12.68 -12.73 -13.33
CA GLY A 378 -12.61 -12.73 -14.78
C GLY A 378 -11.52 -11.78 -15.20
N TRP A 379 -11.35 -11.58 -16.51
CA TRP A 379 -10.32 -10.67 -17.01
C TRP A 379 -10.89 -9.58 -17.89
N VAL A 380 -10.10 -8.57 -18.14
CA VAL A 380 -10.55 -7.47 -18.95
C VAL A 380 -9.38 -6.92 -19.74
N ASN A 381 -9.58 -6.68 -21.03
CA ASN A 381 -8.50 -6.13 -21.82
C ASN A 381 -8.85 -4.73 -22.27
N GLU A 382 -10.05 -4.26 -21.91
CA GLU A 382 -10.51 -2.91 -22.24
C GLU A 382 -9.75 -1.90 -21.39
N THR A 383 -10.12 -0.62 -21.46
CA THR A 383 -9.33 0.36 -20.73
C THR A 383 -9.96 1.28 -19.67
N SER A 384 -11.28 1.34 -19.59
CA SER A 384 -11.88 2.20 -18.58
C SER A 384 -11.46 1.80 -17.18
N PRO A 385 -11.42 2.75 -16.24
CA PRO A 385 -11.04 2.46 -14.87
C PRO A 385 -12.22 2.06 -13.98
N PHE A 386 -13.38 1.76 -14.54
CA PHE A 386 -14.48 1.37 -13.66
C PHE A 386 -15.26 0.16 -14.14
N THR A 387 -15.91 -0.50 -13.19
CA THR A 387 -16.70 -1.69 -13.48
C THR A 387 -17.90 -1.74 -12.53
N GLU A 388 -18.94 -2.44 -12.95
CA GLU A 388 -20.19 -2.58 -12.22
C GLU A 388 -20.07 -3.33 -10.91
N LYS A 389 -19.43 -4.49 -10.95
CA LYS A 389 -19.26 -5.30 -9.75
C LYS A 389 -17.78 -5.48 -9.42
N TYR A 390 -17.53 -5.58 -8.11
CA TYR A 390 -16.19 -5.75 -7.51
C TYR A 390 -15.45 -6.99 -7.99
N LEU A 391 -14.31 -6.79 -8.64
CA LEU A 391 -13.54 -7.90 -9.15
C LEU A 391 -13.02 -8.75 -8.01
N LEU A 392 -12.99 -10.07 -8.21
CA LEU A 392 -12.57 -10.96 -7.14
C LEU A 392 -11.09 -11.21 -6.83
N PRO A 393 -10.74 -11.02 -5.55
CA PRO A 393 -9.50 -11.13 -4.83
C PRO A 393 -8.28 -11.56 -5.55
N PRO A 394 -8.13 -12.86 -5.84
CA PRO A 394 -6.83 -13.00 -6.52
C PRO A 394 -6.90 -12.31 -7.88
N LYS A 395 -6.24 -11.16 -7.96
CA LYS A 395 -6.27 -10.39 -9.17
C LYS A 395 -4.96 -9.66 -9.33
N PHE A 396 -4.52 -9.55 -10.58
CA PHE A 396 -3.26 -8.90 -10.86
C PHE A 396 -3.35 -7.95 -12.03
N GLY A 397 -2.60 -6.85 -11.95
CA GLY A 397 -2.58 -5.89 -13.03
C GLY A 397 -3.28 -4.60 -12.67
N ARG A 398 -3.75 -3.89 -13.69
CA ARG A 398 -4.44 -2.61 -13.51
C ARG A 398 -5.97 -2.82 -13.50
N CYS A 399 -6.47 -3.45 -12.44
CA CYS A 399 -7.89 -3.74 -12.34
C CYS A 399 -8.77 -2.54 -12.06
N PRO A 400 -9.87 -2.45 -12.80
CA PRO A 400 -10.84 -1.37 -12.66
C PRO A 400 -11.50 -1.47 -11.33
N LEU A 401 -12.09 -0.36 -10.93
CA LEU A 401 -12.78 -0.30 -9.66
C LEU A 401 -14.29 -0.29 -9.83
N ALA A 402 -14.96 -0.70 -8.76
CA ALA A 402 -16.41 -0.75 -8.75
C ALA A 402 -17.02 0.64 -8.59
N ALA A 403 -18.08 0.92 -9.35
CA ALA A 403 -18.77 2.21 -9.27
C ALA A 403 -20.11 2.16 -9.97
N LYS A 404 -21.11 2.76 -9.34
CA LYS A 404 -22.45 2.80 -9.92
C LYS A 404 -22.42 3.59 -11.22
N GLU A 405 -23.09 3.07 -12.26
CA GLU A 405 -23.14 3.72 -13.55
C GLU A 405 -23.42 5.20 -13.39
N GLU A 406 -24.43 5.52 -12.61
CA GLU A 406 -24.80 6.92 -12.39
C GLU A 406 -23.62 7.75 -11.89
N SER A 407 -23.10 7.37 -10.73
CA SER A 407 -21.98 8.08 -10.11
C SER A 407 -20.78 8.49 -10.98
N ILE A 408 -20.60 7.89 -12.16
CA ILE A 408 -19.48 8.34 -12.98
C ILE A 408 -19.83 9.71 -13.63
N PRO A 409 -18.83 10.59 -13.77
CA PRO A 409 -18.97 11.92 -14.34
C PRO A 409 -19.50 11.99 -15.78
N LYS A 410 -20.20 13.09 -16.07
CA LYS A 410 -20.79 13.33 -17.39
C LYS A 410 -20.24 14.50 -18.20
N ILE A 411 -20.10 14.23 -19.49
CA ILE A 411 -19.61 15.20 -20.45
C ILE A 411 -20.72 15.79 -21.28
N PRO A 412 -20.74 17.11 -21.38
CA PRO A 412 -21.77 17.80 -22.16
C PRO A 412 -21.66 17.41 -23.64
N ASP A 413 -22.82 17.33 -24.29
CA ASP A 413 -22.86 16.98 -25.70
C ASP A 413 -24.03 17.56 -26.50
N GLY A 414 -23.80 17.77 -27.80
CA GLY A 414 -24.84 18.31 -28.65
C GLY A 414 -24.70 19.81 -28.83
N LEU A 415 -25.68 20.55 -28.35
CA LEU A 415 -25.62 21.99 -28.47
C LEU A 415 -25.08 22.53 -27.17
N LEU A 416 -24.05 23.36 -27.25
CA LEU A 416 -23.46 23.93 -26.06
C LEU A 416 -23.67 25.42 -26.02
N ILE A 417 -24.10 25.94 -24.89
CA ILE A 417 -24.29 27.37 -24.80
C ILE A 417 -23.57 27.79 -23.54
N PRO A 418 -22.54 28.62 -23.68
CA PRO A 418 -21.79 29.06 -22.50
C PRO A 418 -22.60 30.01 -21.61
N THR A 419 -22.55 29.77 -20.30
CA THR A 419 -23.25 30.64 -19.36
C THR A 419 -22.22 31.67 -18.93
N SER A 420 -22.67 32.86 -18.56
CA SER A 420 -21.72 33.87 -18.14
C SER A 420 -21.50 33.80 -16.64
N GLY A 421 -21.66 34.95 -15.98
CA GLY A 421 -21.47 35.03 -14.55
C GLY A 421 -22.61 34.50 -13.70
N THR A 422 -23.07 35.34 -12.77
CA THR A 422 -24.11 34.98 -11.84
C THR A 422 -25.54 34.90 -12.39
N ASP A 423 -26.32 35.96 -12.16
CA ASP A 423 -27.70 36.00 -12.62
C ASP A 423 -27.81 36.14 -14.14
N THR A 424 -26.69 35.83 -14.82
CA THR A 424 -26.61 35.86 -16.28
C THR A 424 -27.85 35.21 -16.87
N THR A 425 -28.20 34.05 -16.32
CA THR A 425 -29.36 33.28 -16.74
C THR A 425 -30.66 33.91 -16.23
N VAL A 426 -31.41 34.50 -17.17
CA VAL A 426 -32.68 35.11 -16.83
C VAL A 426 -33.77 34.50 -17.71
N THR A 427 -34.86 34.11 -17.06
CA THR A 427 -36.01 33.49 -17.72
C THR A 427 -37.06 34.53 -18.11
N ILE B 4 -29.94 42.39 -17.59
CA ILE B 4 -30.24 41.96 -18.97
C ILE B 4 -30.85 43.00 -19.95
N ASP B 5 -30.71 42.72 -21.26
CA ASP B 5 -31.20 43.60 -22.33
C ASP B 5 -32.65 43.33 -22.76
N ASP B 6 -33.60 44.03 -22.15
CA ASP B 6 -35.03 43.92 -22.44
C ASP B 6 -35.49 42.48 -22.68
N LEU B 7 -36.08 42.26 -23.86
CA LEU B 7 -36.54 40.93 -24.21
C LEU B 7 -35.45 40.19 -25.00
N ILE B 8 -34.57 40.96 -25.64
CA ILE B 8 -33.45 40.43 -26.41
C ILE B 8 -32.13 40.98 -25.88
N ILE B 9 -31.34 40.07 -25.31
CA ILE B 9 -30.08 40.41 -24.72
C ILE B 9 -28.91 40.07 -25.63
N GLY B 10 -27.72 40.46 -25.17
CA GLY B 10 -26.48 40.27 -25.92
C GLY B 10 -25.78 38.94 -25.75
N VAL B 11 -24.52 38.91 -26.15
CA VAL B 11 -23.71 37.70 -26.07
C VAL B 11 -23.19 37.53 -24.64
N LEU B 12 -23.73 38.34 -23.74
CA LEU B 12 -23.32 38.30 -22.36
C LEU B 12 -24.21 37.42 -21.50
N PHE B 13 -25.50 37.46 -21.77
CA PHE B 13 -26.49 36.67 -21.02
C PHE B 13 -27.08 35.54 -21.86
N VAL B 14 -27.93 34.73 -21.23
CA VAL B 14 -28.57 33.64 -21.93
C VAL B 14 -30.03 33.49 -21.49
N ALA B 15 -30.88 33.52 -22.51
CA ALA B 15 -32.31 33.43 -22.34
C ALA B 15 -32.74 32.05 -21.94
N ILE B 16 -33.56 31.98 -20.90
CA ILE B 16 -34.06 30.70 -20.44
C ILE B 16 -35.56 30.62 -20.72
N VAL B 17 -35.93 29.92 -21.78
CA VAL B 17 -37.34 29.79 -22.16
C VAL B 17 -37.81 28.34 -22.20
N GLU B 18 -37.96 27.79 -21.00
CA GLU B 18 -38.38 26.42 -20.76
C GLU B 18 -39.11 25.72 -21.91
N THR B 19 -39.88 26.45 -22.69
CA THR B 19 -40.62 25.82 -23.77
C THR B 19 -40.42 26.40 -25.16
N GLY B 20 -39.59 27.43 -25.26
CA GLY B 20 -39.37 28.06 -26.55
C GLY B 20 -38.27 27.38 -27.34
N ILE B 21 -37.87 28.00 -28.46
CA ILE B 21 -36.80 27.46 -29.30
C ILE B 21 -35.53 27.50 -28.48
N GLY B 22 -34.49 26.82 -28.97
CA GLY B 22 -33.24 26.81 -28.22
C GLY B 22 -32.04 26.80 -29.12
N GLY B 23 -30.99 27.50 -28.70
CA GLY B 23 -29.76 27.54 -29.48
C GLY B 23 -29.19 28.92 -29.66
N TYR B 24 -28.39 29.05 -30.70
CA TYR B 24 -27.81 30.33 -31.00
C TYR B 24 -28.75 30.90 -32.04
N LEU B 25 -29.13 32.17 -31.87
CA LEU B 25 -30.01 32.80 -32.85
C LEU B 25 -29.95 34.32 -32.85
N LEU B 26 -30.58 34.91 -33.87
CA LEU B 26 -30.63 36.35 -34.05
C LEU B 26 -31.89 37.00 -33.47
N GLY B 27 -31.72 37.76 -32.40
CA GLY B 27 -32.85 38.41 -31.78
C GLY B 27 -32.94 39.86 -32.18
N SER B 28 -33.96 40.19 -32.97
CA SER B 28 -34.17 41.56 -33.44
C SER B 28 -35.45 42.19 -32.88
N ARG B 29 -35.43 43.51 -32.68
CA ARG B 29 -36.57 44.24 -32.15
C ARG B 29 -36.46 45.72 -32.47
N LYS B 30 -37.55 46.31 -32.94
CA LYS B 30 -37.57 47.73 -33.26
C LYS B 30 -38.05 48.52 -32.02
N GLU B 31 -37.91 49.84 -32.03
CA GLU B 31 -38.34 50.66 -30.88
C GLU B 31 -39.83 50.98 -30.85
N SER B 32 -40.45 50.97 -32.03
CA SER B 32 -41.89 51.21 -32.20
C SER B 32 -42.54 49.89 -32.64
N GLY B 33 -42.09 48.79 -32.01
CA GLY B 33 -42.61 47.47 -32.33
C GLY B 33 -42.72 46.54 -31.13
N GLY B 34 -43.78 45.74 -31.12
CA GLY B 34 -44.01 44.80 -30.04
C GLY B 34 -43.51 43.42 -30.40
N GLY B 35 -43.43 43.14 -31.70
CA GLY B 35 -42.96 41.85 -32.17
C GLY B 35 -41.43 41.73 -32.10
N VAL B 36 -40.95 40.88 -31.19
CA VAL B 36 -39.53 40.66 -30.99
C VAL B 36 -39.04 39.44 -31.75
N THR B 37 -38.81 39.58 -33.04
CA THR B 37 -38.37 38.47 -33.86
C THR B 37 -37.11 37.73 -33.38
N LYS B 38 -37.20 36.40 -33.43
CA LYS B 38 -36.12 35.49 -33.04
C LYS B 38 -35.97 34.57 -34.25
N GLU B 39 -34.76 34.37 -34.73
CA GLU B 39 -34.61 33.50 -35.88
C GLU B 39 -33.16 33.10 -36.01
N SER B 40 -32.90 31.88 -36.46
CA SER B 40 -31.51 31.45 -36.59
C SER B 40 -30.96 31.72 -37.96
N ALA B 41 -29.67 32.05 -37.98
CA ALA B 41 -28.95 32.35 -39.22
C ALA B 41 -27.90 31.28 -39.43
N GLU B 42 -28.39 30.09 -39.75
CA GLU B 42 -27.55 28.93 -40.00
C GLU B 42 -26.30 29.19 -40.83
N LYS B 43 -26.12 30.41 -41.33
CA LYS B 43 -24.93 30.66 -42.09
C LYS B 43 -23.87 31.24 -41.16
N GLY B 44 -24.32 31.94 -40.11
CA GLY B 44 -23.39 32.51 -39.13
C GLY B 44 -22.97 31.42 -38.17
N PHE B 45 -23.96 30.61 -37.82
CA PHE B 45 -23.83 29.46 -36.93
C PHE B 45 -22.70 28.59 -37.47
N GLU B 46 -22.64 28.49 -38.80
CA GLU B 46 -21.64 27.71 -39.49
C GLU B 46 -20.27 27.72 -38.82
N LYS B 47 -19.93 28.82 -38.16
CA LYS B 47 -18.65 28.89 -37.47
C LYS B 47 -18.83 28.20 -36.13
N ILE B 48 -19.62 28.80 -35.25
CA ILE B 48 -19.85 28.23 -33.92
C ILE B 48 -19.98 26.72 -33.97
N GLY B 49 -20.92 26.26 -34.79
CA GLY B 49 -21.15 24.84 -34.92
C GLY B 49 -19.91 24.00 -35.17
N ASN B 50 -19.09 24.43 -36.12
CA ASN B 50 -17.86 23.71 -36.45
C ASN B 50 -16.91 23.79 -35.25
N ASP B 51 -16.81 24.98 -34.65
CA ASP B 51 -15.92 25.19 -33.51
C ASP B 51 -16.36 24.33 -32.36
N ILE B 52 -17.66 24.22 -32.18
CA ILE B 52 -18.18 23.38 -31.12
C ILE B 52 -17.62 21.98 -31.34
N GLN B 53 -17.56 21.54 -32.60
CA GLN B 53 -17.05 20.21 -32.94
C GLN B 53 -15.61 20.15 -32.50
N ILE B 54 -14.80 21.06 -33.04
CA ILE B 54 -13.39 21.12 -32.69
C ILE B 54 -13.25 21.02 -31.18
N LEU B 55 -14.08 21.76 -30.46
CA LEU B 55 -14.04 21.77 -29.01
C LEU B 55 -14.35 20.39 -28.42
N LYS B 56 -15.52 19.86 -28.77
CA LYS B 56 -15.96 18.55 -28.30
C LYS B 56 -14.87 17.52 -28.59
N SER B 57 -14.15 17.73 -29.69
CA SER B 57 -13.09 16.82 -30.11
C SER B 57 -12.03 16.70 -29.02
N SER B 58 -11.65 17.84 -28.47
CA SER B 58 -10.65 17.86 -27.42
C SER B 58 -10.95 16.90 -26.26
N ILE B 59 -12.16 16.96 -25.70
CA ILE B 59 -12.52 16.09 -24.57
C ILE B 59 -12.01 14.67 -24.81
N ASN B 60 -12.47 14.04 -25.88
CA ASN B 60 -12.07 12.68 -26.25
C ASN B 60 -10.59 12.48 -25.97
N ILE B 61 -9.77 13.36 -26.54
CA ILE B 61 -8.33 13.31 -26.34
C ILE B 61 -7.99 13.30 -24.85
N ALA B 62 -8.19 14.43 -24.20
CA ALA B 62 -7.90 14.57 -22.79
C ALA B 62 -8.49 13.44 -21.91
N ILE B 63 -9.68 12.97 -22.23
CA ILE B 63 -10.27 11.88 -21.44
C ILE B 63 -9.46 10.60 -21.70
N GLU B 64 -9.26 10.30 -22.98
CA GLU B 64 -8.48 9.13 -23.37
C GLU B 64 -7.16 9.26 -22.64
N LYS B 65 -6.64 10.48 -22.65
CA LYS B 65 -5.37 10.86 -22.02
C LYS B 65 -5.25 10.48 -20.56
N LEU B 66 -6.38 10.23 -19.89
CA LEU B 66 -6.34 9.86 -18.49
C LEU B 66 -5.70 8.49 -18.32
N ASN B 67 -4.36 8.48 -18.30
CA ASN B 67 -3.50 7.27 -18.19
C ASN B 67 -3.65 6.44 -16.91
N ASP B 68 -4.89 6.21 -16.52
CA ASP B 68 -5.18 5.44 -15.34
C ASP B 68 -4.31 5.79 -14.16
N ARG B 69 -4.94 6.51 -13.26
CA ARG B 69 -4.34 6.87 -12.02
C ARG B 69 -4.78 5.62 -11.27
N ILE B 70 -4.81 4.52 -12.02
CA ILE B 70 -5.23 3.21 -11.57
C ILE B 70 -4.05 2.31 -11.15
N SER B 71 -4.19 1.78 -9.94
CA SER B 71 -3.23 0.93 -9.24
C SER B 71 -2.95 -0.46 -9.84
N HIS B 72 -1.71 -0.93 -9.66
CA HIS B 72 -1.34 -2.27 -10.10
C HIS B 72 -1.33 -3.17 -8.83
N ASP B 73 -2.11 -4.24 -8.85
CA ASP B 73 -2.19 -5.08 -7.70
C ASP B 73 -1.55 -6.42 -7.76
N GLU B 74 -1.19 -6.91 -6.59
CA GLU B 74 -0.62 -8.23 -6.43
C GLU B 74 -1.29 -8.70 -5.13
N GLN B 75 -2.61 -8.80 -5.20
CA GLN B 75 -3.38 -9.21 -4.04
C GLN B 75 -3.57 -10.72 -4.08
N ALA B 76 -2.74 -11.47 -3.34
CA ALA B 76 -2.92 -12.94 -3.30
C ALA B 76 -3.82 -13.34 -2.12
N ILE B 77 -3.75 -12.60 -1.02
CA ILE B 77 -4.57 -12.83 0.16
C ILE B 77 -6.04 -12.85 -0.29
N ARG B 78 -6.89 -13.53 0.47
CA ARG B 78 -8.31 -13.62 0.14
C ARG B 78 -9.23 -12.67 0.91
N ASP B 79 -8.77 -12.13 2.04
CA ASP B 79 -9.58 -11.22 2.84
C ASP B 79 -10.30 -10.18 1.96
N LEU B 80 -11.51 -9.81 2.36
CA LEU B 80 -12.30 -8.83 1.63
C LEU B 80 -11.70 -7.43 1.83
N THR B 81 -11.78 -6.62 0.78
CA THR B 81 -11.23 -5.27 0.85
C THR B 81 -12.21 -4.20 0.38
N LEU B 82 -13.48 -4.55 0.24
CA LEU B 82 -14.47 -3.57 -0.24
C LEU B 82 -14.38 -2.20 0.45
N GLU B 83 -14.29 -2.21 1.77
CA GLU B 83 -14.19 -0.97 2.53
C GLU B 83 -13.01 -0.16 1.98
N ILE B 84 -12.02 -0.87 1.46
CA ILE B 84 -10.84 -0.23 0.88
C ILE B 84 -11.12 0.11 -0.56
N GLU B 85 -11.42 -0.90 -1.38
CA GLU B 85 -11.71 -0.70 -2.80
C GLU B 85 -12.71 0.44 -2.93
N ASN B 86 -13.72 0.44 -2.10
CA ASN B 86 -14.72 1.49 -2.13
C ASN B 86 -14.06 2.86 -1.95
N ALA B 87 -13.35 3.08 -0.86
CA ALA B 87 -12.69 4.35 -0.58
C ALA B 87 -11.70 4.76 -1.67
N ARG B 88 -11.08 3.78 -2.29
CA ARG B 88 -10.13 4.06 -3.35
C ARG B 88 -10.93 4.59 -4.52
N SER B 89 -12.09 3.98 -4.76
CA SER B 89 -12.96 4.40 -5.85
C SER B 89 -13.55 5.79 -5.61
N GLU B 90 -14.12 6.01 -4.43
CA GLU B 90 -14.71 7.30 -4.11
C GLU B 90 -13.69 8.42 -4.41
N ALA B 91 -12.42 8.14 -4.15
CA ALA B 91 -11.36 9.11 -4.41
C ALA B 91 -11.11 9.28 -5.91
N LEU B 92 -10.75 8.20 -6.59
CA LEU B 92 -10.49 8.28 -8.02
C LEU B 92 -11.67 8.92 -8.71
N LEU B 93 -12.86 8.73 -8.15
CA LEU B 93 -14.04 9.33 -8.75
C LEU B 93 -13.88 10.81 -8.60
N GLY B 94 -13.62 11.22 -7.37
CA GLY B 94 -13.41 12.64 -7.09
C GLY B 94 -12.34 13.25 -7.99
N GLU B 95 -11.17 12.61 -8.08
CA GLU B 95 -10.09 13.13 -8.91
C GLU B 95 -10.65 13.40 -10.32
N LEU B 96 -11.42 12.43 -10.85
CA LEU B 96 -12.01 12.52 -12.18
C LEU B 96 -12.95 13.69 -12.31
N GLY B 97 -13.76 13.89 -11.28
CA GLY B 97 -14.69 15.01 -11.29
C GLY B 97 -13.95 16.32 -11.58
N ILE B 98 -12.98 16.66 -10.75
CA ILE B 98 -12.26 17.89 -10.98
C ILE B 98 -11.74 17.97 -12.40
N ILE B 99 -10.94 17.00 -12.84
CA ILE B 99 -10.40 17.11 -14.17
C ILE B 99 -11.52 17.19 -15.16
N ARG B 100 -12.72 16.82 -14.72
CA ARG B 100 -13.87 16.92 -15.64
C ARG B 100 -14.29 18.38 -15.78
N ALA B 101 -14.63 19.01 -14.64
CA ALA B 101 -14.98 20.43 -14.61
C ALA B 101 -13.91 21.19 -15.38
N LEU B 102 -12.65 20.82 -15.17
CA LEU B 102 -11.55 21.43 -15.86
C LEU B 102 -11.86 21.43 -17.38
N LEU B 103 -12.41 20.33 -17.90
CA LEU B 103 -12.71 20.26 -19.33
C LEU B 103 -13.88 21.14 -19.69
N VAL B 104 -14.96 21.02 -18.93
CA VAL B 104 -16.15 21.79 -19.21
C VAL B 104 -15.84 23.27 -19.23
N GLY B 105 -15.17 23.76 -18.19
CA GLY B 105 -14.82 25.16 -18.15
C GLY B 105 -13.98 25.59 -19.37
N ASN B 106 -12.95 24.83 -19.69
CA ASN B 106 -12.11 25.16 -20.84
C ASN B 106 -12.97 25.29 -22.07
N ILE B 107 -13.88 24.33 -22.25
CA ILE B 107 -14.77 24.36 -23.41
C ILE B 107 -15.54 25.65 -23.32
N SER B 108 -16.31 25.79 -22.25
CA SER B 108 -17.08 26.99 -22.01
C SER B 108 -16.27 28.24 -22.44
N ILE B 109 -15.14 28.47 -21.79
CA ILE B 109 -14.26 29.59 -22.09
C ILE B 109 -14.02 29.72 -23.60
N GLY B 110 -13.50 28.66 -24.21
CA GLY B 110 -13.22 28.71 -25.64
C GLY B 110 -14.43 28.96 -26.52
N LEU B 111 -15.60 28.48 -26.09
CA LEU B 111 -16.80 28.68 -26.87
C LEU B 111 -17.14 30.15 -26.84
N GLN B 112 -17.26 30.70 -25.65
CA GLN B 112 -17.59 32.11 -25.54
C GLN B 112 -16.58 32.94 -26.32
N GLU B 113 -15.31 32.73 -26.06
CA GLU B 113 -14.26 33.47 -26.74
C GLU B 113 -14.49 33.36 -28.22
N SER B 114 -15.22 32.32 -28.62
CA SER B 114 -15.49 32.08 -30.03
C SER B 114 -16.72 32.82 -30.51
N LEU B 115 -17.57 33.18 -29.58
CA LEU B 115 -18.76 33.91 -29.93
C LEU B 115 -18.30 35.34 -30.10
N TRP B 116 -17.28 35.75 -29.36
CA TRP B 116 -16.76 37.08 -29.50
C TRP B 116 -16.07 37.19 -30.86
N GLU B 117 -15.69 36.04 -31.42
CA GLU B 117 -15.03 36.01 -32.72
C GLU B 117 -16.00 36.41 -33.80
N LEU B 118 -17.28 36.13 -33.58
CA LEU B 118 -18.34 36.46 -34.53
C LEU B 118 -18.58 37.96 -34.48
N ALA B 119 -18.90 38.47 -33.30
CA ALA B 119 -19.13 39.91 -33.14
C ALA B 119 -18.09 40.64 -33.96
N SER B 120 -16.85 40.61 -33.50
CA SER B 120 -15.77 41.29 -34.22
C SER B 120 -15.98 41.18 -35.72
N GLU B 121 -16.21 39.96 -36.19
CA GLU B 121 -16.41 39.71 -37.60
C GLU B 121 -17.68 40.40 -38.11
N ILE B 122 -18.76 40.32 -37.37
CA ILE B 122 -19.99 40.99 -37.81
C ILE B 122 -19.74 42.49 -37.76
N THR B 123 -19.19 42.98 -36.64
CA THR B 123 -18.92 44.39 -36.50
C THR B 123 -18.07 44.83 -37.65
N ASN B 124 -17.08 44.01 -37.96
CA ASN B 124 -16.20 44.32 -39.08
C ASN B 124 -17.00 44.08 -40.38
N ARG B 125 -18.09 44.81 -40.53
CA ARG B 125 -18.88 44.65 -41.72
C ARG B 125 -19.57 45.92 -42.17
N ALA B 126 -19.14 47.08 -41.64
CA ALA B 126 -19.64 48.40 -42.04
C ALA B 126 -19.60 49.48 -40.99
N GLY B 127 -19.42 50.71 -41.46
CA GLY B 127 -19.41 51.83 -40.56
C GLY B 127 -20.87 52.16 -40.45
N ASP B 128 -21.65 51.56 -41.33
CA ASP B 128 -23.07 51.81 -41.33
C ASP B 128 -23.68 51.00 -40.21
N LEU B 129 -23.22 49.78 -40.10
CA LEU B 129 -23.69 48.90 -39.04
C LEU B 129 -23.10 49.50 -37.78
N ALA B 130 -21.77 49.39 -37.69
CA ALA B 130 -20.92 49.87 -36.60
C ALA B 130 -21.61 50.64 -35.49
N VAL B 131 -22.75 50.13 -35.06
CA VAL B 131 -23.48 50.76 -34.00
C VAL B 131 -23.11 50.01 -32.73
N GLU B 132 -22.86 48.71 -32.88
CA GLU B 132 -22.53 47.87 -31.74
C GLU B 132 -22.63 48.58 -30.40
N VAL B 133 -23.79 48.45 -29.78
CA VAL B 133 -24.03 49.05 -28.50
C VAL B 133 -23.32 48.21 -27.48
N SER B 134 -24.08 47.28 -26.90
CA SER B 134 -23.54 46.34 -25.93
C SER B 134 -22.89 45.21 -26.75
N PRO B 135 -22.01 44.40 -26.15
CA PRO B 135 -21.34 43.31 -26.87
C PRO B 135 -22.30 42.25 -27.36
N GLY B 136 -22.35 42.06 -28.68
CA GLY B 136 -23.24 41.08 -29.26
C GLY B 136 -24.46 41.76 -29.85
N CYS B 137 -24.78 42.95 -29.36
CA CYS B 137 -25.92 43.71 -29.84
C CYS B 137 -25.49 44.99 -30.57
N TRP B 138 -26.22 45.30 -31.64
CA TRP B 138 -25.95 46.48 -32.48
C TRP B 138 -27.27 47.01 -32.99
N ILE B 139 -27.29 48.30 -33.32
CA ILE B 139 -28.50 48.93 -33.82
C ILE B 139 -28.29 49.56 -35.16
N ILE B 140 -28.70 48.92 -36.22
CA ILE B 140 -28.52 49.54 -37.51
C ILE B 140 -29.80 50.29 -37.91
N ASP B 141 -29.72 51.18 -38.91
CA ASP B 141 -30.85 51.97 -39.41
C ASP B 141 -31.30 51.39 -40.73
N ASN B 142 -32.47 50.77 -40.72
CA ASN B 142 -32.95 50.13 -41.91
C ASN B 142 -33.20 51.07 -43.04
N ASN B 143 -32.98 52.35 -42.80
CA ASN B 143 -33.18 53.32 -43.87
C ASN B 143 -31.91 53.30 -44.68
N ILE B 144 -30.79 52.97 -44.02
CA ILE B 144 -29.49 52.87 -44.69
C ILE B 144 -29.21 51.40 -44.86
N CYS B 145 -29.49 50.64 -43.81
CA CYS B 145 -29.29 49.21 -43.90
C CYS B 145 -30.60 48.42 -44.02
N ASP B 146 -31.09 48.32 -45.26
CA ASP B 146 -32.32 47.60 -45.56
C ASP B 146 -32.11 46.14 -45.24
N GLN B 147 -33.18 45.35 -45.29
CA GLN B 147 -33.04 43.93 -45.01
C GLN B 147 -31.82 43.39 -45.75
N SER B 148 -31.82 43.59 -47.07
CA SER B 148 -30.69 43.14 -47.87
C SER B 148 -29.37 43.15 -47.11
N CYS B 149 -28.84 44.32 -46.77
CA CYS B 149 -27.57 44.30 -46.03
C CYS B 149 -27.69 43.65 -44.67
N GLN B 150 -28.84 43.81 -44.02
CA GLN B 150 -29.01 43.20 -42.71
C GLN B 150 -28.65 41.74 -42.91
N ASN B 151 -29.26 41.15 -43.92
CA ASN B 151 -29.00 39.77 -44.22
C ASN B 151 -27.53 39.60 -44.56
N PHE B 152 -26.95 40.51 -45.31
CA PHE B 152 -25.54 40.39 -45.63
C PHE B 152 -24.78 40.47 -44.30
N ILE B 153 -24.93 41.59 -43.60
CA ILE B 153 -24.26 41.81 -42.31
C ILE B 153 -24.27 40.57 -41.45
N PHE B 154 -25.47 40.07 -41.17
CA PHE B 154 -25.62 38.89 -40.32
C PHE B 154 -25.79 37.67 -41.20
N LYS B 155 -26.93 36.99 -41.14
CA LYS B 155 -27.14 35.81 -41.99
C LYS B 155 -26.13 35.49 -43.13
N PHE B 156 -25.76 36.47 -43.97
CA PHE B 156 -24.79 36.29 -45.08
C PHE B 156 -25.25 35.77 -46.48
N ASN B 157 -26.25 36.37 -47.12
CA ASN B 157 -26.74 35.89 -48.44
C ASN B 157 -25.89 36.39 -49.62
N GLU B 158 -24.99 37.34 -49.34
CA GLU B 158 -24.10 37.93 -50.36
C GLU B 158 -24.83 38.57 -51.55
N THR B 159 -25.84 39.41 -51.25
CA THR B 159 -26.65 40.10 -52.27
C THR B 159 -27.26 41.45 -51.80
N ALA B 160 -26.81 42.55 -52.41
CA ALA B 160 -27.33 43.87 -52.10
C ALA B 160 -26.78 44.57 -50.86
N PRO B 161 -25.49 44.90 -50.95
CA PRO B 161 -24.65 45.58 -49.97
C PRO B 161 -24.74 47.10 -50.04
N VAL B 162 -23.57 47.74 -50.02
CA VAL B 162 -23.44 49.21 -50.06
C VAL B 162 -22.00 49.71 -49.79
N PRO B 163 -21.10 49.64 -50.79
CA PRO B 163 -19.75 50.14 -50.51
C PRO B 163 -19.67 51.61 -50.85
N THR B 164 -19.36 52.45 -49.86
CA THR B 164 -19.27 53.89 -50.10
C THR B 164 -18.04 54.23 -50.97
N ILE B 165 -17.53 53.23 -51.67
CA ILE B 165 -16.39 53.36 -52.58
C ILE B 165 -16.54 52.30 -53.68
N GLU C 1 -7.27 61.30 -43.67
CA GLU C 1 -6.98 60.14 -42.78
C GLU C 1 -8.03 59.01 -42.86
N LYS C 2 -7.54 57.79 -42.69
CA LYS C 2 -8.30 56.51 -42.75
C LYS C 2 -7.31 55.35 -42.48
N ILE C 3 -6.52 55.53 -41.43
CA ILE C 3 -5.52 54.54 -41.02
C ILE C 3 -6.17 53.44 -40.18
N LYS C 4 -5.34 52.70 -39.45
CA LYS C 4 -5.82 51.62 -38.59
C LYS C 4 -4.68 51.00 -37.80
N ILE C 5 -4.63 51.25 -36.51
CA ILE C 5 -3.58 50.70 -35.69
C ILE C 5 -4.19 49.50 -34.98
N CYS C 6 -3.36 48.51 -34.63
CA CYS C 6 -3.83 47.33 -33.93
C CYS C 6 -2.75 46.66 -33.10
N LEU C 7 -3.05 46.40 -31.83
CA LEU C 7 -2.07 45.69 -31.02
C LEU C 7 -2.14 44.28 -31.60
N GLN C 8 -1.14 43.89 -32.39
CA GLN C 8 -1.16 42.57 -33.01
C GLN C 8 -0.32 41.46 -32.33
N LYS C 9 -0.85 40.24 -32.35
CA LYS C 9 -0.15 39.08 -31.78
C LYS C 9 0.27 38.21 -32.98
N GLN C 10 1.56 38.13 -33.22
CA GLN C 10 2.01 37.37 -34.36
C GLN C 10 2.99 36.30 -33.99
N VAL C 11 2.76 35.11 -34.49
CA VAL C 11 3.65 34.01 -34.19
C VAL C 11 4.24 33.34 -35.44
N ASN C 12 5.57 33.31 -35.50
CA ASN C 12 6.31 32.73 -36.63
C ASN C 12 6.63 31.26 -36.42
N SER C 13 7.81 30.83 -36.85
CA SER C 13 8.17 29.42 -36.69
C SER C 13 8.89 29.08 -35.39
N SER C 14 9.65 30.04 -34.83
CA SER C 14 10.36 29.79 -33.59
C SER C 14 9.37 29.62 -32.42
N PHE C 15 8.11 29.36 -32.74
CA PHE C 15 7.05 29.17 -31.77
C PHE C 15 6.92 27.73 -31.32
N SER C 16 5.95 27.52 -30.42
CA SER C 16 5.58 26.22 -29.86
C SER C 16 4.25 26.51 -29.15
N LEU C 17 3.30 25.59 -29.24
CA LEU C 17 2.01 25.86 -28.63
C LEU C 17 1.62 25.02 -27.42
N HIS C 18 1.86 25.56 -26.23
CA HIS C 18 1.48 24.87 -24.99
C HIS C 18 0.02 25.16 -24.72
N ASN C 19 -0.80 24.11 -24.64
CA ASN C 19 -2.23 24.30 -24.38
C ASN C 19 -2.51 24.16 -22.90
N GLY C 20 -3.47 24.93 -22.40
CA GLY C 20 -3.81 24.89 -20.99
C GLY C 20 -5.30 24.91 -20.71
N PHE C 21 -5.66 24.79 -19.45
CA PHE C 21 -7.06 24.77 -19.06
C PHE C 21 -7.55 26.18 -18.98
N GLY C 22 -8.24 26.61 -20.02
CA GLY C 22 -8.78 27.97 -20.04
C GLY C 22 -7.90 28.95 -20.78
N GLY C 23 -7.36 28.50 -21.92
CA GLY C 23 -6.51 29.36 -22.70
C GLY C 23 -5.14 28.74 -22.89
N ASN C 24 -4.56 28.96 -24.06
CA ASN C 24 -3.27 28.41 -24.38
C ASN C 24 -2.16 29.44 -24.43
N LEU C 25 -0.99 29.01 -24.87
CA LEU C 25 0.14 29.91 -24.91
C LEU C 25 1.07 29.50 -26.00
N TYR C 26 1.57 30.48 -26.75
CA TYR C 26 2.54 30.15 -27.77
C TYR C 26 3.83 30.59 -27.09
N ALA C 27 4.92 29.84 -27.31
CA ALA C 27 6.20 30.15 -26.68
C ALA C 27 7.42 29.86 -27.55
N THR C 28 8.50 30.59 -27.29
CA THR C 28 9.76 30.48 -28.01
C THR C 28 10.69 29.42 -27.43
N GLU C 29 10.57 29.19 -26.13
CA GLU C 29 11.35 28.20 -25.42
C GLU C 29 10.46 27.36 -24.52
N GLU C 30 11.02 26.29 -23.96
CA GLU C 30 10.25 25.42 -23.10
C GLU C 30 11.24 24.68 -22.25
N LYS C 31 10.84 24.33 -21.03
CA LYS C 31 11.70 23.56 -20.15
C LYS C 31 10.91 22.60 -19.26
N ARG C 32 11.62 21.64 -18.67
CA ARG C 32 11.00 20.63 -17.84
C ARG C 32 10.56 21.14 -16.47
N MET C 33 9.43 20.62 -16.03
CA MET C 33 8.87 20.98 -14.73
C MET C 33 9.85 20.53 -13.64
N PHE C 34 10.44 19.35 -13.83
CA PHE C 34 11.40 18.78 -12.88
C PHE C 34 12.51 18.16 -13.66
N GLU C 35 13.68 18.04 -13.03
CA GLU C 35 14.83 17.45 -13.69
C GLU C 35 15.03 15.99 -13.25
N LEU C 36 15.48 15.13 -14.16
CA LEU C 36 15.68 13.74 -13.81
C LEU C 36 16.82 13.74 -12.80
N VAL C 37 16.72 12.90 -11.77
CA VAL C 37 17.76 12.82 -10.74
C VAL C 37 18.53 11.54 -10.79
N LYS C 38 19.84 11.67 -10.65
CA LYS C 38 20.78 10.57 -10.66
C LYS C 38 21.06 10.10 -9.24
N PRO C 39 21.19 8.80 -9.04
CA PRO C 39 21.46 8.48 -7.66
C PRO C 39 22.96 8.56 -7.41
N LYS C 40 23.33 9.17 -6.29
CA LYS C 40 24.72 9.24 -5.90
C LYS C 40 25.08 7.81 -5.45
N ALA C 41 26.15 7.26 -5.98
CA ALA C 41 26.54 5.90 -5.59
C ALA C 41 27.22 5.87 -4.23
N GLY C 42 26.94 4.85 -3.43
CA GLY C 42 27.54 4.79 -2.13
C GLY C 42 26.50 4.66 -1.03
N ALA C 43 26.90 4.89 0.22
CA ALA C 43 25.98 4.73 1.33
C ALA C 43 25.71 5.98 2.05
N SER C 44 24.47 6.15 2.47
CA SER C 44 24.10 7.31 3.25
C SER C 44 23.00 6.90 4.17
N VAL C 45 22.42 7.87 4.86
CA VAL C 45 21.38 7.57 5.83
C VAL C 45 20.41 8.72 5.84
N LEU C 46 19.44 8.67 6.75
CA LEU C 46 18.46 9.74 6.96
C LEU C 46 18.66 10.05 8.47
N ASN C 47 17.86 10.93 9.04
CA ASN C 47 18.06 11.29 10.47
C ASN C 47 19.45 11.43 11.10
N GLN C 48 20.50 10.88 10.51
CA GLN C 48 21.86 11.08 11.04
C GLN C 48 22.10 10.83 12.53
N SER C 49 21.03 10.68 13.29
CA SER C 49 21.16 10.45 14.71
C SER C 49 20.46 9.16 15.06
N THR C 50 19.93 8.49 14.05
CA THR C 50 19.24 7.24 14.23
C THR C 50 20.07 6.12 13.63
N TRP C 51 21.35 6.36 13.39
CA TRP C 51 22.16 5.32 12.81
C TRP C 51 23.38 5.03 13.62
N ILE C 52 23.90 3.81 13.46
CA ILE C 52 25.07 3.35 14.20
C ILE C 52 25.89 2.38 13.35
N GLY C 53 27.20 2.35 13.51
CA GLY C 53 27.93 1.45 12.66
C GLY C 53 28.78 0.56 13.48
N PHE C 54 29.11 -0.60 12.95
CA PHE C 54 29.98 -1.53 13.66
C PHE C 54 31.23 -1.58 12.80
N GLY C 55 32.37 -1.24 13.43
CA GLY C 55 33.62 -1.13 12.71
C GLY C 55 34.81 -2.07 12.74
N ASP C 56 35.69 -1.78 11.80
CA ASP C 56 36.92 -2.50 11.51
C ASP C 56 38.08 -1.81 12.17
N SER C 57 38.89 -1.21 11.31
CA SER C 57 40.08 -0.46 11.69
C SER C 57 39.95 0.71 10.74
N ARG C 58 39.41 0.41 9.56
CA ARG C 58 39.19 1.42 8.52
C ARG C 58 38.11 2.37 9.03
N THR C 59 37.55 2.02 10.18
CA THR C 59 36.58 2.86 10.80
C THR C 59 37.08 3.25 12.18
N ASP C 60 38.03 2.49 12.73
CA ASP C 60 38.58 2.80 14.06
C ASP C 60 39.22 4.17 14.22
N LYS C 61 38.51 5.06 14.92
CA LYS C 61 38.97 6.43 15.11
C LYS C 61 40.19 6.49 16.01
N SER C 62 40.22 5.60 16.99
CA SER C 62 41.32 5.56 17.93
C SER C 62 42.44 4.66 17.43
N ASN C 63 42.73 4.74 16.14
CA ASN C 63 43.81 3.94 15.59
C ASN C 63 44.99 4.86 15.42
N SER C 64 46.19 4.29 15.59
CA SER C 64 47.47 5.03 15.49
C SER C 64 47.44 5.98 14.31
N ALA C 65 47.70 5.47 13.11
CA ALA C 65 47.73 6.29 11.89
C ALA C 65 46.33 6.60 11.50
N PHE C 66 45.71 7.54 12.20
CA PHE C 66 44.33 7.70 11.87
C PHE C 66 43.80 8.20 10.55
N PRO C 67 43.52 9.50 10.40
CA PRO C 67 42.95 9.86 9.10
C PRO C 67 43.37 8.96 7.95
N ARG C 68 44.67 8.70 7.86
CA ARG C 68 45.21 7.86 6.79
C ARG C 68 44.52 6.53 6.73
N SER C 69 44.69 5.72 7.77
CA SER C 69 44.08 4.39 7.85
C SER C 69 42.56 4.30 7.64
N ALA C 70 41.83 5.41 7.86
CA ALA C 70 40.37 5.41 7.73
C ALA C 70 39.77 5.42 6.34
N ASP C 71 38.55 4.89 6.22
CA ASP C 71 37.84 4.85 4.95
C ASP C 71 36.68 5.76 5.16
N VAL C 72 36.65 6.36 6.33
CA VAL C 72 35.56 7.27 6.61
C VAL C 72 36.12 8.50 7.28
N SER C 73 35.29 9.53 7.38
CA SER C 73 35.66 10.79 8.01
C SER C 73 35.62 10.62 9.50
N ALA C 74 35.95 11.67 10.25
CA ALA C 74 35.92 11.57 11.70
C ALA C 74 34.46 11.60 12.11
N LYS C 75 33.73 12.61 11.64
CA LYS C 75 32.31 12.73 11.96
C LYS C 75 31.69 11.34 11.94
N THR C 76 31.88 10.62 10.84
CA THR C 76 31.34 9.27 10.66
C THR C 76 31.91 8.29 11.66
N ALA C 77 33.25 8.23 11.72
CA ALA C 77 33.89 7.30 12.65
C ALA C 77 33.29 7.46 14.05
N ASP C 78 32.90 8.66 14.41
CA ASP C 78 32.31 8.89 15.72
C ASP C 78 31.08 8.03 15.94
N LYS C 79 30.30 7.80 14.89
CA LYS C 79 29.08 7.04 15.00
C LYS C 79 29.34 5.57 14.90
N PHE C 80 30.60 5.20 14.77
CA PHE C 80 30.92 3.78 14.64
C PHE C 80 31.40 3.18 15.97
N ARG C 81 31.21 1.87 16.10
CA ARG C 81 31.63 1.17 17.29
C ARG C 81 32.45 0.05 16.70
N PHE C 82 33.75 0.32 16.58
CA PHE C 82 34.74 -0.57 15.98
C PHE C 82 35.97 -0.70 16.90
N LEU C 83 36.94 -1.46 16.45
CA LEU C 83 38.17 -1.67 17.17
C LEU C 83 39.06 -2.47 16.24
N SER C 84 40.20 -1.89 15.88
CA SER C 84 41.11 -2.51 14.94
C SER C 84 41.29 -3.98 15.11
N GLY C 85 41.19 -4.69 13.99
CA GLY C 85 41.40 -6.12 14.02
C GLY C 85 40.20 -6.97 14.39
N GLY C 86 39.04 -6.33 14.57
CA GLY C 86 37.85 -7.07 14.95
C GLY C 86 36.92 -7.51 13.82
N SER C 87 35.94 -8.35 14.18
CA SER C 87 34.97 -8.86 13.23
C SER C 87 33.86 -9.47 14.03
N LEU C 88 32.60 -9.20 13.70
CA LEU C 88 31.49 -9.78 14.46
C LEU C 88 31.74 -11.27 14.50
N MET C 89 32.16 -11.84 13.38
CA MET C 89 32.37 -13.27 13.38
C MET C 89 33.49 -13.68 14.29
N LEU C 90 34.49 -12.84 14.44
CA LEU C 90 35.64 -13.18 15.30
C LEU C 90 35.23 -13.24 16.74
N SER C 91 34.35 -12.35 17.10
CA SER C 91 33.86 -12.26 18.45
C SER C 91 32.91 -13.41 18.70
N MET C 92 32.25 -13.88 17.64
CA MET C 92 31.33 -14.98 17.78
C MET C 92 32.05 -16.23 18.21
N PHE C 93 33.16 -16.58 17.57
CA PHE C 93 33.87 -17.80 17.98
C PHE C 93 35.11 -17.59 18.78
N GLY C 94 35.54 -16.34 18.91
CA GLY C 94 36.72 -16.04 19.69
C GLY C 94 37.90 -16.97 19.40
N PRO C 95 38.37 -16.99 18.16
CA PRO C 95 39.49 -17.89 17.94
C PRO C 95 40.71 -17.32 18.67
N PRO C 96 41.69 -18.16 18.95
CA PRO C 96 42.93 -17.81 19.65
C PRO C 96 43.80 -16.76 19.00
N GLY C 97 44.22 -15.80 19.82
CA GLY C 97 45.08 -14.75 19.32
C GLY C 97 44.34 -13.61 18.68
N LYS C 98 43.33 -13.93 17.89
CA LYS C 98 42.59 -12.90 17.21
C LYS C 98 41.78 -12.05 18.17
N VAL C 99 41.72 -10.75 17.90
CA VAL C 99 41.00 -9.78 18.72
C VAL C 99 39.52 -10.12 18.93
N ASP C 100 39.09 -10.03 20.18
CA ASP C 100 37.71 -10.35 20.60
C ASP C 100 37.03 -9.06 21.11
N TYR C 101 36.28 -8.40 20.25
CA TYR C 101 35.69 -7.13 20.63
C TYR C 101 34.20 -7.17 20.91
N LEU C 102 33.81 -6.53 22.01
CA LEU C 102 32.39 -6.53 22.35
C LEU C 102 31.54 -5.60 21.49
N TYR C 103 31.09 -6.08 20.36
CA TYR C 103 30.26 -5.27 19.50
C TYR C 103 28.88 -5.22 20.08
N GLN C 104 28.30 -4.03 20.19
CA GLN C 104 26.92 -3.89 20.68
C GLN C 104 26.44 -2.45 20.54
N GLY C 105 25.14 -2.23 20.47
CA GLY C 105 24.71 -0.86 20.31
C GLY C 105 23.32 -0.83 19.76
N CYS C 106 22.76 0.37 19.62
CA CYS C 106 21.41 0.51 19.11
C CYS C 106 21.30 1.46 17.98
N GLY C 107 20.24 1.35 17.22
CA GLY C 107 20.04 2.24 16.11
C GLY C 107 18.95 1.75 15.21
N LYS C 108 18.19 2.69 14.66
CA LYS C 108 17.11 2.35 13.74
C LYS C 108 17.74 1.81 12.44
N HIS C 109 18.93 2.33 12.09
CA HIS C 109 19.66 1.95 10.88
C HIS C 109 21.04 1.51 11.34
N LYS C 110 21.43 0.28 10.97
CA LYS C 110 22.72 -0.28 11.32
C LYS C 110 23.61 -0.46 10.10
N VAL C 111 24.83 0.08 10.18
CA VAL C 111 25.79 0.00 9.10
C VAL C 111 26.98 -0.85 9.45
N PHE C 112 27.11 -1.97 8.75
CA PHE C 112 28.21 -2.89 9.01
C PHE C 112 29.31 -2.76 7.98
N TYR C 113 30.55 -2.67 8.46
CA TYR C 113 31.72 -2.59 7.59
C TYR C 113 32.80 -3.31 8.38
N GLU C 114 32.68 -4.64 8.49
CA GLU C 114 33.64 -5.51 9.18
C GLU C 114 33.73 -6.84 8.47
N GLY C 115 34.63 -7.71 8.91
CA GLY C 115 34.72 -9.01 8.28
C GLY C 115 36.03 -9.47 7.67
N VAL C 116 36.66 -8.57 6.96
CA VAL C 116 37.94 -8.86 6.30
C VAL C 116 38.91 -9.51 7.29
N ASN C 117 38.78 -9.11 8.54
CA ASN C 117 39.68 -9.64 9.51
C ASN C 117 39.65 -11.13 9.73
N TRP C 118 38.61 -11.81 9.23
CA TRP C 118 38.55 -13.30 9.28
C TRP C 118 38.22 -13.79 7.87
N SER C 119 39.15 -13.52 6.95
CA SER C 119 39.04 -13.92 5.57
C SER C 119 39.97 -15.09 5.45
N PRO C 120 39.90 -15.83 4.35
CA PRO C 120 40.75 -17.01 4.12
C PRO C 120 42.20 -16.79 4.56
N HIS C 121 42.62 -15.56 4.39
CA HIS C 121 43.94 -15.13 4.76
C HIS C 121 44.24 -15.51 6.19
N ALA C 122 43.32 -15.12 7.09
CA ALA C 122 43.48 -15.36 8.51
C ALA C 122 43.96 -16.79 8.77
N ALA C 123 43.78 -17.64 7.77
CA ALA C 123 44.22 -19.03 7.86
C ALA C 123 43.97 -19.65 9.23
N ILE C 124 42.75 -19.49 9.72
CA ILE C 124 42.37 -20.07 10.99
C ILE C 124 41.77 -21.40 10.58
N ASN C 125 41.95 -22.41 11.41
CA ASN C 125 41.39 -23.71 11.12
C ASN C 125 41.20 -24.45 12.42
N CYS C 126 39.99 -24.52 12.94
CA CYS C 126 39.93 -25.26 14.18
C CYS C 126 39.05 -26.41 13.92
N TYR C 127 39.61 -27.28 13.10
CA TYR C 127 39.02 -28.52 12.67
C TYR C 127 38.24 -28.25 11.43
N ARG C 128 38.44 -27.06 10.88
CA ARG C 128 37.73 -26.68 9.66
C ARG C 128 38.67 -25.84 8.80
N LYS C 129 38.93 -26.31 7.58
CA LYS C 129 39.83 -25.63 6.62
C LYS C 129 39.29 -24.34 5.93
N ASN C 130 38.08 -24.40 5.36
CA ASN C 130 37.44 -23.25 4.67
C ASN C 130 36.20 -22.75 5.45
N TRP C 131 36.40 -21.70 6.24
CA TRP C 131 35.34 -21.12 7.05
C TRP C 131 34.34 -20.25 6.31
N THR C 132 34.64 -19.90 5.07
CA THR C 132 33.76 -19.01 4.35
C THR C 132 32.29 -19.32 4.43
N ASP C 133 31.92 -20.56 4.17
CA ASP C 133 30.51 -20.88 4.21
C ASP C 133 29.92 -20.41 5.50
N ILE C 134 30.54 -20.82 6.60
CA ILE C 134 30.05 -20.41 7.90
C ILE C 134 29.95 -18.90 7.99
N LYS C 135 31.02 -18.22 7.57
CA LYS C 135 31.03 -16.77 7.60
C LYS C 135 29.75 -16.32 6.92
N LEU C 136 29.53 -16.87 5.72
CA LEU C 136 28.34 -16.55 4.98
C LEU C 136 27.08 -16.60 5.85
N ASN C 137 26.74 -17.80 6.33
CA ASN C 137 25.54 -17.97 7.16
C ASN C 137 25.53 -17.12 8.40
N PHE C 138 26.68 -16.99 9.05
CA PHE C 138 26.70 -16.17 10.23
C PHE C 138 26.22 -14.77 9.85
N GLN C 139 26.87 -14.23 8.83
CA GLN C 139 26.57 -12.90 8.40
C GLN C 139 25.10 -12.81 8.07
N LYS C 140 24.65 -13.79 7.31
CA LYS C 140 23.26 -13.86 6.90
C LYS C 140 22.29 -13.62 8.06
N ASN C 141 22.53 -14.29 9.18
CA ASN C 141 21.65 -14.11 10.33
C ASN C 141 21.84 -12.77 10.99
N ILE C 142 23.09 -12.36 11.19
CA ILE C 142 23.32 -11.07 11.81
C ILE C 142 22.48 -10.02 11.09
N TYR C 143 22.56 -10.03 9.77
CA TYR C 143 21.81 -9.06 9.03
C TYR C 143 20.31 -9.22 9.26
N GLU C 144 19.79 -10.43 9.10
CA GLU C 144 18.36 -10.66 9.32
C GLU C 144 17.94 -10.13 10.69
N LEU C 145 18.47 -10.73 11.74
CA LEU C 145 18.13 -10.32 13.09
C LEU C 145 18.40 -8.83 13.28
N ALA C 146 19.47 -8.34 12.69
CA ALA C 146 19.78 -6.94 12.84
C ALA C 146 18.71 -6.06 12.25
N SER C 147 18.15 -6.49 11.13
CA SER C 147 17.11 -5.70 10.46
C SER C 147 15.75 -5.79 11.13
N GLN C 148 15.70 -6.44 12.29
CA GLN C 148 14.45 -6.58 13.03
C GLN C 148 14.56 -6.20 14.47
N SER C 149 15.76 -5.83 14.90
CA SER C 149 15.98 -5.47 16.28
C SER C 149 16.36 -4.02 16.29
N HIS C 150 16.35 -3.42 17.46
CA HIS C 150 16.74 -2.02 17.54
C HIS C 150 18.12 -2.05 18.16
N CYS C 151 18.29 -2.96 19.12
CA CYS C 151 19.53 -3.15 19.84
C CYS C 151 20.08 -4.55 19.63
N MET C 152 21.39 -4.69 19.69
CA MET C 152 21.97 -5.98 19.52
C MET C 152 23.30 -5.92 20.20
N SER C 153 23.73 -7.05 20.76
CA SER C 153 24.97 -7.12 21.48
C SER C 153 25.51 -8.50 21.56
N LEU C 154 26.82 -8.59 21.55
CA LEU C 154 27.46 -9.86 21.68
C LEU C 154 27.24 -10.22 23.12
N VAL C 155 27.06 -11.51 23.37
CA VAL C 155 26.89 -11.99 24.73
C VAL C 155 28.11 -12.87 24.90
N ASN C 156 29.11 -12.33 25.58
CA ASN C 156 30.40 -12.99 25.70
C ASN C 156 30.51 -14.10 26.66
N ALA C 157 29.47 -14.29 27.45
CA ALA C 157 29.50 -15.39 28.40
C ALA C 157 28.13 -15.72 28.93
N LEU C 158 27.78 -16.99 28.92
CA LEU C 158 26.45 -17.31 29.43
C LEU C 158 26.49 -18.42 30.46
N ASP C 159 25.50 -18.37 31.35
CA ASP C 159 25.37 -19.33 32.43
C ASP C 159 25.33 -20.74 31.88
N LYS C 160 26.29 -21.56 32.26
CA LYS C 160 26.32 -22.93 31.75
C LYS C 160 26.77 -23.90 32.82
N THR C 161 26.64 -25.20 32.56
CA THR C 161 27.08 -26.21 33.52
C THR C 161 27.63 -27.41 32.77
N ILE C 162 28.90 -27.67 32.98
CA ILE C 162 29.59 -28.75 32.31
C ILE C 162 29.79 -29.91 33.26
N PRO C 163 29.59 -31.12 32.77
CA PRO C 163 29.73 -32.37 33.53
C PRO C 163 31.13 -32.60 34.04
N LEU C 164 31.31 -33.55 34.96
CA LEU C 164 32.64 -33.79 35.50
C LEU C 164 33.53 -34.68 34.67
N GLN C 165 33.02 -35.72 34.03
CA GLN C 165 33.94 -36.58 33.27
C GLN C 165 34.73 -35.78 32.26
N VAL C 166 34.05 -34.82 31.66
CA VAL C 166 34.67 -34.01 30.65
C VAL C 166 35.56 -32.92 31.23
N THR C 167 36.65 -32.63 30.53
CA THR C 167 37.60 -31.60 30.93
C THR C 167 38.02 -30.76 29.73
N ALA C 168 38.24 -29.47 29.94
CA ALA C 168 38.61 -28.54 28.86
C ALA C 168 39.60 -29.13 27.87
N GLY C 169 39.32 -28.95 26.59
CA GLY C 169 40.19 -29.51 25.56
C GLY C 169 40.95 -28.50 24.74
N THR C 170 42.10 -28.92 24.23
CA THR C 170 42.95 -28.06 23.44
C THR C 170 43.17 -28.81 22.14
N ALA C 171 43.45 -28.10 21.05
CA ALA C 171 43.64 -28.78 19.77
C ALA C 171 44.87 -28.33 19.00
N GLY C 172 45.39 -29.24 18.18
CA GLY C 172 46.57 -28.92 17.39
C GLY C 172 46.27 -27.82 16.39
N ASN C 173 45.28 -28.04 15.53
CA ASN C 173 44.94 -27.04 14.54
C ASN C 173 44.58 -25.73 15.19
N CYS C 174 43.95 -25.77 16.35
CA CYS C 174 43.57 -24.51 16.99
C CYS C 174 44.72 -23.88 17.76
N ASN C 175 45.81 -23.58 17.06
CA ASN C 175 47.00 -23.06 17.69
C ASN C 175 47.08 -23.99 18.86
N ASN C 176 47.41 -23.59 20.06
CA ASN C 176 47.38 -24.73 20.92
C ASN C 176 46.38 -24.76 22.01
N SER C 177 45.13 -24.61 21.60
CA SER C 177 44.01 -24.60 22.52
C SER C 177 42.75 -24.78 21.70
N PHE C 178 41.80 -23.85 21.84
CA PHE C 178 40.59 -23.96 21.07
C PHE C 178 39.82 -22.68 20.99
N LEU C 179 38.74 -22.73 20.21
CA LEU C 179 37.89 -21.58 20.00
C LEU C 179 37.27 -21.27 21.31
N LYS C 180 36.73 -20.07 21.42
CA LYS C 180 36.11 -19.71 22.65
C LYS C 180 34.65 -20.08 22.54
N ASN C 181 34.01 -19.87 21.38
CA ASN C 181 32.59 -20.20 21.34
C ASN C 181 32.38 -21.67 21.23
N PRO C 182 32.52 -22.26 20.05
CA PRO C 182 32.28 -23.71 20.25
C PRO C 182 33.45 -24.13 21.18
N ALA C 183 33.15 -24.48 22.43
CA ALA C 183 34.16 -24.83 23.42
C ALA C 183 34.40 -26.31 23.48
N LEU C 184 35.65 -26.70 23.23
CA LEU C 184 35.97 -28.11 23.24
C LEU C 184 36.06 -28.59 24.66
N TYR C 185 35.71 -29.85 24.83
CA TYR C 185 35.70 -30.49 26.13
C TYR C 185 35.88 -31.95 25.81
N THR C 186 36.65 -32.65 26.61
CA THR C 186 36.88 -34.06 26.34
C THR C 186 37.06 -34.93 27.57
N GLN C 187 37.03 -36.24 27.34
CA GLN C 187 37.24 -37.18 28.40
C GLN C 187 37.98 -38.41 27.87
N GLU C 188 38.91 -38.90 28.69
CA GLU C 188 39.72 -40.05 28.33
C GLU C 188 38.83 -41.22 27.99
N VAL C 189 39.03 -41.74 26.78
CA VAL C 189 38.29 -42.89 26.32
C VAL C 189 39.11 -43.65 25.28
N LYS C 190 39.31 -44.94 25.57
CA LYS C 190 40.06 -45.81 24.70
C LYS C 190 39.23 -47.04 24.44
N PRO C 191 38.68 -47.13 23.24
CA PRO C 191 37.84 -48.24 22.76
C PRO C 191 38.59 -49.57 22.78
N SER C 192 39.82 -49.54 22.31
CA SER C 192 40.68 -50.72 22.26
C SER C 192 40.57 -51.47 23.59
N GLU C 193 40.95 -50.80 24.66
CA GLU C 193 40.89 -51.38 26.00
C GLU C 193 39.47 -51.35 26.50
N ASN C 194 38.54 -51.20 25.57
CA ASN C 194 37.14 -51.11 25.89
C ASN C 194 36.75 -50.19 27.06
N LYS C 195 37.22 -48.95 26.96
CA LYS C 195 36.90 -47.96 27.96
C LYS C 195 36.26 -46.77 27.25
N CYS C 196 34.93 -46.80 27.17
CA CYS C 196 34.13 -45.74 26.53
C CYS C 196 33.64 -44.85 27.65
N GLY C 197 33.75 -43.55 27.47
CA GLY C 197 33.37 -42.65 28.55
C GLY C 197 31.93 -42.67 28.96
N LYS C 198 31.51 -41.60 29.63
CA LYS C 198 30.12 -41.48 30.02
C LYS C 198 29.49 -40.43 29.10
N GLU C 199 28.55 -40.87 28.29
CA GLU C 199 27.83 -39.98 27.38
C GLU C 199 27.55 -38.73 28.20
N ASN C 200 27.87 -37.56 27.69
CA ASN C 200 27.62 -36.39 28.49
C ASN C 200 26.39 -35.61 28.16
N LEU C 201 25.95 -34.93 29.19
CA LEU C 201 24.79 -34.07 29.19
C LEU C 201 25.24 -32.78 29.85
N ALA C 202 25.08 -31.65 29.18
CA ALA C 202 25.45 -30.38 29.80
C ALA C 202 24.38 -29.37 29.46
N PHE C 203 24.23 -28.37 30.31
CA PHE C 203 23.22 -27.36 30.10
C PHE C 203 23.85 -26.04 29.77
N PHE C 204 23.00 -25.10 29.35
CA PHE C 204 23.43 -23.76 29.02
C PHE C 204 22.19 -22.84 28.97
N THR C 205 22.37 -21.58 29.34
CA THR C 205 21.25 -20.66 29.41
C THR C 205 21.30 -19.37 28.60
N LEU C 206 20.41 -19.24 27.63
CA LEU C 206 20.35 -18.01 26.88
C LEU C 206 19.54 -17.06 27.77
N PRO C 207 20.14 -15.93 28.16
CA PRO C 207 19.51 -14.92 29.03
C PRO C 207 18.47 -14.09 28.34
N THR C 208 17.56 -13.62 29.17
CA THR C 208 16.47 -12.77 28.74
C THR C 208 17.03 -11.38 28.53
N GLN C 209 18.08 -11.07 29.27
CA GLN C 209 18.68 -9.76 29.19
C GLN C 209 20.18 -9.86 29.38
N PHE C 210 20.89 -8.87 28.86
CA PHE C 210 22.34 -8.82 28.99
C PHE C 210 22.71 -7.36 29.17
N GLY C 211 22.75 -6.90 30.43
CA GLY C 211 23.03 -5.53 30.74
C GLY C 211 21.81 -4.78 30.21
N THR C 212 21.99 -3.55 29.79
CA THR C 212 20.90 -2.74 29.25
C THR C 212 20.08 -3.53 28.26
N TYR C 213 20.79 -4.22 27.39
CA TYR C 213 20.21 -5.00 26.32
C TYR C 213 19.24 -6.10 26.67
N GLU C 214 18.10 -6.06 25.97
CA GLU C 214 17.00 -7.01 26.13
C GLU C 214 17.09 -8.04 25.00
N CYS C 215 17.13 -9.31 25.33
CA CYS C 215 17.24 -10.38 24.34
C CYS C 215 15.95 -11.13 24.08
N LYS C 216 15.35 -10.89 22.94
CA LYS C 216 14.10 -11.55 22.65
C LYS C 216 14.47 -12.72 21.80
N LEU C 217 15.65 -12.68 21.23
CA LEU C 217 16.11 -13.74 20.33
C LEU C 217 17.64 -13.86 20.26
N HIS C 218 18.16 -15.06 20.39
CA HIS C 218 19.61 -15.29 20.42
C HIS C 218 20.13 -16.03 19.21
N LEU C 219 21.29 -15.61 18.71
CA LEU C 219 21.87 -16.28 17.57
C LEU C 219 23.01 -17.09 18.13
N VAL C 220 22.87 -18.39 18.16
CA VAL C 220 23.94 -19.18 18.70
C VAL C 220 24.40 -20.14 17.63
N ALA C 221 25.61 -20.65 17.81
CA ALA C 221 26.15 -21.57 16.85
C ALA C 221 26.15 -23.00 17.35
N SER C 222 25.44 -23.86 16.63
CA SER C 222 25.39 -25.27 16.97
C SER C 222 26.44 -25.97 16.14
N CYS C 223 27.46 -26.52 16.78
CA CYS C 223 28.51 -27.17 16.02
C CYS C 223 28.63 -28.65 16.33
N TYR C 224 29.34 -29.38 15.48
CA TYR C 224 29.55 -30.81 15.69
C TYR C 224 30.64 -31.33 14.78
N PHE C 225 31.15 -32.51 15.09
CA PHE C 225 32.21 -33.13 14.31
C PHE C 225 31.69 -34.02 13.23
N ILE C 226 32.23 -33.83 12.05
CA ILE C 226 31.81 -34.63 10.93
C ILE C 226 32.83 -35.70 10.66
N TYR C 227 32.49 -36.95 10.98
CA TYR C 227 33.40 -38.07 10.73
C TYR C 227 33.17 -38.75 9.38
N ASP C 228 34.20 -39.36 8.83
CA ASP C 228 34.06 -39.98 7.53
C ASP C 228 33.18 -41.21 7.66
N SER C 229 33.31 -41.90 8.78
CA SER C 229 32.55 -43.13 8.96
C SER C 229 32.72 -43.73 10.35
N LYS C 230 31.86 -44.68 10.67
CA LYS C 230 31.92 -45.32 11.97
C LYS C 230 33.31 -45.74 12.42
N GLU C 231 33.82 -46.82 11.83
CA GLU C 231 35.17 -47.35 12.11
C GLU C 231 36.15 -46.19 12.30
N VAL C 232 36.17 -45.24 11.38
CA VAL C 232 37.06 -44.11 11.54
C VAL C 232 36.68 -43.49 12.85
N TYR C 233 35.41 -43.15 13.02
CA TYR C 233 35.03 -42.54 14.28
C TYR C 233 35.41 -43.49 15.39
N ASN C 234 35.12 -44.78 15.19
CA ASN C 234 35.43 -45.81 16.17
C ASN C 234 36.92 -45.96 16.43
N LYS C 235 37.74 -45.21 15.71
CA LYS C 235 39.17 -45.30 15.95
C LYS C 235 39.40 -44.68 17.33
N ARG C 236 38.90 -43.46 17.53
CA ARG C 236 39.06 -42.78 18.81
C ARG C 236 37.78 -42.73 19.64
N GLY C 237 36.65 -43.06 19.01
CA GLY C 237 35.36 -43.04 19.70
C GLY C 237 34.72 -44.40 19.91
N CYS C 238 33.83 -44.52 20.89
CA CYS C 238 33.24 -45.83 21.15
C CYS C 238 32.02 -46.36 20.43
N ASP C 239 30.93 -45.62 20.31
CA ASP C 239 29.84 -46.25 19.58
C ASP C 239 29.53 -45.57 18.26
N ASN C 240 28.71 -44.54 18.35
CA ASN C 240 28.38 -43.79 17.18
C ASN C 240 28.38 -42.36 17.60
N TYR C 241 29.04 -41.52 16.81
CA TYR C 241 29.12 -40.11 17.15
C TYR C 241 27.77 -39.43 17.18
N PHE C 242 27.66 -38.38 18.00
CA PHE C 242 26.43 -37.61 18.06
C PHE C 242 26.55 -36.45 19.02
N GLN C 243 25.88 -35.35 18.69
CA GLN C 243 25.83 -34.15 19.50
C GLN C 243 24.48 -33.54 19.18
N VAL C 244 23.70 -33.30 20.21
CA VAL C 244 22.37 -32.79 20.02
C VAL C 244 21.96 -31.76 21.04
N ILE C 245 21.22 -30.75 20.60
CA ILE C 245 20.79 -29.73 21.54
C ILE C 245 19.30 -29.81 21.64
N TYR C 246 18.87 -30.09 22.86
CA TYR C 246 17.46 -30.20 23.18
C TYR C 246 17.01 -28.93 23.84
N ASP C 247 15.70 -28.68 23.84
CA ASP C 247 15.18 -27.48 24.46
C ASP C 247 14.63 -27.84 25.83
N SER C 248 13.94 -26.92 26.50
CA SER C 248 13.38 -27.18 27.84
C SER C 248 12.75 -28.56 27.91
N PHE C 249 11.83 -28.85 26.99
CA PHE C 249 11.34 -30.17 26.98
C PHE C 249 12.37 -30.84 26.08
N GLY C 250 12.35 -32.16 25.93
CA GLY C 250 13.33 -32.80 25.07
C GLY C 250 13.26 -32.52 23.56
N LYS C 251 12.65 -31.41 23.17
CA LYS C 251 12.56 -31.08 21.74
C LYS C 251 13.99 -30.84 21.27
N VAL C 252 14.34 -31.25 20.06
CA VAL C 252 15.71 -30.98 19.64
C VAL C 252 15.70 -29.72 18.80
N VAL C 253 16.72 -28.91 18.98
CA VAL C 253 16.74 -27.67 18.25
C VAL C 253 17.92 -27.67 17.32
N GLY C 254 18.82 -28.65 17.51
CA GLY C 254 19.98 -28.75 16.63
C GLY C 254 21.01 -29.84 16.91
N GLY C 255 21.93 -30.02 15.97
CA GLY C 255 22.99 -30.98 16.19
C GLY C 255 23.17 -31.99 15.11
N LEU C 256 23.85 -33.07 15.44
CA LEU C 256 24.05 -34.15 14.49
C LEU C 256 24.02 -35.49 15.23
N ASP C 257 23.15 -36.39 14.79
CA ASP C 257 23.05 -37.68 15.45
C ASP C 257 23.38 -38.78 14.48
N ASN C 258 24.61 -39.25 14.58
CA ASN C 258 25.05 -40.29 13.68
C ASN C 258 24.46 -41.62 14.05
N ARG C 259 23.61 -41.64 15.06
CA ARG C 259 22.99 -42.90 15.40
C ARG C 259 21.80 -43.07 14.45
N VAL C 260 21.44 -42.02 13.70
CA VAL C 260 20.29 -42.13 12.79
C VAL C 260 20.52 -41.50 11.46
N SER C 261 21.53 -40.65 11.40
CA SER C 261 21.87 -40.04 10.13
C SER C 261 23.20 -40.67 9.73
N PRO C 262 23.48 -40.74 8.42
CA PRO C 262 24.73 -41.34 7.94
C PRO C 262 25.91 -40.43 8.15
N TYR C 263 27.10 -41.05 8.17
CA TYR C 263 28.37 -40.35 8.31
C TYR C 263 28.65 -39.76 6.93
N THR C 264 29.10 -38.51 6.88
CA THR C 264 29.30 -37.89 5.58
C THR C 264 30.64 -37.21 5.42
N GLY C 265 31.59 -37.57 6.26
CA GLY C 265 32.89 -36.92 6.19
C GLY C 265 33.79 -37.41 5.08
N ASN C 266 34.83 -36.64 4.78
CA ASN C 266 35.82 -36.98 3.74
C ASN C 266 37.07 -36.12 4.04
N SER C 267 37.59 -36.29 5.24
CA SER C 267 38.74 -35.54 5.70
C SER C 267 39.67 -36.55 6.31
N GLY C 268 39.44 -37.80 5.92
CA GLY C 268 40.25 -38.87 6.44
C GLY C 268 40.08 -39.08 7.93
N ASP C 269 41.14 -39.54 8.57
CA ASP C 269 41.12 -39.84 9.99
C ASP C 269 40.73 -38.79 10.99
N THR C 270 40.84 -37.51 10.67
CA THR C 270 40.39 -36.53 11.65
C THR C 270 39.10 -35.88 11.13
N PRO C 271 38.17 -35.55 12.04
CA PRO C 271 36.90 -34.95 11.66
C PRO C 271 37.01 -33.55 11.16
N THR C 272 35.87 -32.97 10.86
CA THR C 272 35.78 -31.62 10.39
C THR C 272 34.66 -31.03 11.24
N MET C 273 34.76 -29.77 11.56
CA MET C 273 33.74 -29.23 12.38
C MET C 273 32.75 -28.53 11.52
N GLN C 274 31.49 -28.59 11.92
CA GLN C 274 30.45 -27.93 11.19
C GLN C 274 29.69 -27.11 12.20
N CYS C 275 29.40 -25.87 11.82
CA CYS C 275 28.69 -24.95 12.69
C CYS C 275 27.44 -24.41 12.08
N ASP C 276 26.30 -24.80 12.63
CA ASP C 276 25.03 -24.29 12.14
C ASP C 276 24.61 -23.01 12.87
N MET C 277 23.92 -22.12 12.18
CA MET C 277 23.43 -20.90 12.82
C MET C 277 22.04 -21.22 13.36
N LEU C 278 21.80 -20.96 14.62
CA LEU C 278 20.52 -21.26 15.24
C LEU C 278 19.93 -20.03 15.86
N GLN C 279 18.61 -19.87 15.79
CA GLN C 279 18.01 -18.70 16.43
C GLN C 279 17.25 -19.29 17.59
N LEU C 280 17.58 -18.91 18.80
CA LEU C 280 16.91 -19.51 19.92
C LEU C 280 16.26 -18.51 20.83
N LYS C 281 15.07 -18.82 21.32
CA LYS C 281 14.38 -17.94 22.25
C LYS C 281 15.19 -18.07 23.56
N PRO C 282 15.11 -17.09 24.46
CA PRO C 282 15.91 -17.27 25.68
C PRO C 282 15.38 -18.39 26.52
N GLY C 283 16.28 -19.10 27.20
CA GLY C 283 15.87 -20.19 28.07
C GLY C 283 17.00 -21.12 28.45
N ARG C 284 16.65 -22.24 29.07
CA ARG C 284 17.66 -23.21 29.49
C ARG C 284 17.71 -24.39 28.52
N TYR C 285 18.78 -24.49 27.74
CA TYR C 285 18.94 -25.59 26.79
C TYR C 285 19.96 -26.59 27.30
N SER C 286 19.95 -27.79 26.74
CA SER C 286 20.90 -28.81 27.16
C SER C 286 21.42 -29.49 25.92
N VAL C 287 22.59 -30.10 26.07
CA VAL C 287 23.18 -30.78 24.96
C VAL C 287 23.69 -32.10 25.44
N ARG C 288 23.66 -33.07 24.54
CA ARG C 288 24.08 -34.42 24.85
C ARG C 288 25.01 -34.83 23.75
N SER C 289 26.06 -35.58 24.10
CA SER C 289 26.96 -35.98 23.06
C SER C 289 27.70 -37.21 23.43
N SER C 290 28.36 -37.82 22.44
CA SER C 290 29.16 -39.01 22.67
C SER C 290 30.23 -38.60 23.65
N PRO C 291 30.63 -39.51 24.54
CA PRO C 291 31.64 -39.26 25.57
C PRO C 291 32.82 -38.42 25.16
N ARG C 292 33.69 -38.94 24.29
CA ARG C 292 34.91 -38.22 23.89
C ARG C 292 34.90 -36.71 23.70
N PHE C 293 34.01 -36.18 22.86
CA PHE C 293 34.00 -34.75 22.62
C PHE C 293 32.69 -34.08 22.96
N LEU C 294 32.78 -32.83 23.38
CA LEU C 294 31.61 -32.02 23.66
C LEU C 294 31.93 -30.59 23.23
N LEU C 295 31.18 -30.12 22.23
CA LEU C 295 31.38 -28.77 21.74
C LEU C 295 30.27 -27.92 22.33
N MET C 296 30.51 -27.36 23.50
CA MET C 296 29.51 -26.57 24.20
C MET C 296 29.39 -25.13 23.76
N PRO C 297 28.20 -24.69 23.35
CA PRO C 297 28.03 -23.29 22.91
C PRO C 297 28.22 -22.39 24.13
N GLU C 298 29.00 -21.32 24.01
CA GLU C 298 29.22 -20.48 25.18
C GLU C 298 29.19 -18.99 24.93
N ARG C 299 28.51 -18.61 23.86
CA ARG C 299 28.43 -17.22 23.49
C ARG C 299 27.34 -17.02 22.43
N SER C 300 26.98 -15.78 22.17
CA SER C 300 25.96 -15.55 21.19
C SER C 300 25.74 -14.08 20.98
N TYR C 301 24.91 -13.78 19.98
CA TYR C 301 24.56 -12.40 19.75
C TYR C 301 23.12 -12.35 20.17
N CYS C 302 22.77 -11.31 20.87
CA CYS C 302 21.43 -11.17 21.40
C CYS C 302 20.69 -10.00 20.80
N PHE C 303 19.50 -10.27 20.28
CA PHE C 303 18.69 -9.24 19.67
C PHE C 303 17.34 -9.09 20.34
N ASP C 304 16.90 -7.86 20.58
CA ASP C 304 15.57 -7.62 21.09
C ASP C 304 14.88 -7.68 19.74
N MET C 305 13.58 -7.73 19.63
CA MET C 305 13.10 -7.72 18.25
C MET C 305 12.23 -6.51 18.11
N LYS C 306 12.46 -5.58 19.01
CA LYS C 306 11.75 -4.32 19.10
C LYS C 306 11.24 -3.69 17.83
N GLU C 307 12.10 -3.40 16.85
CA GLU C 307 11.61 -2.78 15.62
C GLU C 307 12.39 -3.06 14.33
N LYS C 308 11.73 -2.87 13.19
CA LYS C 308 12.33 -3.11 11.88
C LYS C 308 13.20 -1.90 11.49
N GLY C 309 14.18 -2.13 10.63
CA GLY C 309 15.03 -1.03 10.22
C GLY C 309 15.94 -1.39 9.07
N PRO C 310 16.54 -0.39 8.41
CA PRO C 310 17.44 -0.67 7.29
C PRO C 310 18.78 -1.18 7.75
N VAL C 311 19.53 -1.76 6.83
CA VAL C 311 20.85 -2.26 7.14
C VAL C 311 21.78 -2.11 5.94
N THR C 312 22.89 -1.43 6.15
CA THR C 312 23.82 -1.28 5.07
C THR C 312 25.02 -2.17 5.43
N ALA C 313 25.56 -2.85 4.45
CA ALA C 313 26.71 -3.70 4.70
C ALA C 313 27.71 -3.36 3.63
N VAL C 314 28.90 -2.95 4.06
CA VAL C 314 30.00 -2.57 3.16
C VAL C 314 30.87 -3.77 2.91
N GLN C 315 31.29 -4.01 1.67
CA GLN C 315 32.12 -5.19 1.45
C GLN C 315 33.48 -5.05 2.11
N SER C 316 33.97 -6.15 2.67
CA SER C 316 35.25 -6.13 3.37
C SER C 316 36.35 -7.01 2.78
N ILE C 317 37.34 -6.39 2.14
CA ILE C 317 38.42 -7.18 1.57
C ILE C 317 39.79 -6.61 1.77
N TRP C 318 40.77 -7.43 1.44
CA TRP C 318 42.14 -7.05 1.60
C TRP C 318 42.62 -6.34 0.38
N GLY C 319 43.70 -5.59 0.53
CA GLY C 319 44.27 -4.95 -0.64
C GLY C 319 44.90 -6.17 -1.31
N LYS C 320 45.56 -6.02 -2.45
CA LYS C 320 46.14 -7.22 -3.06
C LYS C 320 47.26 -7.73 -2.19
N GLY C 321 47.43 -9.05 -2.23
CA GLY C 321 48.45 -9.69 -1.43
C GLY C 321 47.86 -10.87 -0.70
N ARG C 322 46.82 -10.60 0.11
CA ARG C 322 46.13 -11.61 0.90
C ARG C 322 44.78 -11.99 0.27
N GLU C 323 44.34 -13.23 0.52
CA GLU C 323 43.08 -13.75 -0.03
C GLU C 323 41.84 -13.22 0.68
N SER C 324 40.88 -12.73 -0.09
CA SER C 324 39.64 -12.22 0.49
C SER C 324 38.42 -13.14 0.19
N ASP C 325 37.22 -12.70 0.60
CA ASP C 325 35.98 -13.47 0.37
C ASP C 325 34.70 -12.62 0.20
N TYR C 326 33.68 -13.20 -0.43
CA TYR C 326 32.48 -12.44 -0.64
C TYR C 326 31.27 -12.85 0.15
N ALA C 327 31.52 -13.51 1.27
CA ALA C 327 30.47 -13.96 2.18
C ALA C 327 29.55 -12.81 2.45
N VAL C 328 30.12 -11.71 2.88
CA VAL C 328 29.33 -10.52 3.17
C VAL C 328 28.40 -10.19 2.00
N ASP C 329 29.01 -9.98 0.85
CA ASP C 329 28.29 -9.64 -0.36
C ASP C 329 27.16 -10.61 -0.56
N GLN C 330 27.53 -11.87 -0.70
CA GLN C 330 26.53 -12.89 -0.90
C GLN C 330 25.42 -12.73 0.13
N ALA C 331 25.79 -12.75 1.41
CA ALA C 331 24.82 -12.60 2.47
C ALA C 331 23.93 -11.35 2.32
N CYS C 332 24.52 -10.16 2.21
CA CYS C 332 23.67 -9.00 2.09
C CYS C 332 22.67 -9.19 0.96
N LEU C 333 23.18 -9.51 -0.21
CA LEU C 333 22.27 -9.67 -1.31
C LEU C 333 21.21 -10.74 -1.11
N SER C 334 21.41 -11.64 -0.17
CA SER C 334 20.43 -12.70 0.00
C SER C 334 19.53 -12.51 1.19
N THR C 335 19.38 -11.29 1.68
CA THR C 335 18.51 -11.08 2.82
C THR C 335 17.82 -9.75 2.66
N PRO C 336 16.50 -9.73 2.86
CA PRO C 336 15.68 -8.52 2.73
C PRO C 336 16.03 -7.53 3.80
N GLY C 337 16.16 -6.26 3.40
CA GLY C 337 16.50 -5.25 4.37
C GLY C 337 17.93 -4.73 4.32
N CYS C 338 18.92 -5.50 3.89
CA CYS C 338 20.23 -4.86 3.86
C CYS C 338 20.63 -4.46 2.47
N MET C 339 21.41 -3.40 2.38
CA MET C 339 21.88 -2.87 1.12
C MET C 339 23.39 -3.05 1.09
N LEU C 340 23.88 -3.69 0.04
CA LEU C 340 25.30 -3.97 -0.09
C LEU C 340 26.06 -2.87 -0.82
N ILE C 341 27.25 -2.52 -0.32
CA ILE C 341 28.11 -1.49 -0.93
C ILE C 341 29.35 -2.19 -1.44
N GLN C 342 29.61 -2.12 -2.75
CA GLN C 342 30.82 -2.76 -3.28
C GLN C 342 31.66 -1.87 -4.13
N LYS C 343 32.94 -2.21 -4.17
CA LYS C 343 33.92 -1.46 -4.92
C LYS C 343 34.05 -2.06 -6.29
N GLN C 344 34.36 -1.21 -7.26
CA GLN C 344 34.56 -1.63 -8.64
C GLN C 344 36.06 -1.89 -8.82
N LYS C 345 36.85 -0.96 -8.31
CA LYS C 345 38.29 -1.06 -8.43
C LYS C 345 38.81 -1.77 -7.19
N PRO C 346 40.06 -2.26 -7.22
CA PRO C 346 40.64 -2.96 -6.07
C PRO C 346 40.98 -2.06 -4.90
N TYR C 347 41.51 -2.66 -3.84
CA TYR C 347 41.88 -1.91 -2.65
C TYR C 347 43.35 -1.52 -2.72
N ILE C 348 43.62 -0.25 -2.44
CA ILE C 348 45.00 0.28 -2.36
C ILE C 348 44.92 1.38 -1.31
N GLY C 349 45.49 1.09 -0.15
CA GLY C 349 45.42 2.02 0.95
C GLY C 349 46.52 3.04 1.08
N GLU C 350 46.18 4.14 1.72
CA GLU C 350 47.09 5.24 1.95
C GLU C 350 48.04 4.92 3.12
N ALA C 351 47.49 4.60 4.28
CA ALA C 351 48.31 4.28 5.42
C ALA C 351 49.26 3.17 5.00
N ASP C 352 48.71 2.14 4.39
CA ASP C 352 49.49 1.02 3.91
C ASP C 352 48.66 0.34 2.85
N ASP C 353 49.12 -0.78 2.32
CA ASP C 353 48.37 -1.41 1.25
C ASP C 353 46.93 -1.79 1.53
N HIS C 354 46.55 -1.91 2.79
CA HIS C 354 45.20 -2.33 3.15
C HIS C 354 44.29 -1.37 3.89
N HIS C 355 44.69 -0.10 4.04
CA HIS C 355 43.85 0.85 4.74
C HIS C 355 43.78 2.22 4.10
N GLY C 356 42.56 2.70 3.87
CA GLY C 356 42.38 4.02 3.28
C GLY C 356 42.31 4.04 1.77
N ASP C 357 41.38 3.28 1.19
CA ASP C 357 41.22 3.23 -0.27
C ASP C 357 40.30 4.36 -0.72
N GLN C 358 40.70 5.05 -1.77
CA GLN C 358 39.94 6.18 -2.30
C GLN C 358 38.49 5.82 -2.60
N GLU C 359 38.28 4.88 -3.52
CA GLU C 359 36.92 4.46 -3.89
C GLU C 359 36.02 4.36 -2.64
N MET C 360 36.37 3.42 -1.77
CA MET C 360 35.61 3.22 -0.56
C MET C 360 35.27 4.50 0.13
N ARG C 361 36.20 5.46 0.15
CA ARG C 361 35.99 6.72 0.85
C ARG C 361 34.89 7.51 0.22
N GLU C 362 34.95 7.69 -1.09
CA GLU C 362 33.91 8.46 -1.76
C GLU C 362 32.64 7.64 -1.79
N LEU C 363 32.74 6.39 -1.37
CA LEU C 363 31.56 5.52 -1.33
C LEU C 363 30.83 5.76 0.00
N LEU C 364 31.58 5.66 1.10
CA LEU C 364 31.01 5.84 2.41
C LEU C 364 30.96 7.33 2.82
N SER C 365 31.15 8.23 1.88
CA SER C 365 31.11 9.66 2.21
C SER C 365 29.69 10.10 2.56
N GLY C 366 28.72 9.45 1.92
CA GLY C 366 27.33 9.76 2.14
C GLY C 366 26.93 9.66 3.59
N LEU C 367 27.62 8.82 4.36
CA LEU C 367 27.29 8.65 5.77
C LEU C 367 27.37 9.96 6.52
N ASP C 368 27.83 11.00 5.85
CA ASP C 368 27.94 12.28 6.52
C ASP C 368 26.75 13.21 6.25
N TYR C 369 25.96 12.91 5.22
CA TYR C 369 24.84 13.77 4.93
C TYR C 369 23.54 13.05 5.16
N GLU C 370 22.44 13.79 5.09
CA GLU C 370 21.12 13.22 5.26
C GLU C 370 20.47 13.11 3.90
N ALA C 371 20.18 11.90 3.47
CA ALA C 371 19.58 11.67 2.16
C ALA C 371 18.07 11.74 2.22
N ARG C 372 17.44 11.86 1.05
CA ARG C 372 15.99 11.89 0.98
C ARG C 372 15.53 10.45 0.82
N CYS C 373 16.42 9.64 0.25
CA CYS C 373 16.14 8.25 0.01
C CYS C 373 17.42 7.45 -0.17
N ILE C 374 17.37 6.17 0.18
CA ILE C 374 18.52 5.30 0.05
C ILE C 374 18.02 3.99 -0.53
N SER C 375 18.75 3.46 -1.49
CA SER C 375 18.33 2.24 -2.14
C SER C 375 19.53 1.42 -2.44
N GLN C 376 19.30 0.20 -2.90
CA GLN C 376 20.38 -0.71 -3.25
C GLN C 376 20.93 -0.18 -4.54
N SER C 377 20.30 0.86 -5.10
CA SER C 377 20.76 1.43 -6.36
C SER C 377 21.56 2.71 -6.14
N GLY C 378 21.63 3.15 -4.90
CA GLY C 378 22.40 4.34 -4.56
C GLY C 378 21.50 5.23 -3.76
N TRP C 379 21.99 6.41 -3.39
CA TRP C 379 21.18 7.35 -2.63
C TRP C 379 21.05 8.69 -3.34
N VAL C 380 20.13 9.51 -2.86
CA VAL C 380 19.87 10.79 -3.49
C VAL C 380 19.43 11.76 -2.44
N ASN C 381 20.00 12.95 -2.47
CA ASN C 381 19.62 13.96 -1.51
C ASN C 381 18.92 15.12 -2.17
N GLU C 382 18.82 15.04 -3.50
CA GLU C 382 18.15 16.07 -4.29
C GLU C 382 16.62 15.95 -4.04
N THR C 383 15.81 16.73 -4.76
CA THR C 383 14.37 16.70 -4.51
C THR C 383 13.32 16.35 -5.62
N SER C 384 13.71 16.31 -6.89
CA SER C 384 12.75 15.96 -7.93
C SER C 384 12.18 14.58 -7.66
N PRO C 385 10.95 14.34 -8.12
CA PRO C 385 10.31 13.05 -7.93
C PRO C 385 10.58 12.04 -9.06
N PHE C 386 11.54 12.32 -9.93
CA PHE C 386 11.79 11.35 -10.99
C PHE C 386 13.26 11.05 -11.24
N THR C 387 13.51 9.87 -11.82
CA THR C 387 14.87 9.40 -12.12
C THR C 387 14.82 8.55 -13.38
N GLU C 388 15.96 8.48 -14.06
CA GLU C 388 16.09 7.73 -15.30
C GLU C 388 15.94 6.22 -15.16
N LYS C 389 16.61 5.62 -14.18
CA LYS C 389 16.50 4.18 -13.98
C LYS C 389 15.90 3.86 -12.62
N TYR C 390 15.16 2.75 -12.60
CA TYR C 390 14.48 2.21 -11.42
C TYR C 390 15.44 1.96 -10.28
N LEU C 391 15.18 2.58 -9.14
CA LEU C 391 16.04 2.38 -7.97
C LEU C 391 15.89 0.97 -7.41
N LEU C 392 16.97 0.37 -6.96
CA LEU C 392 16.89 -0.99 -6.48
C LEU C 392 16.36 -1.33 -5.09
N PRO C 393 15.42 -2.26 -5.06
CA PRO C 393 14.66 -2.87 -4.02
C PRO C 393 14.91 -2.50 -2.60
N PRO C 394 16.00 -2.99 -1.99
CA PRO C 394 15.97 -2.49 -0.61
C PRO C 394 16.18 -1.00 -0.62
N LYS C 395 15.11 -0.26 -0.37
CA LYS C 395 15.22 1.18 -0.43
C LYS C 395 14.27 1.78 0.56
N PHE C 396 14.70 2.86 1.20
CA PHE C 396 13.89 3.53 2.22
C PHE C 396 13.85 5.04 2.06
N GLY C 397 12.72 5.63 2.38
CA GLY C 397 12.58 7.07 2.28
C GLY C 397 11.66 7.47 1.15
N ARG C 398 11.81 8.70 0.67
CA ARG C 398 10.98 9.21 -0.42
C ARG C 398 11.68 9.03 -1.77
N CYS C 399 11.82 7.79 -2.22
CA CYS C 399 12.50 7.54 -3.47
C CYS C 399 11.77 7.99 -4.72
N PRO C 400 12.48 8.63 -5.64
CA PRO C 400 11.96 9.12 -6.90
C PRO C 400 11.58 7.93 -7.76
N LEU C 401 10.74 8.21 -8.76
CA LEU C 401 10.26 7.19 -9.65
C LEU C 401 10.89 7.28 -11.03
N ALA C 402 10.93 6.14 -11.69
CA ALA C 402 11.51 6.06 -13.03
C ALA C 402 10.58 6.70 -14.05
N ALA C 403 11.15 7.48 -14.96
CA ALA C 403 10.39 8.13 -16.02
C ALA C 403 11.29 8.63 -17.13
N LYS C 404 10.86 8.39 -18.36
CA LYS C 404 11.64 8.83 -19.52
C LYS C 404 11.73 10.35 -19.49
N GLU C 405 12.92 10.88 -19.75
CA GLU C 405 13.13 12.32 -19.75
C GLU C 405 12.04 13.04 -20.54
N GLU C 406 11.77 12.56 -21.74
CA GLU C 406 10.74 13.15 -22.58
C GLU C 406 9.41 13.26 -21.84
N SER C 407 8.87 12.11 -21.45
CA SER C 407 7.59 12.00 -20.77
C SER C 407 7.31 12.99 -19.63
N ILE C 408 8.33 13.65 -19.08
CA ILE C 408 8.02 14.60 -18.01
C ILE C 408 7.47 15.86 -18.63
N PRO C 409 6.52 16.53 -17.95
CA PRO C 409 5.83 17.76 -18.37
C PRO C 409 6.73 18.96 -18.63
N LYS C 410 6.30 19.78 -19.60
CA LYS C 410 7.03 20.98 -20.02
C LYS C 410 6.40 22.34 -19.71
N ILE C 411 7.25 23.25 -19.26
CA ILE C 411 6.85 24.60 -18.94
C ILE C 411 7.26 25.59 -20.00
N PRO C 412 6.31 26.45 -20.42
CA PRO C 412 6.55 27.46 -21.44
C PRO C 412 7.58 28.47 -20.96
N ASP C 413 8.44 28.91 -21.88
CA ASP C 413 9.47 29.87 -21.54
C ASP C 413 9.91 30.78 -22.68
N GLY C 414 10.36 31.98 -22.29
CA GLY C 414 10.82 32.93 -23.28
C GLY C 414 9.75 33.95 -23.60
N LEU C 415 9.28 33.93 -24.84
CA LEU C 415 8.24 34.86 -25.23
C LEU C 415 6.92 34.13 -25.17
N LEU C 416 5.96 34.70 -24.44
CA LEU C 416 4.66 34.07 -24.29
C LEU C 416 3.59 34.88 -24.96
N ILE C 417 2.78 34.24 -25.79
CA ILE C 417 1.68 34.96 -26.43
C ILE C 417 0.41 34.17 -26.12
N PRO C 418 -0.55 34.82 -25.43
CA PRO C 418 -1.79 34.13 -25.08
C PRO C 418 -2.67 33.89 -26.27
N THR C 419 -3.20 32.68 -26.39
CA THR C 419 -4.10 32.36 -27.48
C THR C 419 -5.50 32.63 -26.93
N SER C 420 -6.42 32.99 -27.81
CA SER C 420 -7.77 33.24 -27.35
C SER C 420 -8.61 31.96 -27.41
N GLY C 421 -9.77 32.06 -28.07
CA GLY C 421 -10.66 30.94 -28.17
C GLY C 421 -10.31 29.89 -29.20
N THR C 422 -11.27 29.58 -30.05
CA THR C 422 -11.12 28.56 -31.08
C THR C 422 -10.24 28.92 -32.28
N ASP C 423 -10.86 29.31 -33.39
CA ASP C 423 -10.12 29.66 -34.59
C ASP C 423 -9.37 30.99 -34.46
N THR C 424 -9.20 31.43 -33.21
CA THR C 424 -8.49 32.67 -32.86
C THR C 424 -7.21 32.75 -33.70
N THR C 425 -6.51 31.63 -33.76
CA THR C 425 -5.27 31.49 -34.53
C THR C 425 -5.57 31.33 -36.03
N VAL C 426 -5.34 32.36 -36.83
CA VAL C 426 -5.60 32.25 -38.26
C VAL C 426 -4.34 32.54 -39.10
N THR C 427 -4.16 31.75 -40.15
CA THR C 427 -3.01 31.83 -41.04
C THR C 427 -2.86 33.09 -41.89
N ILE D 4 -10.64 35.89 -38.66
CA ILE D 4 -9.89 37.11 -38.29
C ILE D 4 -10.46 38.41 -38.91
N ASP D 5 -9.63 39.12 -39.67
CA ASP D 5 -10.04 40.35 -40.33
C ASP D 5 -9.00 40.89 -41.32
N ASP D 6 -9.22 40.60 -42.60
CA ASP D 6 -8.32 41.05 -43.67
C ASP D 6 -6.91 40.45 -43.52
N LEU D 7 -6.00 41.19 -42.86
CA LEU D 7 -4.61 40.74 -42.69
C LEU D 7 -3.94 41.29 -41.41
N ILE D 8 -4.54 42.30 -40.79
CA ILE D 8 -3.99 42.90 -39.57
C ILE D 8 -5.00 42.78 -38.43
N ILE D 9 -5.28 41.52 -38.10
CA ILE D 9 -6.26 41.15 -37.09
C ILE D 9 -6.13 41.78 -35.72
N GLY D 10 -7.28 41.92 -35.05
CA GLY D 10 -7.32 42.51 -33.73
C GLY D 10 -6.63 41.72 -32.63
N VAL D 11 -6.89 42.10 -31.38
CA VAL D 11 -6.29 41.44 -30.23
C VAL D 11 -7.09 40.17 -29.92
N LEU D 12 -7.96 39.80 -30.87
CA LEU D 12 -8.80 38.61 -30.71
C LEU D 12 -8.21 37.38 -31.34
N PHE D 13 -7.60 37.57 -32.50
CA PHE D 13 -6.99 36.46 -33.25
C PHE D 13 -5.47 36.56 -33.23
N VAL D 14 -4.82 35.58 -33.85
CA VAL D 14 -3.36 35.57 -33.93
C VAL D 14 -2.86 35.05 -35.28
N ALA D 15 -2.04 35.90 -35.90
CA ALA D 15 -1.50 35.64 -37.21
C ALA D 15 -0.48 34.55 -37.19
N ILE D 16 -0.64 33.59 -38.09
CA ILE D 16 0.29 32.49 -38.19
C ILE D 16 1.05 32.59 -39.51
N VAL D 17 2.26 33.13 -39.43
CA VAL D 17 3.11 33.30 -40.61
C VAL D 17 4.42 32.53 -40.52
N GLU D 18 4.29 31.21 -40.66
CA GLU D 18 5.41 30.26 -40.62
C GLU D 18 6.83 30.82 -40.83
N THR D 19 6.96 31.84 -41.68
CA THR D 19 8.28 32.38 -41.96
C THR D 19 8.46 33.87 -41.75
N GLY D 20 7.40 34.55 -41.35
CA GLY D 20 7.48 35.99 -41.14
C GLY D 20 7.97 36.35 -39.74
N ILE D 21 7.92 37.64 -39.42
CA ILE D 21 8.32 38.13 -38.10
C ILE D 21 7.40 37.51 -37.06
N GLY D 22 7.74 37.63 -35.79
CA GLY D 22 6.90 37.06 -34.76
C GLY D 22 6.88 37.87 -33.49
N GLY D 23 5.73 37.97 -32.85
CA GLY D 23 5.66 38.72 -31.63
C GLY D 23 4.45 39.62 -31.59
N TYR D 24 4.53 40.60 -30.69
CA TYR D 24 3.45 41.57 -30.57
C TYR D 24 3.89 42.72 -31.45
N LEU D 25 2.99 43.23 -32.28
CA LEU D 25 3.36 44.33 -33.16
C LEU D 25 2.16 45.13 -33.65
N LEU D 26 2.45 46.27 -34.26
CA LEU D 26 1.43 47.19 -34.79
C LEU D 26 1.14 46.94 -36.27
N GLY D 27 -0.07 46.46 -36.54
CA GLY D 27 -0.47 46.19 -37.91
C GLY D 27 -1.37 47.29 -38.46
N SER D 28 -0.81 48.08 -39.39
CA SER D 28 -1.51 49.20 -40.01
C SER D 28 -1.77 48.98 -41.50
N ARG D 29 -2.91 49.51 -41.96
CA ARG D 29 -3.30 49.41 -43.36
C ARG D 29 -4.33 50.48 -43.72
N LYS D 30 -4.13 51.12 -44.87
CA LYS D 30 -5.04 52.17 -45.35
C LYS D 30 -6.07 51.53 -46.29
N GLU D 31 -7.15 52.24 -46.60
CA GLU D 31 -8.19 51.70 -47.49
C GLU D 31 -7.85 51.76 -48.98
N SER D 32 -7.01 52.73 -49.34
CA SER D 32 -6.54 52.92 -50.71
C SER D 32 -5.05 52.56 -50.75
N GLY D 33 -4.70 51.48 -50.05
CA GLY D 33 -3.33 51.04 -50.00
C GLY D 33 -3.19 49.51 -50.00
N GLY D 34 -2.16 49.01 -50.68
CA GLY D 34 -1.91 47.59 -50.74
C GLY D 34 -0.85 47.19 -49.73
N GLY D 35 0.01 48.14 -49.35
CA GLY D 35 1.05 47.88 -48.38
C GLY D 35 0.52 47.84 -46.96
N VAL D 36 0.52 46.63 -46.37
CA VAL D 36 0.03 46.40 -45.02
C VAL D 36 1.19 46.43 -44.01
N THR D 37 1.60 47.63 -43.61
CA THR D 37 2.71 47.77 -42.68
C THR D 37 2.55 47.03 -41.35
N LYS D 38 3.64 46.36 -40.96
CA LYS D 38 3.74 45.58 -39.72
C LYS D 38 4.99 46.11 -39.04
N GLU D 39 4.91 46.50 -37.79
CA GLU D 39 6.10 47.00 -37.14
C GLU D 39 5.91 46.98 -35.63
N SER D 40 6.98 46.72 -34.88
CA SER D 40 6.84 46.66 -33.43
C SER D 40 7.09 48.00 -32.77
N ALA D 41 6.31 48.28 -31.72
CA ALA D 41 6.44 49.52 -30.96
C ALA D 41 7.01 49.19 -29.58
N GLU D 42 8.27 48.82 -29.56
CA GLU D 42 8.97 48.45 -28.35
C GLU D 42 8.68 49.36 -27.15
N LYS D 43 7.92 50.43 -27.35
CA LYS D 43 7.62 51.29 -26.20
C LYS D 43 6.28 50.87 -25.58
N GLY D 44 5.40 50.32 -26.40
CA GLY D 44 4.12 49.84 -25.90
C GLY D 44 4.31 48.45 -25.29
N PHE D 45 5.14 47.66 -25.98
CA PHE D 45 5.53 46.29 -25.60
C PHE D 45 6.04 46.37 -24.14
N GLU D 46 6.75 47.44 -23.83
CA GLU D 46 7.31 47.66 -22.50
C GLU D 46 6.44 47.16 -21.39
N LYS D 47 5.13 47.19 -21.57
CA LYS D 47 4.26 46.70 -20.53
C LYS D 47 4.17 45.18 -20.67
N ILE D 48 3.55 44.71 -21.75
CA ILE D 48 3.40 43.28 -22.00
C ILE D 48 4.66 42.53 -21.58
N GLY D 49 5.80 42.95 -22.14
CA GLY D 49 7.06 42.32 -21.84
C GLY D 49 7.34 42.13 -20.36
N ASN D 50 7.16 43.19 -19.59
CA ASN D 50 7.39 43.14 -18.16
C ASN D 50 6.35 42.23 -17.50
N ASP D 51 5.10 42.37 -17.92
CA ASP D 51 4.03 41.56 -17.37
C ASP D 51 4.30 40.10 -17.67
N ILE D 52 4.82 39.83 -18.86
CA ILE D 52 5.16 38.46 -19.25
C ILE D 52 6.13 37.93 -18.20
N GLN D 53 7.06 38.77 -17.78
CA GLN D 53 8.03 38.36 -16.77
C GLN D 53 7.31 38.04 -15.48
N ILE D 54 6.57 39.01 -14.98
CA ILE D 54 5.82 38.81 -13.76
C ILE D 54 5.08 37.47 -13.86
N LEU D 55 4.45 37.23 -15.00
CA LEU D 55 3.71 36.00 -15.21
C LEU D 55 4.61 34.77 -15.11
N LYS D 56 5.65 34.74 -15.94
CA LYS D 56 6.59 33.63 -15.96
C LYS D 56 7.13 33.40 -14.55
N SER D 57 7.21 34.47 -13.77
CA SER D 57 7.70 34.36 -12.41
C SER D 57 6.81 33.42 -11.58
N SER D 58 5.49 33.60 -11.68
CA SER D 58 4.56 32.76 -10.93
C SER D 58 4.83 31.25 -11.08
N ILE D 59 4.98 30.77 -12.32
CA ILE D 59 5.23 29.34 -12.53
C ILE D 59 6.22 28.81 -11.52
N ASN D 60 7.43 29.38 -11.53
CA ASN D 60 8.51 28.96 -10.61
C ASN D 60 7.96 28.68 -9.22
N ILE D 61 7.24 29.66 -8.69
CA ILE D 61 6.63 29.54 -7.38
C ILE D 61 5.76 28.28 -7.33
N ALA D 62 4.63 28.34 -8.01
CA ALA D 62 3.71 27.23 -8.05
C ALA D 62 4.38 25.90 -8.32
N ILE D 63 5.37 25.87 -9.22
CA ILE D 63 6.03 24.62 -9.50
C ILE D 63 6.80 24.21 -8.29
N GLU D 64 7.58 25.13 -7.77
CA GLU D 64 8.37 24.87 -6.58
C GLU D 64 7.39 24.36 -5.52
N LYS D 65 6.24 25.03 -5.46
CA LYS D 65 5.16 24.73 -4.52
C LYS D 65 4.65 23.29 -4.50
N LEU D 66 4.89 22.55 -5.58
CA LEU D 66 4.48 21.16 -5.66
C LEU D 66 5.22 20.33 -4.60
N ASN D 67 4.67 20.36 -3.37
CA ASN D 67 5.23 19.68 -2.20
C ASN D 67 5.29 18.13 -2.25
N ASP D 68 5.77 17.62 -3.36
CA ASP D 68 5.89 16.19 -3.56
C ASP D 68 4.70 15.42 -3.08
N ARG D 69 3.92 15.01 -4.07
CA ARG D 69 2.78 14.17 -3.85
C ARG D 69 3.55 12.83 -3.94
N ILE D 70 4.79 12.88 -3.46
CA ILE D 70 5.72 11.77 -3.47
C ILE D 70 5.72 11.00 -2.14
N SER D 71 5.61 9.69 -2.29
CA SER D 71 5.54 8.69 -1.21
C SER D 71 6.78 8.46 -0.36
N HIS D 72 6.56 8.09 0.90
CA HIS D 72 7.66 7.78 1.81
C HIS D 72 7.68 6.29 1.94
N ASP D 73 8.81 5.67 1.60
CA ASP D 73 8.93 4.23 1.61
C ASP D 73 9.78 3.60 2.67
N GLU D 74 9.40 2.39 3.00
CA GLU D 74 10.12 1.58 3.96
C GLU D 74 10.06 0.20 3.30
N GLN D 75 10.67 0.09 2.12
CA GLN D 75 10.70 -1.16 1.34
C GLN D 75 11.97 -1.96 1.64
N ALA D 76 11.86 -2.93 2.54
CA ALA D 76 13.02 -3.72 2.92
C ALA D 76 13.13 -4.96 2.09
N ILE D 77 11.98 -5.43 1.68
CA ILE D 77 11.86 -6.63 0.84
C ILE D 77 12.64 -6.38 -0.44
N ARG D 78 13.10 -7.44 -1.09
CA ARG D 78 13.93 -7.27 -2.30
C ARG D 78 13.21 -7.47 -3.63
N ASP D 79 12.02 -8.04 -3.61
CA ASP D 79 11.24 -8.29 -4.84
C ASP D 79 11.14 -7.03 -5.70
N LEU D 80 11.16 -7.23 -7.01
CA LEU D 80 11.07 -6.10 -7.97
C LEU D 80 9.67 -5.51 -7.94
N THR D 81 9.59 -4.19 -8.11
CA THR D 81 8.31 -3.50 -8.09
C THR D 81 8.10 -2.58 -9.28
N LEU D 82 8.92 -2.72 -10.32
CA LEU D 82 8.79 -1.85 -11.49
C LEU D 82 7.39 -1.66 -12.02
N GLU D 83 6.66 -2.76 -12.15
CA GLU D 83 5.28 -2.73 -12.64
C GLU D 83 4.49 -1.79 -11.75
N ILE D 84 4.89 -1.68 -10.48
CA ILE D 84 4.23 -0.79 -9.55
C ILE D 84 4.84 0.60 -9.64
N GLU D 85 6.15 0.69 -9.46
CA GLU D 85 6.82 1.99 -9.53
C GLU D 85 6.37 2.65 -10.81
N ASN D 86 6.39 1.90 -11.90
CA ASN D 86 5.98 2.43 -13.17
C ASN D 86 4.59 3.07 -13.08
N ALA D 87 3.59 2.28 -12.71
CA ALA D 87 2.23 2.77 -12.59
C ALA D 87 2.06 3.96 -11.63
N ARG D 88 2.90 4.00 -10.60
CA ARG D 88 2.82 5.08 -9.65
C ARG D 88 3.31 6.33 -10.37
N SER D 89 4.35 6.15 -11.18
CA SER D 89 4.92 7.26 -11.92
C SER D 89 3.95 7.76 -12.99
N GLU D 90 3.42 6.86 -13.82
CA GLU D 90 2.48 7.23 -14.88
C GLU D 90 1.39 8.10 -14.29
N ALA D 91 0.98 7.81 -13.06
CA ALA D 91 -0.05 8.59 -12.41
C ALA D 91 0.49 9.96 -11.99
N LEU D 92 1.52 9.98 -11.17
CA LEU D 92 2.10 11.25 -10.73
C LEU D 92 2.40 12.13 -11.91
N LEU D 93 2.77 11.51 -13.02
CA LEU D 93 3.05 12.27 -14.21
C LEU D 93 1.76 12.93 -14.60
N GLY D 94 0.73 12.12 -14.73
CA GLY D 94 -0.57 12.65 -15.08
C GLY D 94 -0.98 13.76 -14.14
N GLU D 95 -0.89 13.56 -12.83
CA GLU D 95 -1.31 14.59 -11.88
C GLU D 95 -0.62 15.88 -12.23
N LEU D 96 0.69 15.79 -12.48
CA LEU D 96 1.49 16.96 -12.82
C LEU D 96 1.01 17.65 -14.10
N GLY D 97 0.69 16.84 -15.11
CA GLY D 97 0.20 17.42 -16.35
C GLY D 97 -0.97 18.36 -16.11
N ILE D 98 -2.00 17.89 -15.43
CA ILE D 98 -3.13 18.76 -15.17
C ILE D 98 -2.70 20.04 -14.49
N ILE D 99 -2.04 19.93 -13.36
CA ILE D 99 -1.67 21.16 -12.68
C ILE D 99 -0.78 22.01 -13.59
N ARG D 100 -0.17 21.39 -14.60
CA ARG D 100 0.65 22.17 -15.54
C ARG D 100 -0.28 23.01 -16.41
N ALA D 101 -1.19 22.35 -17.11
CA ALA D 101 -2.16 23.03 -17.95
C ALA D 101 -2.80 24.14 -17.10
N LEU D 102 -3.06 23.83 -15.84
CA LEU D 102 -3.65 24.82 -14.95
C LEU D 102 -2.79 26.08 -14.97
N LEU D 103 -1.48 25.93 -14.99
CA LEU D 103 -0.59 27.10 -15.01
C LEU D 103 -0.62 27.80 -16.36
N VAL D 104 -0.39 27.08 -17.45
CA VAL D 104 -0.41 27.65 -18.78
C VAL D 104 -1.69 28.46 -18.99
N GLY D 105 -2.84 27.86 -18.71
CA GLY D 105 -4.10 28.56 -18.88
C GLY D 105 -4.14 29.86 -18.11
N ASN D 106 -3.78 29.79 -16.83
CA ASN D 106 -3.80 30.99 -15.99
C ASN D 106 -2.95 32.08 -16.62
N ILE D 107 -1.76 31.71 -17.07
CA ILE D 107 -0.87 32.64 -17.70
C ILE D 107 -1.63 33.20 -18.89
N SER D 108 -1.95 32.33 -19.83
CA SER D 108 -2.69 32.71 -21.01
C SER D 108 -3.73 33.75 -20.62
N ILE D 109 -4.65 33.37 -19.75
CA ILE D 109 -5.71 34.26 -19.29
C ILE D 109 -5.17 35.62 -18.87
N GLY D 110 -4.23 35.61 -17.92
CA GLY D 110 -3.65 36.85 -17.43
C GLY D 110 -2.94 37.69 -18.47
N LEU D 111 -2.33 37.03 -19.46
CA LEU D 111 -1.63 37.73 -20.52
C LEU D 111 -2.64 38.47 -21.39
N GLN D 112 -3.65 37.75 -21.87
CA GLN D 112 -4.66 38.37 -22.70
C GLN D 112 -5.32 39.49 -21.93
N GLU D 113 -5.73 39.20 -20.71
CA GLU D 113 -6.37 40.22 -19.90
C GLU D 113 -5.48 41.42 -19.81
N SER D 114 -4.20 41.19 -20.05
CA SER D 114 -3.20 42.24 -20.01
C SER D 114 -3.02 42.98 -21.33
N LEU D 115 -3.46 42.37 -22.42
CA LEU D 115 -3.38 42.99 -23.71
C LEU D 115 -4.59 43.91 -23.79
N TRP D 116 -5.66 43.55 -23.10
CA TRP D 116 -6.85 44.38 -23.06
C TRP D 116 -6.49 45.64 -22.23
N GLU D 117 -5.48 45.54 -21.38
CA GLU D 117 -5.05 46.66 -20.53
C GLU D 117 -4.43 47.74 -21.39
N LEU D 118 -3.83 47.32 -22.51
CA LEU D 118 -3.20 48.24 -23.45
C LEU D 118 -4.27 48.97 -24.20
N ALA D 119 -5.13 48.23 -24.90
CA ALA D 119 -6.24 48.83 -25.63
C ALA D 119 -6.81 49.97 -24.80
N SER D 120 -7.51 49.64 -23.72
CA SER D 120 -8.09 50.65 -22.84
C SER D 120 -7.16 51.86 -22.75
N GLU D 121 -5.89 51.60 -22.44
CA GLU D 121 -4.90 52.67 -22.30
C GLU D 121 -4.69 53.42 -23.61
N ILE D 122 -4.60 52.70 -24.73
CA ILE D 122 -4.41 53.35 -26.02
C ILE D 122 -5.69 54.11 -26.37
N THR D 123 -6.83 53.45 -26.23
CA THR D 123 -8.09 54.11 -26.51
C THR D 123 -8.18 55.37 -25.67
N ASN D 124 -7.83 55.24 -24.39
CA ASN D 124 -7.85 56.38 -23.48
C ASN D 124 -6.70 57.31 -23.91
N ARG D 125 -6.73 57.75 -25.16
CA ARG D 125 -5.68 58.63 -25.61
C ARG D 125 -6.15 59.66 -26.59
N ALA D 126 -7.47 59.87 -26.68
CA ALA D 126 -8.10 60.88 -27.57
C ALA D 126 -9.48 60.53 -28.14
N GLY D 127 -10.27 61.59 -28.31
CA GLY D 127 -11.59 61.40 -28.90
C GLY D 127 -11.36 61.40 -30.39
N ASP D 128 -10.16 61.86 -30.77
CA ASP D 128 -9.79 61.92 -32.16
C ASP D 128 -9.51 60.50 -32.59
N LEU D 129 -8.77 59.79 -31.74
CA LEU D 129 -8.45 58.40 -32.00
C LEU D 129 -9.78 57.71 -31.89
N ALA D 130 -10.25 57.62 -30.64
CA ALA D 130 -11.49 57.00 -30.20
C ALA D 130 -12.38 56.42 -31.30
N VAL D 131 -11.78 55.71 -32.23
CA VAL D 131 -12.51 55.10 -33.32
C VAL D 131 -12.72 53.64 -32.94
N GLU D 132 -11.75 53.07 -32.24
CA GLU D 132 -11.77 51.68 -31.79
C GLU D 132 -12.96 50.93 -32.36
N VAL D 133 -12.71 50.28 -33.47
CA VAL D 133 -13.72 49.51 -34.14
C VAL D 133 -13.87 48.22 -33.36
N SER D 134 -13.17 47.20 -33.84
CA SER D 134 -13.15 45.90 -33.20
C SER D 134 -12.11 46.05 -32.08
N PRO D 135 -12.13 45.15 -31.07
CA PRO D 135 -11.17 45.21 -29.95
C PRO D 135 -9.71 45.01 -30.37
N GLY D 136 -8.90 46.01 -30.09
CA GLY D 136 -7.50 45.95 -30.46
C GLY D 136 -7.23 46.76 -31.73
N CYS D 137 -8.29 46.96 -32.51
CA CYS D 137 -8.24 47.72 -33.77
C CYS D 137 -9.01 49.04 -33.73
N TRP D 138 -8.43 50.06 -34.34
CA TRP D 138 -9.02 51.38 -34.36
C TRP D 138 -8.65 52.02 -35.68
N ILE D 139 -9.44 52.99 -36.10
CA ILE D 139 -9.21 53.71 -37.36
C ILE D 139 -9.11 55.23 -37.18
N ILE D 140 -7.91 55.77 -37.12
CA ILE D 140 -7.82 57.21 -36.97
C ILE D 140 -7.70 57.85 -38.35
N ASP D 141 -7.93 59.16 -38.40
CA ASP D 141 -7.83 59.94 -39.64
C ASP D 141 -6.51 60.72 -39.60
N ASN D 142 -5.55 60.32 -40.43
CA ASN D 142 -4.25 60.97 -40.46
C ASN D 142 -4.30 62.44 -40.85
N ASN D 143 -5.50 62.91 -41.20
CA ASN D 143 -5.67 64.33 -41.53
C ASN D 143 -5.73 65.06 -40.19
N ILE D 144 -6.32 64.40 -39.18
CA ILE D 144 -6.40 64.97 -37.83
C ILE D 144 -5.27 64.34 -37.03
N CYS D 145 -5.12 63.04 -37.18
CA CYS D 145 -4.04 62.35 -36.50
C CYS D 145 -2.86 61.98 -37.43
N ASP D 146 -1.99 62.96 -37.65
CA ASP D 146 -0.79 62.81 -38.45
C ASP D 146 0.10 61.77 -37.76
N GLN D 147 1.14 61.31 -38.46
CA GLN D 147 2.05 60.34 -37.86
C GLN D 147 2.35 60.76 -36.42
N SER D 148 2.83 61.99 -36.25
CA SER D 148 3.16 62.52 -34.92
C SER D 148 2.28 61.94 -33.83
N CYS D 149 0.99 62.27 -33.81
CA CYS D 149 0.14 61.70 -32.76
C CYS D 149 0.00 60.18 -32.88
N GLN D 150 -0.04 59.65 -34.11
CA GLN D 150 -0.15 58.21 -34.26
C GLN D 150 0.94 57.62 -33.39
N ASN D 151 2.16 58.13 -33.58
CA ASN D 151 3.29 57.68 -32.79
C ASN D 151 3.03 57.94 -31.31
N PHE D 152 2.45 59.09 -30.98
CA PHE D 152 2.13 59.39 -29.59
C PHE D 152 1.12 58.35 -29.12
N ILE D 153 -0.02 58.33 -29.81
CA ILE D 153 -1.10 57.38 -29.52
C ILE D 153 -0.60 55.98 -29.21
N PHE D 154 0.12 55.43 -30.17
CA PHE D 154 0.69 54.10 -30.04
C PHE D 154 2.15 54.22 -29.62
N LYS D 155 3.10 53.73 -30.43
CA LYS D 155 4.51 53.80 -30.05
C LYS D 155 4.95 54.66 -28.83
N PHE D 156 4.43 55.88 -28.68
CA PHE D 156 4.74 56.79 -27.54
C PHE D 156 6.02 57.65 -27.54
N ASN D 157 6.25 58.48 -28.58
CA ASN D 157 7.49 59.32 -28.65
C ASN D 157 7.38 60.62 -27.85
N GLU D 158 6.16 60.94 -27.40
CA GLU D 158 5.89 62.15 -26.61
C GLU D 158 6.28 63.47 -27.31
N THR D 159 5.89 63.60 -28.58
CA THR D 159 6.20 64.79 -29.38
C THR D 159 5.16 65.07 -30.49
N ALA D 160 4.43 66.18 -30.38
CA ALA D 160 3.41 66.60 -31.38
C ALA D 160 2.11 65.79 -31.26
N PRO D 161 1.55 65.74 -30.01
CA PRO D 161 0.37 65.06 -29.47
C PRO D 161 -0.95 65.78 -29.24
N VAL D 162 -1.03 66.36 -28.04
CA VAL D 162 -2.23 67.04 -27.56
C VAL D 162 -2.04 68.09 -26.42
N PRO D 163 -1.92 69.41 -26.77
CA PRO D 163 -1.75 70.55 -25.84
C PRO D 163 -3.04 71.25 -25.31
N THR D 164 -3.64 72.14 -26.13
CA THR D 164 -4.85 72.93 -25.82
C THR D 164 -5.01 73.25 -24.33
N ILE D 165 -5.35 72.26 -23.51
CA ILE D 165 -5.49 72.46 -22.06
C ILE D 165 -4.23 73.15 -21.55
N GLU E 1 -20.78 68.06 -16.49
CA GLU E 1 -20.54 68.27 -17.94
C GLU E 1 -19.32 67.44 -18.30
N LYS E 2 -18.27 67.67 -17.55
CA LYS E 2 -17.02 66.98 -17.77
C LYS E 2 -16.68 66.15 -16.53
N ILE E 3 -17.67 65.40 -16.05
CA ILE E 3 -17.51 64.56 -14.89
C ILE E 3 -16.93 63.22 -15.32
N LYS E 4 -17.01 62.23 -14.42
CA LYS E 4 -16.50 60.90 -14.70
C LYS E 4 -16.86 59.97 -13.57
N ILE E 5 -17.78 59.03 -13.83
CA ILE E 5 -18.17 58.07 -12.81
C ILE E 5 -17.43 56.77 -13.13
N CYS E 6 -17.19 55.95 -12.11
CA CYS E 6 -16.49 54.67 -12.31
C CYS E 6 -16.83 53.65 -11.24
N LEU E 7 -17.16 52.44 -11.66
CA LEU E 7 -17.40 51.42 -10.67
C LEU E 7 -15.99 51.11 -10.19
N GLN E 8 -15.65 51.55 -8.98
CA GLN E 8 -14.32 51.32 -8.47
C GLN E 8 -14.15 50.17 -7.47
N LYS E 9 -13.02 49.47 -7.58
CA LYS E 9 -12.69 48.36 -6.68
C LYS E 9 -11.56 48.86 -5.78
N GLN E 10 -11.85 49.08 -4.51
CA GLN E 10 -10.82 49.60 -3.62
C GLN E 10 -10.56 48.73 -2.43
N VAL E 11 -9.28 48.46 -2.19
CA VAL E 11 -8.92 47.61 -1.07
C VAL E 11 -7.97 48.28 -0.09
N ASN E 12 -8.40 48.35 1.18
CA ASN E 12 -7.62 48.94 2.27
C ASN E 12 -6.72 47.92 3.00
N SER E 13 -6.59 48.07 4.31
CA SER E 13 -5.72 47.17 5.06
C SER E 13 -6.43 45.94 5.58
N SER E 14 -7.73 46.07 5.88
CA SER E 14 -8.50 44.94 6.39
C SER E 14 -8.64 43.84 5.31
N PHE E 15 -7.80 43.93 4.28
CA PHE E 15 -7.79 42.97 3.18
C PHE E 15 -6.88 41.77 3.42
N SER E 16 -6.85 40.89 2.42
CA SER E 16 -6.03 39.69 2.40
C SER E 16 -6.16 39.24 0.94
N LEU E 17 -5.08 38.76 0.36
CA LEU E 17 -5.17 38.37 -1.03
C LEU E 17 -5.05 36.88 -1.37
N HIS E 18 -6.19 36.19 -1.50
CA HIS E 18 -6.17 34.77 -1.86
C HIS E 18 -5.98 34.65 -3.36
N ASN E 19 -4.92 33.99 -3.80
CA ASN E 19 -4.72 33.85 -5.25
C ASN E 19 -5.32 32.53 -5.72
N GLY E 20 -5.78 32.52 -6.96
CA GLY E 20 -6.39 31.32 -7.50
C GLY E 20 -6.03 31.05 -8.94
N PHE E 21 -6.49 29.92 -9.47
CA PHE E 21 -6.19 29.57 -10.84
C PHE E 21 -7.15 30.29 -11.76
N GLY E 22 -6.64 31.36 -12.36
CA GLY E 22 -7.44 32.13 -13.29
C GLY E 22 -8.09 33.33 -12.65
N GLY E 23 -7.37 34.01 -11.78
CA GLY E 23 -7.95 35.18 -11.16
C GLY E 23 -7.87 35.06 -9.66
N ASN E 24 -7.61 36.18 -8.98
CA ASN E 24 -7.47 36.16 -7.53
C ASN E 24 -8.60 36.84 -6.82
N LEU E 25 -8.49 36.98 -5.51
CA LEU E 25 -9.57 37.55 -4.72
C LEU E 25 -9.02 38.24 -3.52
N TYR E 26 -9.52 39.42 -3.24
CA TYR E 26 -9.07 40.09 -2.04
C TYR E 26 -10.24 39.80 -1.09
N ALA E 27 -9.95 39.60 0.20
CA ALA E 27 -10.98 39.29 1.18
C ALA E 27 -10.72 39.89 2.56
N THR E 28 -11.81 40.13 3.28
CA THR E 28 -11.78 40.71 4.62
C THR E 28 -11.62 39.66 5.71
N GLU E 29 -12.12 38.46 5.43
CA GLU E 29 -12.03 37.33 6.36
C GLU E 29 -11.56 36.09 5.63
N GLU E 30 -11.26 35.04 6.38
CA GLU E 30 -10.79 33.81 5.79
C GLU E 30 -11.04 32.72 6.80
N LYS E 31 -11.27 31.50 6.31
CA LYS E 31 -11.50 30.36 7.19
C LYS E 31 -10.94 29.07 6.59
N ARG E 32 -10.76 28.07 7.44
CA ARG E 32 -10.22 26.79 7.02
C ARG E 32 -11.20 25.94 6.23
N MET E 33 -10.66 25.25 5.24
CA MET E 33 -11.43 24.36 4.39
C MET E 33 -12.02 23.23 5.25
N PHE E 34 -11.25 22.74 6.21
CA PHE E 34 -11.68 21.69 7.12
C PHE E 34 -11.20 22.02 8.51
N GLU E 35 -11.89 21.49 9.52
CA GLU E 35 -11.47 21.74 10.90
C GLU E 35 -10.68 20.56 11.46
N LEU E 36 -9.71 20.83 12.32
CA LEU E 36 -8.93 19.75 12.89
C LEU E 36 -9.87 18.93 13.77
N VAL E 37 -9.76 17.59 13.73
CA VAL E 37 -10.63 16.75 14.54
C VAL E 37 -9.92 16.08 15.68
N LYS E 38 -10.58 16.10 16.83
CA LYS E 38 -10.07 15.50 18.06
C LYS E 38 -10.60 14.08 18.21
N PRO E 39 -9.78 13.18 18.73
CA PRO E 39 -10.38 11.86 18.83
C PRO E 39 -11.12 11.76 20.14
N LYS E 40 -12.29 11.17 20.09
CA LYS E 40 -13.07 10.96 21.30
C LYS E 40 -12.36 9.78 21.99
N ALA E 41 -12.03 9.94 23.26
CA ALA E 41 -11.35 8.88 24.00
C ALA E 41 -12.33 7.78 24.41
N GLY E 42 -11.89 6.53 24.30
CA GLY E 42 -12.76 5.42 24.65
C GLY E 42 -12.86 4.37 23.54
N ALA E 43 -13.88 3.52 23.63
CA ALA E 43 -14.03 2.48 22.62
C ALA E 43 -15.30 2.58 21.82
N SER E 44 -15.19 2.32 20.54
CA SER E 44 -16.34 2.34 19.69
C SER E 44 -16.13 1.31 18.61
N VAL E 45 -17.05 1.26 17.66
CA VAL E 45 -16.99 0.27 16.60
C VAL E 45 -17.51 0.89 15.32
N LEU E 46 -17.61 0.08 14.27
CA LEU E 46 -18.17 0.50 12.99
C LEU E 46 -19.32 -0.53 12.82
N ASN E 47 -20.01 -0.54 11.69
CA ASN E 47 -21.13 -1.50 11.49
C ASN E 47 -22.08 -1.87 12.63
N GLN E 48 -21.71 -1.69 13.91
CA GLN E 48 -22.63 -1.99 15.02
C GLN E 48 -23.33 -3.35 15.04
N SER E 49 -23.26 -4.10 13.96
CA SER E 49 -23.90 -5.41 13.89
C SER E 49 -22.84 -6.47 13.58
N THR E 50 -21.60 -6.03 13.47
CA THR E 50 -20.49 -6.93 13.19
C THR E 50 -19.60 -7.04 14.42
N TRP E 51 -20.11 -6.65 15.58
CA TRP E 51 -19.30 -6.74 16.80
C TRP E 51 -19.98 -7.51 17.89
N ILE E 52 -19.17 -8.01 18.79
CA ILE E 52 -19.67 -8.84 19.87
C ILE E 52 -18.75 -8.66 21.07
N GLY E 53 -19.29 -8.75 22.27
CA GLY E 53 -18.43 -8.58 23.42
C GLY E 53 -18.52 -9.75 24.38
N PHE E 54 -17.46 -9.99 25.12
CA PHE E 54 -17.42 -11.07 26.09
C PHE E 54 -17.37 -10.35 27.43
N GLY E 55 -18.38 -10.60 28.26
CA GLY E 55 -18.52 -9.90 29.52
C GLY E 55 -18.24 -10.45 30.90
N ASP E 56 -18.30 -9.48 31.82
CA ASP E 56 -18.05 -9.61 33.26
C ASP E 56 -19.34 -9.72 34.01
N SER E 57 -19.65 -8.65 34.70
CA SER E 57 -20.86 -8.51 35.48
C SER E 57 -21.21 -7.06 35.16
N ARG E 58 -20.15 -6.26 34.97
CA ARG E 58 -20.25 -4.83 34.65
C ARG E 58 -20.85 -4.74 33.26
N THR E 59 -20.99 -5.89 32.64
CA THR E 59 -21.59 -5.96 31.35
C THR E 59 -22.82 -6.83 31.47
N ASP E 60 -22.88 -7.68 32.50
CA ASP E 60 -24.04 -8.59 32.68
C ASP E 60 -25.42 -7.91 32.82
N LYS E 61 -26.20 -7.98 31.76
CA LYS E 61 -27.53 -7.36 31.71
C LYS E 61 -28.51 -8.02 32.68
N SER E 62 -28.38 -9.33 32.79
CA SER E 62 -29.26 -10.12 33.64
C SER E 62 -28.74 -10.17 35.04
N ASN E 63 -28.17 -9.06 35.51
CA ASN E 63 -27.65 -9.03 36.86
C ASN E 63 -28.68 -8.35 37.73
N SER E 64 -28.76 -8.78 38.99
CA SER E 64 -29.70 -8.24 39.98
C SER E 64 -29.80 -6.72 39.87
N ALA E 65 -28.86 -6.02 40.51
CA ALA E 65 -28.83 -4.54 40.49
C ALA E 65 -28.36 -4.08 39.12
N PHE E 66 -29.22 -4.13 38.12
CA PHE E 66 -28.69 -3.81 36.85
C PHE E 66 -28.15 -2.47 36.46
N PRO E 67 -28.95 -1.61 35.83
CA PRO E 67 -28.34 -0.35 35.42
C PRO E 67 -27.17 0.10 36.28
N ARG E 68 -27.39 0.05 37.59
CA ARG E 68 -26.37 0.46 38.53
C ARG E 68 -25.05 -0.29 38.33
N SER E 69 -25.06 -1.59 38.56
CA SER E 69 -23.87 -2.42 38.42
C SER E 69 -23.12 -2.35 37.06
N ALA E 70 -23.82 -1.93 36.00
CA ALA E 70 -23.22 -1.88 34.66
C ALA E 70 -22.25 -0.75 34.37
N ASP E 71 -21.36 -1.00 33.41
CA ASP E 71 -20.39 -0.01 32.97
C ASP E 71 -20.76 0.31 31.56
N VAL E 72 -21.86 -0.29 31.11
CA VAL E 72 -22.34 -0.06 29.75
C VAL E 72 -23.85 0.14 29.78
N SER E 73 -24.38 0.59 28.66
CA SER E 73 -25.81 0.82 28.54
C SER E 73 -26.45 -0.51 28.30
N ALA E 74 -27.77 -0.51 28.11
CA ALA E 74 -28.46 -1.76 27.84
C ALA E 74 -28.16 -2.14 26.40
N LYS E 75 -28.41 -1.19 25.51
CA LYS E 75 -28.15 -1.41 24.08
C LYS E 75 -26.86 -2.22 23.91
N THR E 76 -25.79 -1.74 24.57
CA THR E 76 -24.49 -2.38 24.52
C THR E 76 -24.50 -3.75 25.18
N ALA E 77 -25.01 -3.80 26.41
CA ALA E 77 -25.05 -5.06 27.12
C ALA E 77 -25.67 -6.15 26.26
N ASP E 78 -26.66 -5.79 25.46
CA ASP E 78 -27.32 -6.75 24.60
C ASP E 78 -26.35 -7.47 23.68
N LYS E 79 -25.32 -6.75 23.23
CA LYS E 79 -24.37 -7.32 22.29
C LYS E 79 -23.28 -8.08 23.00
N PHE E 80 -23.34 -8.10 24.31
CA PHE E 80 -22.32 -8.78 25.09
C PHE E 80 -22.74 -10.21 25.48
N ARG E 81 -21.77 -11.08 25.68
CA ARG E 81 -22.05 -12.45 26.10
C ARG E 81 -21.19 -12.59 27.34
N PHE E 82 -21.79 -12.28 28.48
CA PHE E 82 -21.14 -12.27 29.79
C PHE E 82 -21.98 -13.05 30.80
N LEU E 83 -21.52 -13.08 32.03
CA LEU E 83 -22.22 -13.76 33.11
C LEU E 83 -21.45 -13.45 34.37
N SER E 84 -22.11 -12.79 35.31
CA SER E 84 -21.44 -12.34 36.50
C SER E 84 -20.45 -13.30 37.10
N GLY E 85 -19.29 -12.76 37.47
CA GLY E 85 -18.26 -13.55 38.10
C GLY E 85 -17.39 -14.39 37.19
N GLY E 86 -17.56 -14.23 35.86
CA GLY E 86 -16.77 -14.99 34.90
C GLY E 86 -15.48 -14.34 34.37
N SER E 87 -14.69 -15.14 33.67
CA SER E 87 -13.42 -14.71 33.10
C SER E 87 -12.98 -15.78 32.12
N LEU E 88 -12.61 -15.41 30.90
CA LEU E 88 -12.19 -16.40 29.94
C LEU E 88 -11.15 -17.25 30.66
N MET E 89 -10.28 -16.63 31.42
CA MET E 89 -9.26 -17.44 32.07
C MET E 89 -9.82 -18.39 33.09
N LEU E 90 -10.92 -18.00 33.71
CA LEU E 90 -11.53 -18.84 34.74
C LEU E 90 -12.12 -20.08 34.12
N SER E 91 -12.69 -19.90 32.94
CA SER E 91 -13.31 -20.98 32.21
C SER E 91 -12.23 -21.86 31.62
N MET E 92 -11.06 -21.28 31.37
CA MET E 92 -9.96 -22.06 30.84
C MET E 92 -9.51 -23.12 31.83
N PHE E 93 -9.31 -22.75 33.07
CA PHE E 93 -8.84 -23.75 34.01
C PHE E 93 -9.89 -24.25 34.95
N GLY E 94 -11.07 -23.63 34.94
CA GLY E 94 -12.14 -24.05 35.84
C GLY E 94 -11.70 -24.30 37.28
N PRO E 95 -11.20 -23.27 37.96
CA PRO E 95 -10.81 -23.59 39.32
C PRO E 95 -12.08 -23.83 40.12
N PRO E 96 -11.93 -24.52 41.26
CA PRO E 96 -13.02 -24.86 42.16
C PRO E 96 -13.78 -23.68 42.73
N GLY E 97 -15.10 -23.77 42.67
CA GLY E 97 -15.95 -22.74 43.23
C GLY E 97 -16.19 -21.58 42.33
N LYS E 98 -15.15 -21.16 41.62
CA LYS E 98 -15.29 -20.02 40.76
C LYS E 98 -16.18 -20.33 39.58
N VAL E 99 -17.00 -19.37 39.17
CA VAL E 99 -17.93 -19.53 38.03
C VAL E 99 -17.26 -19.95 36.72
N ASP E 100 -17.86 -20.93 36.05
CA ASP E 100 -17.32 -21.47 34.81
C ASP E 100 -18.35 -21.18 33.72
N TYR E 101 -18.12 -20.13 32.96
CA TYR E 101 -19.06 -19.76 31.93
C TYR E 101 -18.61 -20.07 30.50
N LEU E 102 -19.52 -20.63 29.71
CA LEU E 102 -19.20 -20.96 28.32
C LEU E 102 -19.17 -19.74 27.40
N TYR E 103 -18.02 -19.08 27.33
CA TYR E 103 -17.88 -17.95 26.46
C TYR E 103 -17.73 -18.45 25.04
N GLN E 104 -18.47 -17.87 24.11
CA GLN E 104 -18.35 -18.25 22.71
C GLN E 104 -19.17 -17.34 21.84
N GLY E 105 -18.85 -17.26 20.56
CA GLY E 105 -19.63 -16.37 19.71
C GLY E 105 -18.84 -15.90 18.51
N CYS E 106 -19.49 -15.11 17.66
CA CYS E 106 -18.84 -14.65 16.46
C CYS E 106 -18.91 -13.16 16.29
N GLY E 107 -18.03 -12.64 15.44
CA GLY E 107 -18.01 -11.22 15.19
C GLY E 107 -16.76 -10.83 14.46
N LYS E 108 -16.90 -9.83 13.61
CA LYS E 108 -15.76 -9.33 12.85
C LYS E 108 -14.89 -8.53 13.83
N HIS E 109 -15.53 -7.93 14.84
CA HIS E 109 -14.84 -7.14 15.86
C HIS E 109 -15.26 -7.69 17.24
N LYS E 110 -14.27 -8.13 18.02
CA LYS E 110 -14.53 -8.67 19.34
C LYS E 110 -14.04 -7.70 20.44
N VAL E 111 -14.91 -7.41 21.40
CA VAL E 111 -14.59 -6.52 22.50
C VAL E 111 -14.55 -7.27 23.81
N PHE E 112 -13.38 -7.36 24.42
CA PHE E 112 -13.25 -8.07 25.68
C PHE E 112 -13.19 -7.10 26.85
N TYR E 113 -13.97 -7.38 27.89
CA TYR E 113 -13.97 -6.60 29.11
C TYR E 113 -14.24 -7.62 30.24
N GLU E 114 -13.24 -8.49 30.50
CA GLU E 114 -13.30 -9.54 31.54
C GLU E 114 -11.92 -9.70 32.16
N GLY E 115 -11.82 -10.52 33.21
CA GLY E 115 -10.52 -10.76 33.79
C GLY E 115 -10.32 -10.46 35.25
N VAL E 116 -10.89 -9.36 35.71
CA VAL E 116 -10.77 -8.93 37.11
C VAL E 116 -11.13 -10.06 38.04
N ASN E 117 -12.11 -10.85 37.60
CA ASN E 117 -12.57 -11.94 38.41
C ASN E 117 -11.54 -13.00 38.83
N TRP E 118 -10.36 -13.01 38.20
CA TRP E 118 -9.23 -13.89 38.60
C TRP E 118 -7.95 -13.04 38.71
N SER E 119 -8.01 -12.09 39.63
CA SER E 119 -6.91 -11.20 39.89
C SER E 119 -6.29 -11.73 41.14
N PRO E 120 -5.10 -11.26 41.50
CA PRO E 120 -4.41 -11.73 42.71
C PRO E 120 -5.39 -11.91 43.88
N HIS E 121 -6.37 -11.03 43.93
CA HIS E 121 -7.36 -11.08 44.97
C HIS E 121 -7.96 -12.44 45.10
N ALA E 122 -8.42 -12.98 43.98
CA ALA E 122 -9.06 -14.29 43.93
C ALA E 122 -8.30 -15.28 44.77
N ALA E 123 -7.06 -14.94 45.08
CA ALA E 123 -6.23 -15.79 45.91
C ALA E 123 -6.38 -17.29 45.64
N ILE E 124 -6.36 -17.64 44.36
CA ILE E 124 -6.43 -19.03 43.94
C ILE E 124 -4.99 -19.49 43.87
N ASN E 125 -4.74 -20.74 44.19
CA ASN E 125 -3.38 -21.23 44.13
C ASN E 125 -3.45 -22.72 43.96
N CYS E 126 -3.24 -23.25 42.76
CA CYS E 126 -3.32 -24.70 42.73
C CYS E 126 -2.00 -25.18 42.33
N TYR E 127 -1.10 -24.95 43.27
CA TYR E 127 0.28 -25.32 43.16
C TYR E 127 1.05 -24.17 42.55
N ARG E 128 0.40 -23.01 42.51
CA ARG E 128 1.03 -21.83 41.94
C ARG E 128 0.54 -20.60 42.72
N LYS E 129 1.45 -19.88 43.37
CA LYS E 129 1.11 -18.70 44.15
C LYS E 129 0.73 -17.46 43.34
N ASN E 130 1.52 -17.07 42.33
CA ASN E 130 1.26 -15.88 41.47
C ASN E 130 0.88 -16.24 40.04
N TRP E 131 -0.42 -16.25 39.76
CA TRP E 131 -0.93 -16.61 38.44
C TRP E 131 -0.81 -15.53 37.36
N THR E 132 -0.56 -14.30 37.77
CA THR E 132 -0.50 -13.23 36.81
C THR E 132 0.25 -13.53 35.55
N ASP E 133 1.47 -14.06 35.65
CA ASP E 133 2.19 -14.32 34.41
C ASP E 133 1.38 -15.15 33.46
N ILE E 134 0.83 -16.24 33.98
CA ILE E 134 -0.01 -17.10 33.15
C ILE E 134 -1.19 -16.27 32.57
N LYS E 135 -1.87 -15.52 33.42
CA LYS E 135 -2.98 -14.71 32.94
C LYS E 135 -2.49 -13.99 31.74
N LEU E 136 -1.36 -13.31 31.90
CA LEU E 136 -0.73 -12.56 30.82
C LEU E 136 -0.69 -13.38 29.53
N ASN E 137 0.08 -14.45 29.53
CA ASN E 137 0.18 -15.24 28.34
C ASN E 137 -1.13 -15.79 27.84
N PHE E 138 -2.01 -16.17 28.74
CA PHE E 138 -3.27 -16.69 28.27
C PHE E 138 -3.97 -15.61 27.47
N GLN E 139 -4.08 -14.43 28.08
CA GLN E 139 -4.74 -13.31 27.43
C GLN E 139 -4.09 -13.01 26.09
N LYS E 140 -2.77 -12.96 26.11
CA LYS E 140 -2.00 -12.72 24.91
C LYS E 140 -2.46 -13.58 23.74
N ASN E 141 -2.63 -14.88 23.96
CA ASN E 141 -3.07 -15.76 22.89
C ASN E 141 -4.52 -15.53 22.52
N ILE E 142 -5.39 -15.40 23.52
CA ILE E 142 -6.78 -15.18 23.21
C ILE E 142 -6.89 -14.05 22.22
N TYR E 143 -6.19 -12.96 22.53
CA TYR E 143 -6.25 -11.82 21.66
C TYR E 143 -5.72 -12.15 20.29
N GLU E 144 -4.53 -12.74 20.22
CA GLU E 144 -3.96 -13.09 18.93
C GLU E 144 -4.95 -13.93 18.13
N LEU E 145 -5.24 -15.13 18.61
CA LEU E 145 -6.15 -16.00 17.91
C LEU E 145 -7.49 -15.30 17.65
N ALA E 146 -7.94 -14.50 18.59
CA ALA E 146 -9.21 -13.81 18.41
C ALA E 146 -9.19 -12.87 17.23
N SER E 147 -8.08 -12.18 17.04
CA SER E 147 -7.93 -11.21 15.96
C SER E 147 -7.74 -11.87 14.60
N GLN E 148 -7.85 -13.19 14.55
CA GLN E 148 -7.65 -13.92 13.29
C GLN E 148 -8.77 -14.91 13.00
N SER E 149 -9.70 -15.01 13.94
CA SER E 149 -10.80 -15.92 13.78
C SER E 149 -12.04 -15.09 13.69
N HIS E 150 -13.12 -15.70 13.25
CA HIS E 150 -14.37 -14.98 13.20
C HIS E 150 -15.22 -15.43 14.38
N CYS E 151 -15.12 -16.73 14.68
CA CYS E 151 -15.82 -17.39 15.76
C CYS E 151 -14.83 -18.03 16.72
N MET E 152 -15.21 -18.04 17.97
CA MET E 152 -14.34 -18.65 18.96
C MET E 152 -15.24 -19.18 20.06
N SER E 153 -14.82 -20.25 20.71
CA SER E 153 -15.60 -20.82 21.75
C SER E 153 -14.79 -21.68 22.69
N LEU E 154 -15.20 -21.66 23.94
CA LEU E 154 -14.52 -22.47 24.90
C LEU E 154 -14.96 -23.88 24.57
N VAL E 155 -14.06 -24.83 24.75
CA VAL E 155 -14.38 -26.22 24.50
C VAL E 155 -14.25 -26.84 25.89
N ASN E 156 -15.38 -26.99 26.54
CA ASN E 156 -15.43 -27.43 27.92
C ASN E 156 -15.10 -28.86 28.22
N ALA E 157 -14.99 -29.65 27.17
CA ALA E 157 -14.64 -31.05 27.38
C ALA E 157 -14.20 -31.67 26.10
N LEU E 158 -13.13 -32.46 26.16
CA LEU E 158 -12.69 -33.10 24.93
C LEU E 158 -12.40 -34.57 25.12
N ASP E 159 -12.59 -35.31 24.03
CA ASP E 159 -12.40 -36.74 23.99
C ASP E 159 -11.02 -37.12 24.50
N LYS E 160 -10.96 -37.84 25.61
CA LYS E 160 -9.66 -38.21 26.18
C LYS E 160 -9.65 -39.63 26.69
N THR E 161 -8.46 -40.16 26.99
CA THR E 161 -8.38 -41.49 27.54
C THR E 161 -7.27 -41.56 28.57
N ILE E 162 -7.67 -41.83 29.81
CA ILE E 162 -6.75 -41.89 30.92
C ILE E 162 -6.47 -43.35 31.30
N PRO E 163 -5.21 -43.64 31.58
CA PRO E 163 -4.74 -44.96 31.97
C PRO E 163 -5.38 -45.47 33.26
N LEU E 164 -5.17 -46.72 33.59
CA LEU E 164 -5.76 -47.24 34.79
C LEU E 164 -4.96 -47.05 36.07
N GLN E 165 -3.63 -47.21 36.05
CA GLN E 165 -2.89 -47.02 37.32
C GLN E 165 -3.25 -45.71 37.95
N VAL E 166 -3.41 -44.68 37.14
CA VAL E 166 -3.73 -43.36 37.64
C VAL E 166 -5.20 -43.17 37.99
N THR E 167 -5.44 -42.41 39.04
CA THR E 167 -6.78 -42.13 39.50
C THR E 167 -6.87 -40.64 39.84
N ALA E 168 -8.04 -40.05 39.60
CA ALA E 168 -8.29 -38.62 39.86
C ALA E 168 -7.67 -38.10 41.13
N GLY E 169 -7.02 -36.94 41.06
CA GLY E 169 -6.36 -36.39 42.23
C GLY E 169 -6.98 -35.14 42.81
N THR E 170 -6.77 -34.93 44.09
CA THR E 170 -7.29 -33.77 44.78
C THR E 170 -6.09 -33.14 45.47
N ALA E 171 -6.14 -31.82 45.69
CA ALA E 171 -5.03 -31.13 46.32
C ALA E 171 -5.42 -30.19 47.43
N GLY E 172 -4.51 -30.03 48.39
CA GLY E 172 -4.75 -29.15 49.51
C GLY E 172 -4.89 -27.72 49.05
N ASN E 173 -3.89 -27.20 48.34
CA ASN E 173 -3.98 -25.82 47.88
C ASN E 173 -5.18 -25.61 47.07
N CYS E 174 -5.54 -26.59 46.25
CA CYS E 174 -6.71 -26.44 45.40
C CYS E 174 -8.03 -26.69 46.12
N ASN E 175 -8.30 -25.89 47.16
CA ASN E 175 -9.48 -26.08 48.00
C ASN E 175 -9.43 -27.56 48.14
N ASN E 176 -10.50 -28.30 48.12
CA ASN E 176 -10.07 -29.65 48.29
C ASN E 176 -10.24 -30.60 47.20
N SER E 177 -9.71 -30.19 46.06
CA SER E 177 -9.81 -30.98 44.84
C SER E 177 -8.76 -30.47 43.85
N PHE E 178 -9.19 -30.11 42.65
CA PHE E 178 -8.26 -29.59 41.68
C PHE E 178 -8.92 -28.79 40.58
N LEU E 179 -8.07 -28.23 39.73
CA LEU E 179 -8.53 -27.43 38.63
C LEU E 179 -9.26 -28.36 37.73
N LYS E 180 -10.05 -27.77 36.85
CA LYS E 180 -10.76 -28.57 35.91
C LYS E 180 -9.88 -28.74 34.69
N ASN E 181 -9.17 -27.68 34.22
CA ASN E 181 -8.37 -27.89 33.01
C ASN E 181 -7.14 -28.63 33.29
N PRO E 182 -6.11 -28.01 33.84
CA PRO E 182 -5.03 -29.01 34.02
C PRO E 182 -5.63 -29.99 35.07
N ALA E 183 -5.91 -31.23 34.67
CA ALA E 183 -6.55 -32.23 35.54
C ALA E 183 -5.56 -33.12 36.24
N LEU E 184 -5.58 -33.10 37.57
CA LEU E 184 -4.63 -33.89 38.31
C LEU E 184 -5.05 -35.31 38.29
N TYR E 185 -4.07 -36.19 38.33
CA TYR E 185 -4.30 -37.60 38.30
C TYR E 185 -3.08 -38.14 38.99
N THR E 186 -3.26 -39.17 39.80
CA THR E 186 -2.11 -39.74 40.49
C THR E 186 -2.19 -41.24 40.71
N GLN E 187 -1.07 -41.80 41.13
CA GLN E 187 -1.02 -43.22 41.43
C GLN E 187 -0.10 -43.47 42.62
N GLU E 188 -0.51 -44.39 43.50
CA GLU E 188 0.28 -44.68 44.68
C GLU E 188 1.68 -45.10 44.28
N VAL E 189 2.67 -44.40 44.85
CA VAL E 189 4.06 -44.73 44.60
C VAL E 189 4.90 -44.32 45.81
N LYS E 190 5.66 -45.28 46.34
CA LYS E 190 6.50 -45.00 47.47
C LYS E 190 7.88 -45.51 47.15
N PRO E 191 8.81 -44.60 46.88
CA PRO E 191 10.21 -44.88 46.53
C PRO E 191 10.93 -45.61 47.62
N SER E 192 10.69 -45.20 48.85
CA SER E 192 11.32 -45.79 50.04
C SER E 192 11.23 -47.30 49.97
N GLU E 193 10.00 -47.78 49.85
CA GLU E 193 9.74 -49.21 49.75
C GLU E 193 9.96 -49.65 48.33
N ASN E 194 10.69 -48.84 47.60
CA ASN E 194 10.96 -49.10 46.21
C ASN E 194 9.78 -49.53 45.35
N LYS E 195 8.72 -48.74 45.40
CA LYS E 195 7.56 -49.00 44.61
C LYS E 195 7.26 -47.79 43.77
N CYS E 196 7.79 -47.80 42.55
CA CYS E 196 7.61 -46.70 41.59
C CYS E 196 6.51 -47.12 40.67
N GLY E 197 5.57 -46.23 40.41
CA GLY E 197 4.44 -46.60 39.58
C GLY E 197 4.73 -47.00 38.16
N LYS E 198 3.74 -46.90 37.30
CA LYS E 198 3.94 -47.22 35.91
C LYS E 198 3.90 -45.91 35.14
N GLU E 199 5.03 -45.54 34.54
CA GLU E 199 5.08 -44.33 33.75
C GLU E 199 3.78 -44.30 32.93
N ASN E 200 3.07 -43.18 32.94
CA ASN E 200 1.83 -43.15 32.21
C ASN E 200 1.85 -42.48 30.88
N LEU E 201 0.93 -42.95 30.06
CA LEU E 201 0.71 -42.50 28.71
C LEU E 201 -0.79 -42.30 28.59
N ALA E 202 -1.22 -41.11 28.20
CA ALA E 202 -2.65 -40.89 28.05
C ALA E 202 -2.85 -40.08 26.79
N PHE E 203 -4.01 -40.24 26.18
CA PHE E 203 -4.29 -39.52 24.96
C PHE E 203 -5.33 -38.46 25.18
N PHE E 204 -5.51 -37.61 24.18
CA PHE E 204 -6.51 -36.56 24.22
C PHE E 204 -6.72 -36.04 22.80
N THR E 205 -7.92 -35.58 22.50
CA THR E 205 -8.25 -35.16 21.15
C THR E 205 -8.83 -33.77 20.94
N LEU E 206 -8.10 -32.95 20.22
CA LEU E 206 -8.62 -31.61 19.94
C LEU E 206 -9.50 -31.85 18.72
N PRO E 207 -10.78 -31.49 18.84
CA PRO E 207 -11.78 -31.63 17.80
C PRO E 207 -11.69 -30.65 16.67
N THR E 208 -12.17 -31.10 15.52
CA THR E 208 -12.19 -30.30 14.32
C THR E 208 -13.35 -29.33 14.43
N GLN E 209 -14.35 -29.73 15.19
CA GLN E 209 -15.54 -28.91 15.35
C GLN E 209 -16.10 -29.07 16.75
N PHE E 210 -16.86 -28.09 17.19
CA PHE E 210 -17.48 -28.12 18.53
C PHE E 210 -18.84 -27.40 18.42
N GLY E 211 -19.88 -28.17 18.07
CA GLY E 211 -21.18 -27.58 17.87
C GLY E 211 -21.04 -26.77 16.60
N THR E 212 -21.79 -25.69 16.47
CA THR E 212 -21.70 -24.84 15.29
C THR E 212 -20.25 -24.52 14.91
N TYR E 213 -19.49 -24.18 15.95
CA TYR E 213 -18.11 -23.77 15.82
C TYR E 213 -17.11 -24.72 15.17
N GLU E 214 -16.35 -24.15 14.22
CA GLU E 214 -15.33 -24.87 13.47
C GLU E 214 -13.98 -24.52 14.10
N CYS E 215 -13.20 -25.54 14.43
CA CYS E 215 -11.91 -25.29 15.06
C CYS E 215 -10.77 -25.54 14.14
N LYS E 216 -10.12 -24.48 13.71
CA LYS E 216 -8.99 -24.64 12.82
C LYS E 216 -7.74 -24.63 13.69
N LEU E 217 -7.90 -24.11 14.90
CA LEU E 217 -6.78 -23.98 15.82
C LEU E 217 -7.23 -23.98 17.28
N HIS E 218 -6.54 -24.74 18.12
CA HIS E 218 -6.87 -24.84 19.53
C HIS E 218 -5.85 -24.23 20.47
N LEU E 219 -6.33 -23.54 21.50
CA LEU E 219 -5.42 -22.96 22.47
C LEU E 219 -5.52 -23.83 23.68
N VAL E 220 -4.49 -24.62 23.94
CA VAL E 220 -4.56 -25.47 25.11
C VAL E 220 -3.46 -25.11 26.05
N ALA E 221 -3.59 -25.53 27.30
CA ALA E 221 -2.58 -25.22 28.28
C ALA E 221 -1.75 -26.42 28.63
N SER E 222 -0.46 -26.36 28.36
CA SER E 222 0.44 -27.46 28.70
C SER E 222 1.07 -27.16 30.06
N CYS E 223 0.72 -27.95 31.07
CA CYS E 223 1.25 -27.68 32.38
C CYS E 223 2.19 -28.75 32.91
N TYR E 224 2.95 -28.45 33.95
CA TYR E 224 3.86 -29.41 34.55
C TYR E 224 4.35 -28.89 35.89
N PHE E 225 4.89 -29.81 36.68
CA PHE E 225 5.37 -29.49 38.00
C PHE E 225 6.83 -29.15 37.97
N ILE E 226 7.16 -28.07 38.65
CA ILE E 226 8.54 -27.64 38.72
C ILE E 226 9.12 -27.96 40.08
N TYR E 227 10.02 -28.95 40.09
CA TYR E 227 10.63 -29.35 41.34
C TYR E 227 11.95 -28.64 41.55
N ASP E 228 12.33 -28.44 42.81
CA ASP E 228 13.61 -27.77 43.12
C ASP E 228 14.80 -28.62 42.68
N SER E 229 14.71 -29.93 42.81
CA SER E 229 15.81 -30.81 42.43
C SER E 229 15.43 -32.28 42.54
N LYS E 230 16.29 -33.13 42.01
CA LYS E 230 16.03 -34.56 42.03
C LYS E 230 15.59 -35.10 43.37
N GLU E 231 16.54 -35.19 44.30
CA GLU E 231 16.29 -35.67 45.66
C GLU E 231 14.96 -35.12 46.17
N VAL E 232 14.72 -33.84 46.02
CA VAL E 232 13.45 -33.31 46.47
C VAL E 232 12.37 -34.01 45.70
N TYR E 233 12.50 -34.07 44.39
CA TYR E 233 11.50 -34.75 43.61
C TYR E 233 11.50 -36.21 44.07
N ASN E 234 12.68 -36.78 44.22
CA ASN E 234 12.81 -38.16 44.67
C ASN E 234 12.23 -38.40 46.06
N LYS E 235 11.73 -37.36 46.69
CA LYS E 235 11.16 -37.55 48.01
C LYS E 235 9.88 -38.30 47.79
N ARG E 236 9.04 -37.80 46.91
CA ARG E 236 7.79 -38.46 46.62
C ARG E 236 7.79 -39.18 45.25
N GLY E 237 8.79 -38.90 44.42
CA GLY E 237 8.84 -39.51 43.11
C GLY E 237 10.00 -40.47 42.90
N CYS E 238 9.89 -41.36 41.92
CA CYS E 238 10.95 -42.33 41.76
C CYS E 238 12.17 -42.07 40.91
N ASP E 239 12.05 -41.59 39.69
CA ASP E 239 13.34 -41.41 39.02
C ASP E 239 13.64 -39.97 38.77
N ASN E 240 13.12 -39.46 37.66
CA ASN E 240 13.30 -38.06 37.33
C ASN E 240 11.98 -37.58 36.79
N TYR E 241 11.53 -36.44 37.28
CA TYR E 241 10.26 -35.91 36.83
C TYR E 241 10.21 -35.62 35.34
N PHE E 242 9.01 -35.66 34.79
CA PHE E 242 8.83 -35.36 33.39
C PHE E 242 7.38 -35.50 32.94
N GLN E 243 6.96 -34.61 32.04
CA GLN E 243 5.64 -34.59 31.49
C GLN E 243 5.87 -34.03 30.11
N VAL E 244 5.42 -34.77 29.10
CA VAL E 244 5.61 -34.35 27.72
C VAL E 244 4.41 -34.59 26.83
N ILE E 245 4.14 -33.68 25.89
CA ILE E 245 3.04 -33.88 25.00
C ILE E 245 3.58 -34.05 23.61
N TYR E 246 3.30 -35.23 23.06
CA TYR E 246 3.74 -35.59 21.74
C TYR E 246 2.59 -35.40 20.80
N ASP E 247 2.86 -35.35 19.51
CA ASP E 247 1.79 -35.19 18.53
C ASP E 247 1.55 -36.52 17.86
N SER E 248 0.71 -36.56 16.80
CA SER E 248 0.39 -37.83 16.10
C SER E 248 1.61 -38.71 15.93
N PHE E 249 2.66 -38.13 15.38
CA PHE E 249 3.85 -38.91 15.35
C PHE E 249 4.47 -38.52 16.69
N GLY E 250 5.57 -39.13 17.07
CA GLY E 250 6.18 -38.80 18.34
C GLY E 250 6.78 -37.42 18.51
N LYS E 251 6.40 -36.47 17.64
CA LYS E 251 6.93 -35.10 17.73
C LYS E 251 6.49 -34.53 19.05
N VAL E 252 7.36 -33.80 19.72
CA VAL E 252 6.88 -33.24 20.98
C VAL E 252 6.34 -31.83 20.75
N VAL E 253 5.28 -31.46 21.43
CA VAL E 253 4.76 -30.16 21.18
C VAL E 253 4.82 -29.35 22.46
N GLY E 254 5.15 -30.03 23.55
CA GLY E 254 5.24 -29.32 24.81
C GLY E 254 5.55 -30.15 26.05
N GLY E 255 5.77 -29.45 27.17
CA GLY E 255 6.04 -30.10 28.45
C GLY E 255 7.36 -29.82 29.12
N LEU E 256 7.73 -30.68 30.05
CA LEU E 256 8.99 -30.53 30.73
C LEU E 256 9.65 -31.87 30.98
N ASP E 257 10.89 -32.08 30.56
CA ASP E 257 11.50 -33.37 30.76
C ASP E 257 12.73 -33.21 31.59
N ASN E 258 12.60 -33.49 32.86
CA ASN E 258 13.73 -33.33 33.73
C ASN E 258 14.73 -34.39 33.55
N ARG E 259 14.54 -35.24 32.56
CA ARG E 259 15.56 -36.28 32.32
C ARG E 259 16.66 -35.68 31.42
N VAL E 260 16.45 -34.46 30.93
CA VAL E 260 17.42 -33.83 30.06
C VAL E 260 17.58 -32.37 30.34
N SER E 261 16.60 -31.80 31.01
CA SER E 261 16.71 -30.40 31.33
C SER E 261 16.90 -30.38 32.84
N PRO E 262 17.56 -29.34 33.36
CA PRO E 262 17.79 -29.24 34.79
C PRO E 262 16.54 -28.84 35.57
N TYR E 263 16.56 -29.15 36.87
CA TYR E 263 15.48 -28.83 37.82
C TYR E 263 15.67 -27.39 38.13
N THR E 264 14.60 -26.61 38.12
CA THR E 264 14.78 -25.18 38.37
C THR E 264 13.86 -24.60 39.42
N GLY E 265 13.33 -25.45 40.28
CA GLY E 265 12.40 -24.94 41.27
C GLY E 265 13.04 -24.27 42.45
N ASN E 266 12.20 -23.57 43.22
CA ASN E 266 12.64 -22.88 44.42
C ASN E 266 11.43 -22.60 45.30
N SER E 267 10.75 -23.68 45.66
CA SER E 267 9.53 -23.58 46.42
C SER E 267 9.67 -24.61 47.49
N GLY E 268 10.89 -25.02 47.71
CA GLY E 268 11.12 -26.04 48.72
C GLY E 268 10.54 -27.39 48.34
N ASP E 269 10.15 -28.15 49.37
CA ASP E 269 9.61 -29.49 49.22
C ASP E 269 8.42 -29.73 48.31
N THR E 270 7.54 -28.75 48.12
CA THR E 270 6.45 -28.99 47.18
C THR E 270 6.70 -28.25 45.86
N PRO E 271 6.32 -28.87 44.73
CA PRO E 271 6.52 -28.26 43.42
C PRO E 271 5.70 -27.03 43.17
N THR E 272 5.83 -26.49 41.97
CA THR E 272 5.09 -25.32 41.55
C THR E 272 4.59 -25.71 40.18
N MET E 273 3.40 -25.28 39.83
CA MET E 273 2.88 -25.67 38.56
C MET E 273 3.18 -24.61 37.54
N GLN E 274 3.52 -25.04 36.33
CA GLN E 274 3.79 -24.08 35.28
C GLN E 274 2.89 -24.43 34.13
N CYS E 275 2.23 -23.43 33.57
CA CYS E 275 1.32 -23.65 32.47
C CYS E 275 1.67 -22.88 31.22
N ASP E 276 2.09 -23.58 30.18
CA ASP E 276 2.44 -22.90 28.94
C ASP E 276 1.23 -22.80 28.02
N MET E 277 1.17 -21.77 27.20
CA MET E 277 0.08 -21.64 26.25
C MET E 277 0.58 -22.33 24.97
N LEU E 278 -0.24 -23.18 24.40
CA LEU E 278 0.13 -23.90 23.20
C LEU E 278 -0.95 -23.71 22.16
N GLN E 279 -0.57 -23.61 20.90
CA GLN E 279 -1.60 -23.50 19.85
C GLN E 279 -1.49 -24.82 19.12
N LEU E 280 -2.57 -25.60 19.07
CA LEU E 280 -2.46 -26.90 18.43
C LEU E 280 -3.50 -27.09 17.38
N LYS E 281 -3.09 -27.69 16.26
CA LYS E 281 -4.03 -27.95 15.18
C LYS E 281 -4.90 -29.07 15.73
N PRO E 282 -6.10 -29.27 15.19
CA PRO E 282 -6.91 -30.35 15.76
C PRO E 282 -6.33 -31.70 15.48
N GLY E 283 -6.50 -32.63 16.43
CA GLY E 283 -5.98 -33.97 16.25
C GLY E 283 -5.90 -34.79 17.51
N ARG E 284 -5.26 -35.95 17.43
CA ARG E 284 -5.11 -36.83 18.59
C ARG E 284 -3.69 -36.71 19.18
N TYR E 285 -3.57 -36.09 20.35
CA TYR E 285 -2.26 -35.93 20.99
C TYR E 285 -2.16 -36.88 22.14
N SER E 286 -0.94 -37.09 22.60
CA SER E 286 -0.71 -37.98 23.74
C SER E 286 0.26 -37.32 24.70
N VAL E 287 0.21 -37.75 25.95
CA VAL E 287 1.12 -37.22 26.94
C VAL E 287 1.69 -38.36 27.75
N ARG E 288 2.90 -38.17 28.21
CA ARG E 288 3.60 -39.18 28.95
C ARG E 288 4.14 -38.48 30.16
N SER E 289 4.13 -39.14 31.29
CA SER E 289 4.66 -38.49 32.48
C SER E 289 5.14 -39.49 33.51
N SER E 290 5.88 -38.99 34.48
CA SER E 290 6.41 -39.83 35.52
C SER E 290 5.19 -40.35 36.23
N PRO E 291 5.24 -41.61 36.69
CA PRO E 291 4.14 -42.25 37.38
C PRO E 291 3.29 -41.38 38.31
N ARG E 292 3.85 -40.95 39.43
CA ARG E 292 3.06 -40.20 40.39
C ARG E 292 2.01 -39.17 39.95
N PHE E 293 2.38 -38.25 39.07
CA PHE E 293 1.41 -37.24 38.71
C PHE E 293 1.21 -37.19 37.23
N LEU E 294 0.01 -36.81 36.82
CA LEU E 294 -0.28 -36.60 35.41
C LEU E 294 -1.23 -35.42 35.32
N LEU E 295 -0.80 -34.37 34.63
CA LEU E 295 -1.62 -33.18 34.48
C LEU E 295 -2.20 -33.19 33.08
N MET E 296 -3.34 -33.83 32.95
CA MET E 296 -3.97 -33.98 31.65
C MET E 296 -4.78 -32.80 31.17
N PRO E 297 -4.49 -32.25 29.98
CA PRO E 297 -5.26 -31.11 29.44
C PRO E 297 -6.66 -31.60 29.09
N GLU E 298 -7.69 -30.87 29.51
CA GLU E 298 -9.03 -31.34 29.26
C GLU E 298 -9.98 -30.28 28.83
N ARG E 299 -9.44 -29.22 28.27
CA ARG E 299 -10.27 -28.11 27.83
C ARG E 299 -9.47 -27.18 26.93
N SER E 300 -10.15 -26.30 26.22
CA SER E 300 -9.45 -25.38 25.36
C SER E 300 -10.36 -24.37 24.72
N TYR E 301 -9.75 -23.39 24.06
CA TYR E 301 -10.55 -22.40 23.35
C TYR E 301 -10.28 -22.76 21.92
N CYS E 302 -11.36 -22.79 21.15
CA CYS E 302 -11.24 -23.19 19.78
C CYS E 302 -11.51 -22.04 18.84
N PHE E 303 -10.60 -21.83 17.89
CA PHE E 303 -10.78 -20.77 16.92
C PHE E 303 -10.76 -21.31 15.50
N ASP E 304 -11.65 -20.78 14.66
CA ASP E 304 -11.60 -21.12 13.24
C ASP E 304 -10.58 -20.07 12.87
N MET E 305 -10.02 -20.04 11.68
CA MET E 305 -9.11 -18.92 11.50
C MET E 305 -9.65 -18.13 10.33
N LYS E 306 -10.94 -18.32 10.09
CA LYS E 306 -11.68 -17.70 9.01
C LYS E 306 -11.28 -16.34 8.56
N GLU E 307 -11.27 -15.35 9.44
CA GLU E 307 -10.89 -14.00 9.00
C GLU E 307 -10.26 -13.07 10.04
N LYS E 308 -9.53 -12.06 9.56
CA LYS E 308 -8.88 -11.09 10.46
C LYS E 308 -9.89 -10.07 10.96
N GLY E 309 -9.59 -9.41 12.06
CA GLY E 309 -10.51 -8.42 12.57
C GLY E 309 -9.94 -7.65 13.76
N PRO E 310 -10.57 -6.54 14.14
CA PRO E 310 -10.08 -5.75 15.27
C PRO E 310 -10.45 -6.37 16.58
N VAL E 311 -9.74 -5.94 17.63
CA VAL E 311 -10.03 -6.44 18.98
C VAL E 311 -9.82 -5.34 19.99
N THR E 312 -10.85 -5.08 20.79
CA THR E 312 -10.71 -4.07 21.82
C THR E 312 -10.68 -4.82 23.12
N ALA E 313 -9.80 -4.40 24.01
CA ALA E 313 -9.70 -5.03 25.31
C ALA E 313 -9.79 -3.93 26.36
N VAL E 314 -10.77 -4.02 27.25
CA VAL E 314 -10.96 -3.02 28.30
C VAL E 314 -10.24 -3.48 29.54
N GLN E 315 -9.56 -2.59 30.25
CA GLN E 315 -8.84 -3.04 31.43
C GLN E 315 -9.79 -3.46 32.53
N SER E 316 -9.43 -4.52 33.24
CA SER E 316 -10.29 -5.04 34.30
C SER E 316 -9.69 -5.02 35.71
N ILE E 317 -10.15 -4.09 36.54
CA ILE E 317 -9.62 -4.05 37.89
C ILE E 317 -10.67 -3.86 38.93
N TRP E 318 -10.22 -4.00 40.16
CA TRP E 318 -11.09 -3.88 41.30
C TRP E 318 -11.16 -2.44 41.75
N GLY E 319 -12.20 -2.10 42.49
CA GLY E 319 -12.27 -0.77 43.05
C GLY E 319 -11.22 -0.91 44.15
N LYS E 320 -10.95 0.13 44.92
CA LYS E 320 -9.92 -0.03 45.95
C LYS E 320 -10.40 -0.99 47.00
N GLY E 321 -9.45 -1.73 47.55
CA GLY E 321 -9.77 -2.71 48.56
C GLY E 321 -9.03 -3.99 48.25
N ARG E 322 -9.32 -4.57 47.09
CA ARG E 322 -8.71 -5.81 46.62
C ARG E 322 -7.60 -5.54 45.58
N GLU E 323 -6.60 -6.43 45.52
CA GLU E 323 -5.44 -6.33 44.60
C GLU E 323 -5.78 -6.65 43.13
N SER E 324 -5.40 -5.77 42.20
CA SER E 324 -5.71 -6.01 40.80
C SER E 324 -4.43 -6.32 40.03
N ASP E 325 -4.54 -6.48 38.70
CA ASP E 325 -3.37 -6.75 37.83
C ASP E 325 -3.47 -6.17 36.39
N TYR E 326 -2.30 -6.01 35.76
CA TYR E 326 -2.30 -5.45 34.44
C TYR E 326 -1.95 -6.39 33.30
N ALA E 327 -2.16 -7.69 33.54
CA ALA E 327 -1.92 -8.73 32.56
C ALA E 327 -2.63 -8.31 31.26
N VAL E 328 -3.92 -8.03 31.35
CA VAL E 328 -4.68 -7.59 30.17
C VAL E 328 -3.96 -6.47 29.43
N ASP E 329 -3.77 -5.35 30.13
CA ASP E 329 -3.09 -4.20 29.59
C ASP E 329 -1.84 -4.68 28.90
N GLN E 330 -0.92 -5.25 29.67
CA GLN E 330 0.30 -5.73 29.09
C GLN E 330 0.03 -6.53 27.81
N ALA E 331 -0.80 -7.54 27.91
CA ALA E 331 -1.09 -8.36 26.76
C ALA E 331 -1.63 -7.58 25.59
N CYS E 332 -2.68 -6.79 25.77
CA CYS E 332 -3.20 -6.03 24.63
C CYS E 332 -2.05 -5.28 23.95
N LEU E 333 -1.40 -4.42 24.70
CA LEU E 333 -0.31 -3.65 24.15
C LEU E 333 0.75 -4.48 23.47
N SER E 334 0.82 -5.76 23.77
CA SER E 334 1.88 -6.56 23.18
C SER E 334 1.44 -7.44 22.07
N THR E 335 0.31 -7.12 21.46
CA THR E 335 -0.15 -7.96 20.36
C THR E 335 -0.83 -7.09 19.32
N PRO E 336 -0.49 -7.32 18.06
CA PRO E 336 -1.04 -6.56 16.94
C PRO E 336 -2.51 -6.85 16.76
N GLY E 337 -3.32 -5.81 16.60
CA GLY E 337 -4.72 -6.03 16.39
C GLY E 337 -5.59 -5.60 17.53
N CYS E 338 -5.11 -5.66 18.76
CA CYS E 338 -6.03 -5.22 19.80
C CYS E 338 -5.70 -3.83 20.30
N MET E 339 -6.76 -3.14 20.70
CA MET E 339 -6.68 -1.79 21.21
C MET E 339 -7.08 -1.84 22.67
N LEU E 340 -6.19 -1.32 23.53
CA LEU E 340 -6.42 -1.33 24.96
C LEU E 340 -7.15 -0.09 25.48
N ILE E 341 -8.12 -0.28 26.36
CA ILE E 341 -8.86 0.85 26.95
C ILE E 341 -8.51 0.92 28.42
N GLN E 342 -7.93 2.02 28.87
CA GLN E 342 -7.61 2.16 30.29
C GLN E 342 -8.15 3.41 30.97
N LYS E 343 -8.35 3.28 32.28
CA LYS E 343 -8.86 4.37 33.08
C LYS E 343 -7.69 5.16 33.62
N GLN E 344 -7.93 6.45 33.84
CA GLN E 344 -6.93 7.33 34.39
C GLN E 344 -7.18 7.40 35.88
N LYS E 345 -8.45 7.55 36.25
CA LYS E 345 -8.83 7.62 37.64
C LYS E 345 -9.13 6.21 38.13
N PRO E 346 -9.21 6.01 39.45
CA PRO E 346 -9.50 4.68 40.00
C PRO E 346 -10.95 4.27 39.84
N TYR E 347 -11.26 3.06 40.31
CA TYR E 347 -12.61 2.52 40.21
C TYR E 347 -13.42 2.82 41.48
N ILE E 348 -14.65 3.29 41.30
CA ILE E 348 -15.53 3.57 42.41
C ILE E 348 -16.91 3.33 41.80
N GLY E 349 -17.52 2.23 42.19
CA GLY E 349 -18.81 1.88 41.62
C GLY E 349 -20.03 2.44 42.29
N GLU E 350 -21.10 2.53 41.51
CA GLU E 350 -22.40 3.02 41.97
C GLU E 350 -23.11 1.91 42.76
N ALA E 351 -23.33 0.77 42.12
CA ALA E 351 -24.00 -0.36 42.79
C ALA E 351 -23.29 -0.61 44.11
N ASP E 352 -21.97 -0.74 44.04
CA ASP E 352 -21.14 -0.94 45.22
C ASP E 352 -19.74 -0.50 44.83
N ASP E 353 -18.77 -0.65 45.74
CA ASP E 353 -17.42 -0.19 45.42
C ASP E 353 -16.77 -0.68 44.14
N HIS E 354 -17.24 -1.81 43.62
CA HIS E 354 -16.65 -2.39 42.43
C HIS E 354 -17.47 -2.45 41.16
N HIS E 355 -18.64 -1.83 41.10
CA HIS E 355 -19.42 -1.90 39.87
C HIS E 355 -20.06 -0.59 39.46
N GLY E 356 -19.87 -0.20 38.20
CA GLY E 356 -20.48 1.03 37.70
C GLY E 356 -19.66 2.28 37.94
N ASP E 357 -18.43 2.30 37.42
CA ASP E 357 -17.55 3.47 37.56
C ASP E 357 -17.80 4.44 36.41
N GLN E 358 -17.92 5.73 36.76
CA GLN E 358 -18.19 6.78 35.80
C GLN E 358 -17.24 6.76 34.62
N GLU E 359 -15.95 6.97 34.90
CA GLU E 359 -14.97 6.98 33.81
C GLU E 359 -15.23 5.86 32.79
N MET E 360 -15.16 4.62 33.25
CA MET E 360 -15.38 3.48 32.39
C MET E 360 -16.60 3.63 31.53
N ARG E 361 -17.66 4.17 32.11
CA ARG E 361 -18.90 4.32 31.38
C ARG E 361 -18.78 5.25 30.18
N GLU E 362 -18.24 6.46 30.42
CA GLU E 362 -18.07 7.42 29.36
C GLU E 362 -16.96 6.94 28.43
N LEU E 363 -16.28 5.88 28.84
CA LEU E 363 -15.23 5.34 28.03
C LEU E 363 -15.87 4.36 27.06
N LEU E 364 -16.68 3.45 27.58
CA LEU E 364 -17.34 2.44 26.77
C LEU E 364 -18.65 2.94 26.17
N SER E 365 -18.88 4.24 26.22
CA SER E 365 -20.12 4.77 25.65
C SER E 365 -20.11 4.68 24.13
N GLY E 366 -18.91 4.80 23.58
CA GLY E 366 -18.79 4.74 22.14
C GLY E 366 -19.40 3.50 21.55
N LEU E 367 -19.38 2.41 22.30
CA LEU E 367 -19.91 1.15 21.79
C LEU E 367 -21.33 1.27 21.29
N ASP E 368 -21.92 2.43 21.51
CA ASP E 368 -23.28 2.64 21.09
C ASP E 368 -23.39 3.35 19.76
N TYR E 369 -22.32 3.99 19.32
CA TYR E 369 -22.41 4.68 18.05
C TYR E 369 -21.51 4.02 17.03
N GLU E 370 -21.65 4.45 15.79
CA GLU E 370 -20.84 3.93 14.69
C GLU E 370 -19.80 4.97 14.38
N ALA E 371 -18.53 4.60 14.55
CA ALA E 371 -17.42 5.50 14.30
C ALA E 371 -16.92 5.43 12.84
N ARG E 372 -16.18 6.46 12.43
CA ARG E 372 -15.65 6.52 11.08
C ARG E 372 -14.31 5.85 11.15
N CYS E 373 -13.73 5.86 12.35
CA CYS E 373 -12.46 5.25 12.58
C CYS E 373 -12.22 5.02 14.06
N ILE E 374 -11.44 3.97 14.36
CA ILE E 374 -11.10 3.62 15.73
C ILE E 374 -9.61 3.31 15.76
N SER E 375 -8.94 3.84 16.77
CA SER E 375 -7.51 3.66 16.89
C SER E 375 -7.15 3.46 18.34
N GLN E 376 -5.89 3.14 18.57
CA GLN E 376 -5.40 2.96 19.91
C GLN E 376 -5.30 4.33 20.51
N SER E 377 -5.57 5.36 19.69
CA SER E 377 -5.48 6.72 20.18
C SER E 377 -6.87 7.30 20.49
N GLY E 378 -7.90 6.52 20.19
CA GLY E 378 -9.26 6.96 20.44
C GLY E 378 -10.04 6.79 19.16
N TRP E 379 -11.30 7.19 19.18
CA TRP E 379 -12.12 7.09 17.98
C TRP E 379 -12.71 8.44 17.57
N VAL E 380 -13.24 8.48 16.36
CA VAL E 380 -13.79 9.72 15.85
C VAL E 380 -14.93 9.37 14.94
N ASN E 381 -16.03 10.09 15.11
CA ASN E 381 -17.18 9.85 14.26
C ASN E 381 -17.44 11.04 13.37
N GLU E 382 -16.63 12.10 13.54
CA GLU E 382 -16.75 13.32 12.73
C GLU E 382 -16.25 13.03 11.32
N THR E 383 -16.19 14.03 10.46
CA THR E 383 -15.78 13.77 9.08
C THR E 383 -14.54 14.44 8.40
N SER E 384 -13.95 15.47 9.00
CA SER E 384 -12.76 16.07 8.39
C SER E 384 -11.65 15.04 8.24
N PRO E 385 -10.77 15.23 7.27
CA PRO E 385 -9.66 14.31 7.04
C PRO E 385 -8.39 14.65 7.82
N PHE E 386 -8.46 15.57 8.78
CA PHE E 386 -7.23 15.91 9.50
C PHE E 386 -7.39 15.97 11.01
N THR E 387 -6.29 15.76 11.72
CA THR E 387 -6.28 15.81 13.17
C THR E 387 -4.94 16.36 13.64
N GLU E 388 -4.93 16.90 14.85
CA GLU E 388 -3.75 17.50 15.47
C GLU E 388 -2.62 16.52 15.78
N LYS E 389 -2.94 15.40 16.42
CA LYS E 389 -1.92 14.43 16.73
C LYS E 389 -2.17 13.10 16.02
N TYR E 390 -1.08 12.43 15.67
CA TYR E 390 -1.06 11.15 14.98
C TYR E 390 -1.81 10.08 15.75
N LEU E 391 -2.82 9.50 15.10
CA LEU E 391 -3.61 8.45 15.71
C LEU E 391 -2.79 7.17 15.93
N LEU E 392 -2.97 6.50 17.07
CA LEU E 392 -2.17 5.33 17.36
C LEU E 392 -2.47 3.97 16.72
N PRO E 393 -1.45 3.40 16.11
CA PRO E 393 -1.27 2.17 15.39
C PRO E 393 -2.41 1.22 15.26
N PRO E 394 -2.78 0.50 16.33
CA PRO E 394 -3.89 -0.36 15.90
C PRO E 394 -5.09 0.55 15.64
N LYS E 395 -5.39 0.72 14.37
CA LYS E 395 -6.50 1.57 14.02
C LYS E 395 -7.15 1.07 12.77
N PHE E 396 -8.47 1.19 12.72
CA PHE E 396 -9.21 0.71 11.58
C PHE E 396 -10.25 1.68 11.09
N GLY E 397 -10.42 1.72 9.77
CA GLY E 397 -11.41 2.58 9.15
C GLY E 397 -10.78 3.70 8.37
N ARG E 398 -11.53 4.80 8.21
CA ARG E 398 -11.05 5.97 7.49
C ARG E 398 -10.43 7.02 8.45
N CYS E 399 -9.29 6.68 9.05
CA CYS E 399 -8.65 7.59 10.00
C CYS E 399 -8.05 8.85 9.41
N PRO E 400 -8.32 10.00 10.04
CA PRO E 400 -7.82 11.29 9.64
C PRO E 400 -6.33 11.28 9.80
N LEU E 401 -5.69 12.22 9.11
CA LEU E 401 -4.23 12.35 9.14
C LEU E 401 -3.81 13.54 9.95
N ALA E 402 -2.58 13.48 10.43
CA ALA E 402 -2.00 14.55 11.24
C ALA E 402 -1.58 15.72 10.37
N ALA E 403 -1.85 16.94 10.83
CA ALA E 403 -1.49 18.14 10.10
C ALA E 403 -1.63 19.36 10.98
N LYS E 404 -0.65 20.25 10.89
CA LYS E 404 -0.64 21.49 11.68
C LYS E 404 -1.85 22.33 11.29
N GLU E 405 -2.53 22.88 12.28
CA GLU E 405 -3.71 23.71 12.03
C GLU E 405 -3.43 24.70 10.93
N GLU E 406 -2.33 25.42 11.05
CA GLU E 406 -1.94 26.40 10.04
C GLU E 406 -1.93 25.81 8.62
N SER E 407 -1.08 24.80 8.41
CA SER E 407 -0.91 24.14 7.12
C SER E 407 -2.17 23.77 6.34
N ILE E 408 -3.33 23.72 6.99
CA ILE E 408 -4.52 23.39 6.20
C ILE E 408 -4.94 24.62 5.40
N PRO E 409 -5.46 24.41 4.18
CA PRO E 409 -5.92 25.46 3.25
C PRO E 409 -7.02 26.35 3.77
N LYS E 410 -6.98 27.60 3.30
CA LYS E 410 -7.94 28.65 3.67
C LYS E 410 -8.90 29.16 2.58
N ILE E 411 -10.15 29.33 3.01
CA ILE E 411 -11.20 29.81 2.13
C ILE E 411 -11.52 31.27 2.39
N PRO E 412 -11.59 32.07 1.30
CA PRO E 412 -11.92 33.50 1.40
C PRO E 412 -13.31 33.71 1.96
N ASP E 413 -13.47 34.75 2.76
CA ASP E 413 -14.75 35.01 3.37
C ASP E 413 -15.00 36.47 3.69
N GLY E 414 -16.28 36.86 3.67
CA GLY E 414 -16.66 38.22 3.96
C GLY E 414 -16.86 39.05 2.71
N LEU E 415 -16.02 40.04 2.51
CA LEU E 415 -16.13 40.84 1.31
C LEU E 415 -15.13 40.34 0.29
N LEU E 416 -15.61 40.05 -0.90
CA LEU E 416 -14.74 39.53 -1.95
C LEU E 416 -14.59 40.50 -3.09
N ILE E 417 -13.37 40.78 -3.49
CA ILE E 417 -13.14 41.69 -4.64
C ILE E 417 -12.23 40.95 -5.63
N PRO E 418 -12.74 40.73 -6.83
CA PRO E 418 -11.96 40.01 -7.83
C PRO E 418 -10.83 40.81 -8.33
N THR E 419 -9.67 40.20 -8.45
CA THR E 419 -8.51 40.87 -8.99
C THR E 419 -8.52 40.54 -10.47
N SER E 420 -7.97 41.41 -11.29
CA SER E 420 -7.93 41.12 -12.72
C SER E 420 -6.61 40.44 -13.09
N GLY E 421 -5.94 40.98 -14.11
CA GLY E 421 -4.69 40.42 -14.58
C GLY E 421 -3.46 40.65 -13.71
N THR E 422 -2.40 41.14 -14.35
CA THR E 422 -1.13 41.40 -13.68
C THR E 422 -1.07 42.62 -12.76
N ASP E 423 -0.57 43.74 -13.28
CA ASP E 423 -0.45 44.95 -12.49
C ASP E 423 -1.82 45.63 -12.22
N THR E 424 -2.89 44.87 -12.43
CA THR E 424 -4.26 45.32 -12.18
C THR E 424 -4.31 46.08 -10.86
N THR E 425 -3.69 45.50 -9.83
CA THR E 425 -3.65 46.08 -8.49
C THR E 425 -2.67 47.23 -8.40
N VAL E 426 -3.21 48.43 -8.16
CA VAL E 426 -2.40 49.64 -8.05
C VAL E 426 -2.82 50.56 -6.90
N THR E 427 -1.87 51.42 -6.49
CA THR E 427 -2.05 52.36 -5.38
C THR E 427 -2.90 53.59 -5.70
N ILE F 4 -2.40 52.26 -15.58
CA ILE F 4 -3.65 52.70 -14.94
C ILE F 4 -4.03 54.12 -15.39
N ASP F 5 -4.47 54.94 -14.45
CA ASP F 5 -4.89 56.31 -14.75
C ASP F 5 -4.82 57.30 -13.57
N ASP F 6 -5.76 58.24 -13.60
CA ASP F 6 -5.87 59.27 -12.60
C ASP F 6 -6.31 58.72 -11.27
N LEU F 7 -6.81 59.61 -10.44
CA LEU F 7 -7.26 59.25 -9.11
C LEU F 7 -8.41 58.25 -9.10
N ILE F 8 -9.07 58.12 -10.24
CA ILE F 8 -10.16 57.17 -10.30
C ILE F 8 -10.02 56.31 -11.55
N ILE F 9 -9.85 55.01 -11.31
CA ILE F 9 -9.67 54.03 -12.38
C ILE F 9 -10.94 53.27 -12.71
N GLY F 10 -10.87 52.40 -13.74
CA GLY F 10 -12.01 51.61 -14.17
C GLY F 10 -12.24 50.27 -13.49
N VAL F 11 -13.07 49.44 -14.11
CA VAL F 11 -13.38 48.11 -13.58
C VAL F 11 -12.25 47.13 -13.95
N LEU F 12 -11.16 47.67 -14.45
CA LEU F 12 -10.02 46.86 -14.85
C LEU F 12 -8.98 46.74 -13.77
N PHE F 13 -8.76 47.84 -13.05
CA PHE F 13 -7.75 47.89 -11.98
C PHE F 13 -8.40 47.95 -10.59
N VAL F 14 -7.57 47.94 -9.56
CA VAL F 14 -8.06 48.03 -8.20
C VAL F 14 -7.13 48.88 -7.32
N ALA F 15 -7.76 49.88 -6.72
CA ALA F 15 -7.10 50.85 -5.88
C ALA F 15 -6.67 50.26 -4.58
N ILE F 16 -5.41 50.49 -4.23
CA ILE F 16 -4.87 50.00 -3.00
C ILE F 16 -4.58 51.17 -2.06
N VAL F 17 -5.51 51.42 -1.14
CA VAL F 17 -5.35 52.51 -0.18
C VAL F 17 -5.31 52.04 1.28
N GLU F 18 -4.18 51.43 1.61
CA GLU F 18 -3.89 50.90 2.94
C GLU F 18 -4.74 51.42 4.09
N THR F 19 -5.14 52.69 4.03
CA THR F 19 -5.90 53.28 5.13
C THR F 19 -7.23 53.93 4.75
N GLY F 20 -7.56 53.91 3.47
CA GLY F 20 -8.81 54.53 3.07
C GLY F 20 -9.98 53.57 3.13
N ILE F 21 -11.11 54.00 2.59
CA ILE F 21 -12.33 53.19 2.54
C ILE F 21 -12.03 51.99 1.69
N GLY F 22 -12.93 51.02 1.70
CA GLY F 22 -12.67 49.85 0.91
C GLY F 22 -13.94 49.22 0.42
N GLY F 23 -13.89 48.70 -0.81
CA GLY F 23 -15.06 48.05 -1.36
C GLY F 23 -15.33 48.46 -2.78
N TYR F 24 -16.58 48.28 -3.19
CA TYR F 24 -16.99 48.68 -4.51
C TYR F 24 -17.60 50.06 -4.32
N LEU F 25 -17.21 51.02 -5.15
CA LEU F 25 -17.73 52.37 -5.01
C LEU F 25 -17.64 53.18 -6.30
N LEU F 26 -18.30 54.34 -6.28
CA LEU F 26 -18.34 55.25 -7.42
C LEU F 26 -17.29 56.37 -7.34
N GLY F 27 -16.31 56.30 -8.23
CA GLY F 27 -15.25 57.28 -8.26
C GLY F 27 -15.48 58.32 -9.33
N SER F 28 -15.83 59.53 -8.91
CA SER F 28 -16.10 60.65 -9.82
C SER F 28 -15.07 61.78 -9.72
N ARG F 29 -14.79 62.43 -10.84
CA ARG F 29 -13.84 63.53 -10.89
C ARG F 29 -14.08 64.39 -12.12
N LYS F 30 -14.06 65.71 -11.94
CA LYS F 30 -14.28 66.65 -13.04
C LYS F 30 -12.91 67.04 -13.63
N GLU F 31 -12.88 67.68 -14.81
CA GLU F 31 -11.60 68.08 -15.42
C GLU F 31 -10.99 69.37 -14.84
N SER F 32 -11.87 70.24 -14.32
CA SER F 32 -11.48 71.51 -13.68
C SER F 32 -11.75 71.38 -12.17
N GLY F 33 -11.42 70.22 -11.61
CA GLY F 33 -11.63 69.95 -10.19
C GLY F 33 -10.54 69.11 -9.58
N GLY F 34 -10.21 69.42 -8.33
CA GLY F 34 -9.18 68.70 -7.60
C GLY F 34 -9.79 67.67 -6.67
N GLY F 35 -11.04 67.91 -6.28
CA GLY F 35 -11.73 66.97 -5.40
C GLY F 35 -12.21 65.74 -6.16
N VAL F 36 -11.59 64.60 -5.87
CA VAL F 36 -11.95 63.33 -6.52
C VAL F 36 -12.92 62.54 -5.64
N THR F 37 -14.21 62.86 -5.73
CA THR F 37 -15.22 62.18 -4.92
C THR F 37 -15.29 60.67 -5.07
N LYS F 38 -15.37 60.00 -3.91
CA LYS F 38 -15.46 58.55 -3.83
C LYS F 38 -16.70 58.32 -2.97
N GLU F 39 -17.60 57.46 -3.41
CA GLU F 39 -18.79 57.22 -2.62
C GLU F 39 -19.49 55.94 -3.09
N SER F 40 -20.07 55.19 -2.15
CA SER F 40 -20.72 53.96 -2.52
C SER F 40 -22.18 54.16 -2.84
N ALA F 41 -22.64 53.42 -3.84
CA ALA F 41 -24.03 53.47 -4.28
C ALA F 41 -24.69 52.14 -3.93
N GLU F 42 -24.91 51.94 -2.63
CA GLU F 42 -25.52 50.73 -2.11
C GLU F 42 -26.73 50.22 -2.89
N LYS F 43 -27.18 50.96 -3.91
CA LYS F 43 -28.30 50.48 -4.69
C LYS F 43 -27.80 49.70 -5.90
N GLY F 44 -26.62 50.06 -6.40
CA GLY F 44 -26.02 49.36 -7.53
C GLY F 44 -25.32 48.11 -7.01
N PHE F 45 -24.68 48.26 -5.85
CA PHE F 45 -23.97 47.21 -5.09
C PHE F 45 -24.96 46.03 -4.92
N GLU F 46 -26.23 46.37 -4.69
CA GLU F 46 -27.30 45.39 -4.48
C GLU F 46 -27.17 44.14 -5.34
N LYS F 47 -26.61 44.28 -6.53
CA LYS F 47 -26.42 43.13 -7.39
C LYS F 47 -25.16 42.41 -6.94
N ILE F 48 -24.01 43.04 -7.14
CA ILE F 48 -22.73 42.47 -6.74
C ILE F 48 -22.85 41.73 -5.40
N GLY F 49 -23.30 42.46 -4.39
CA GLY F 49 -23.45 41.90 -3.07
C GLY F 49 -24.17 40.57 -3.03
N ASN F 50 -25.33 40.51 -3.68
CA ASN F 50 -26.13 39.30 -3.73
C ASN F 50 -25.37 38.21 -4.52
N ASP F 51 -24.77 38.61 -5.65
CA ASP F 51 -24.02 37.67 -6.46
C ASP F 51 -22.84 37.13 -5.68
N ILE F 52 -22.23 37.98 -4.87
CA ILE F 52 -21.11 37.55 -4.05
C ILE F 52 -21.61 36.40 -3.19
N GLN F 53 -22.83 36.53 -2.67
CA GLN F 53 -23.40 35.50 -1.82
C GLN F 53 -23.52 34.23 -2.63
N ILE F 54 -24.26 34.33 -3.72
CA ILE F 54 -24.45 33.19 -4.61
C ILE F 54 -23.10 32.51 -4.80
N LEU F 55 -22.08 33.31 -5.09
CA LEU F 55 -20.74 32.80 -5.34
C LEU F 55 -20.18 32.07 -4.14
N LYS F 56 -20.15 32.75 -3.00
CA LYS F 56 -19.64 32.19 -1.76
C LYS F 56 -20.39 30.89 -1.45
N SER F 57 -21.66 30.85 -1.86
CA SER F 57 -22.47 29.66 -1.64
C SER F 57 -21.82 28.44 -2.29
N SER F 58 -21.42 28.58 -3.55
CA SER F 58 -20.80 27.49 -4.27
C SER F 58 -19.67 26.79 -3.51
N ILE F 59 -18.73 27.55 -2.96
CA ILE F 59 -17.62 26.94 -2.24
C ILE F 59 -18.11 25.83 -1.33
N ASN F 60 -18.99 26.18 -0.40
CA ASN F 60 -19.55 25.22 0.55
C ASN F 60 -19.83 23.89 -0.13
N ILE F 61 -20.59 23.97 -1.21
CA ILE F 61 -20.94 22.79 -1.98
C ILE F 61 -19.66 22.05 -2.39
N ALA F 62 -18.93 22.63 -3.33
CA ALA F 62 -17.72 22.01 -3.83
C ALA F 62 -16.81 21.52 -2.71
N ILE F 63 -16.71 22.26 -1.62
CA ILE F 63 -15.84 21.84 -0.54
C ILE F 63 -16.45 20.62 0.11
N GLU F 64 -17.72 20.71 0.44
CA GLU F 64 -18.43 19.59 1.03
C GLU F 64 -18.23 18.38 0.08
N LYS F 65 -18.35 18.68 -1.22
CA LYS F 65 -18.21 17.72 -2.31
C LYS F 65 -16.91 16.91 -2.29
N LEU F 66 -15.89 17.40 -1.60
CA LEU F 66 -14.62 16.70 -1.53
C LEU F 66 -14.80 15.37 -0.76
N ASN F 67 -15.25 14.35 -1.51
CA ASN F 67 -15.55 13.00 -0.99
C ASN F 67 -14.37 12.21 -0.42
N ASP F 68 -13.57 12.87 0.40
CA ASP F 68 -12.42 12.25 1.02
C ASP F 68 -11.61 11.39 0.08
N ARG F 69 -10.49 11.98 -0.29
CA ARG F 69 -9.52 11.31 -1.13
C ARG F 69 -8.73 10.65 0.02
N ILE F 70 -9.50 10.33 1.05
CA ILE F 70 -9.03 9.73 2.30
C ILE F 70 -9.12 8.19 2.32
N SER F 71 -7.99 7.59 2.66
CA SER F 71 -7.77 6.16 2.71
C SER F 71 -8.50 5.36 3.78
N HIS F 72 -8.81 4.10 3.46
CA HIS F 72 -9.46 3.22 4.44
C HIS F 72 -8.37 2.28 4.94
N ASP F 73 -8.18 2.27 6.24
CA ASP F 73 -7.12 1.45 6.84
C ASP F 73 -7.50 0.23 7.63
N GLU F 74 -6.61 -0.75 7.62
CA GLU F 74 -6.75 -1.97 8.36
C GLU F 74 -5.33 -2.18 8.88
N GLN F 75 -4.87 -1.23 9.69
CA GLN F 75 -3.53 -1.25 10.28
C GLN F 75 -3.55 -1.91 11.65
N ALA F 76 -3.23 -3.19 11.70
CA ALA F 76 -3.25 -3.91 12.96
C ALA F 76 -1.89 -3.89 13.62
N ILE F 77 -0.85 -3.86 12.78
CA ILE F 77 0.53 -3.82 13.24
C ILE F 77 0.69 -2.59 14.13
N ARG F 78 1.64 -2.63 15.06
CA ARG F 78 1.83 -1.52 15.98
C ARG F 78 2.96 -0.53 15.62
N ASP F 79 3.83 -0.91 14.68
CA ASP F 79 4.94 -0.04 14.26
C ASP F 79 4.48 1.38 13.95
N LEU F 80 5.32 2.38 14.27
CA LEU F 80 4.99 3.78 13.99
C LEU F 80 5.05 4.06 12.50
N THR F 81 4.18 4.93 12.02
CA THR F 81 4.13 5.24 10.60
C THR F 81 4.11 6.75 10.35
N LEU F 82 4.44 7.55 11.35
CA LEU F 82 4.40 9.00 11.18
C LEU F 82 5.07 9.50 9.90
N GLU F 83 6.26 8.98 9.62
CA GLU F 83 7.01 9.36 8.42
C GLU F 83 6.14 9.14 7.20
N ILE F 84 5.24 8.16 7.29
CA ILE F 84 4.32 7.85 6.22
C ILE F 84 3.08 8.70 6.34
N GLU F 85 2.40 8.63 7.48
CA GLU F 85 1.18 9.43 7.69
C GLU F 85 1.52 10.86 7.30
N ASN F 86 2.66 11.35 7.78
CA ASN F 86 3.06 12.70 7.46
C ASN F 86 3.07 12.92 5.94
N ALA F 87 3.87 12.14 5.21
CA ALA F 87 3.95 12.26 3.75
C ALA F 87 2.60 12.13 3.02
N ARG F 88 1.72 11.32 3.58
CA ARG F 88 0.42 11.14 2.99
C ARG F 88 -0.34 12.43 3.19
N SER F 89 -0.16 13.04 4.35
CA SER F 89 -0.85 14.29 4.66
C SER F 89 -0.31 15.45 3.81
N GLU F 90 1.01 15.57 3.73
CA GLU F 90 1.61 16.64 2.96
C GLU F 90 1.03 16.59 1.57
N ALA F 91 0.80 15.39 1.05
CA ALA F 91 0.24 15.25 -0.28
C ALA F 91 -1.22 15.69 -0.34
N LEU F 92 -2.08 15.06 0.45
CA LEU F 92 -3.50 15.41 0.49
C LEU F 92 -3.66 16.89 0.71
N LEU F 93 -2.74 17.47 1.45
CA LEU F 93 -2.81 18.90 1.70
C LEU F 93 -2.63 19.57 0.36
N GLY F 94 -1.54 19.19 -0.31
CA GLY F 94 -1.27 19.72 -1.62
C GLY F 94 -2.46 19.56 -2.57
N GLU F 95 -3.03 18.36 -2.67
CA GLU F 95 -4.17 18.14 -3.55
C GLU F 95 -5.24 19.18 -3.25
N LEU F 96 -5.53 19.37 -1.97
CA LEU F 96 -6.54 20.31 -1.53
C LEU F 96 -6.23 21.72 -1.96
N GLY F 97 -4.98 22.11 -1.79
CA GLY F 97 -4.59 23.44 -2.22
C GLY F 97 -5.02 23.73 -3.66
N ILE F 98 -4.59 22.91 -4.60
CA ILE F 98 -4.94 23.15 -5.97
C ILE F 98 -6.44 23.29 -6.12
N ILE F 99 -7.20 22.30 -5.70
CA ILE F 99 -8.64 22.41 -5.88
C ILE F 99 -9.14 23.66 -5.17
N ARG F 100 -8.33 24.19 -4.25
CA ARG F 100 -8.75 25.41 -3.55
C ARG F 100 -8.62 26.59 -4.51
N ALA F 101 -7.42 26.77 -5.04
CA ALA F 101 -7.14 27.82 -6.00
C ALA F 101 -8.19 27.72 -7.10
N LEU F 102 -8.49 26.48 -7.51
CA LEU F 102 -9.51 26.28 -8.53
C LEU F 102 -10.79 27.01 -8.13
N LEU F 103 -11.16 26.97 -6.85
CA LEU F 103 -12.38 27.66 -6.40
C LEU F 103 -12.21 29.17 -6.42
N VAL F 104 -11.17 29.67 -5.77
CA VAL F 104 -10.91 31.11 -5.73
C VAL F 104 -10.93 31.70 -7.14
N GLY F 105 -10.19 31.10 -8.07
CA GLY F 105 -10.15 31.58 -9.44
C GLY F 105 -11.54 31.65 -10.05
N ASN F 106 -12.29 30.57 -9.93
CA ASN F 106 -13.64 30.51 -10.49
C ASN F 106 -14.48 31.64 -9.93
N ILE F 107 -14.40 31.85 -8.62
CA ILE F 107 -15.14 32.93 -7.99
C ILE F 107 -14.68 34.21 -8.65
N SER F 108 -13.38 34.50 -8.51
CA SER F 108 -12.77 35.68 -9.10
C SER F 108 -13.40 35.90 -10.48
N ILE F 109 -13.17 34.96 -11.38
CA ILE F 109 -13.73 35.04 -12.73
C ILE F 109 -15.20 35.43 -12.76
N GLY F 110 -16.03 34.68 -12.06
CA GLY F 110 -17.44 34.99 -12.05
C GLY F 110 -17.80 36.33 -11.46
N LEU F 111 -17.03 36.78 -10.48
CA LEU F 111 -17.31 38.06 -9.85
C LEU F 111 -17.05 39.15 -10.86
N GLN F 112 -15.88 39.14 -11.48
CA GLN F 112 -15.53 40.17 -12.45
C GLN F 112 -16.54 40.15 -13.57
N GLU F 113 -16.75 38.98 -14.13
CA GLU F 113 -17.71 38.84 -15.20
C GLU F 113 -19.03 39.46 -14.76
N SER F 114 -19.23 39.52 -13.45
CA SER F 114 -20.45 40.06 -12.90
C SER F 114 -20.37 41.57 -12.77
N LEU F 115 -19.15 42.09 -12.75
CA LEU F 115 -18.97 43.53 -12.63
C LEU F 115 -19.20 44.06 -14.02
N TRP F 116 -18.86 43.26 -15.02
CA TRP F 116 -19.09 43.68 -16.38
C TRP F 116 -20.62 43.70 -16.65
N GLU F 117 -21.36 42.96 -15.84
CA GLU F 117 -22.82 42.88 -15.97
C GLU F 117 -23.45 44.21 -15.60
N LEU F 118 -22.79 44.93 -14.69
CA LEU F 118 -23.27 46.23 -14.23
C LEU F 118 -23.05 47.25 -15.34
N ALA F 119 -21.80 47.34 -15.80
CA ALA F 119 -21.43 48.29 -16.84
C ALA F 119 -22.52 48.23 -17.88
N SER F 120 -22.56 47.13 -18.62
CA SER F 120 -23.57 46.94 -19.65
C SER F 120 -24.91 47.56 -19.22
N GLU F 121 -25.36 47.19 -18.02
CA GLU F 121 -26.61 47.67 -17.48
C GLU F 121 -26.55 49.18 -17.27
N ILE F 122 -25.46 49.69 -16.73
CA ILE F 122 -25.38 51.14 -16.52
C ILE F 122 -25.30 51.83 -17.88
N THR F 123 -24.44 51.31 -18.76
CA THR F 123 -24.29 51.87 -20.09
C THR F 123 -25.66 51.86 -20.74
N ASN F 124 -26.37 50.74 -20.62
CA ASN F 124 -27.71 50.64 -21.18
C ASN F 124 -28.64 51.55 -20.36
N ARG F 125 -28.34 52.83 -20.28
CA ARG F 125 -29.19 53.71 -19.53
C ARG F 125 -29.29 55.10 -20.11
N ALA F 126 -28.87 55.26 -21.36
CA ALA F 126 -28.96 56.54 -22.13
C ALA F 126 -27.91 56.78 -23.18
N GLY F 127 -28.32 57.47 -24.23
CA GLY F 127 -27.39 57.82 -25.29
C GLY F 127 -26.72 59.09 -24.79
N ASP F 128 -27.29 59.65 -23.74
CA ASP F 128 -26.76 60.88 -23.16
C ASP F 128 -25.54 60.46 -22.34
N LEU F 129 -25.72 59.38 -21.59
CA LEU F 129 -24.63 58.86 -20.78
C LEU F 129 -23.63 58.35 -21.80
N ALA F 130 -24.04 57.25 -22.44
CA ALA F 130 -23.32 56.51 -23.48
C ALA F 130 -21.97 57.09 -23.90
N VAL F 131 -21.19 57.50 -22.92
CA VAL F 131 -19.88 58.04 -23.19
C VAL F 131 -18.87 56.91 -22.99
N GLU F 132 -19.18 56.03 -22.03
CA GLU F 132 -18.33 54.90 -21.68
C GLU F 132 -17.02 54.94 -22.41
N VAL F 133 -16.03 55.51 -21.75
CA VAL F 133 -14.71 55.61 -22.31
C VAL F 133 -14.06 54.26 -22.18
N SER F 134 -13.33 54.11 -21.09
CA SER F 134 -12.67 52.86 -20.77
C SER F 134 -13.74 52.03 -20.09
N PRO F 135 -13.56 50.70 -20.01
CA PRO F 135 -14.56 49.80 -19.36
C PRO F 135 -14.75 50.09 -17.88
N GLY F 136 -15.98 50.46 -17.53
CA GLY F 136 -16.26 50.77 -16.14
C GLY F 136 -16.31 52.26 -15.89
N CYS F 137 -15.68 53.01 -16.79
CA CYS F 137 -15.63 54.47 -16.71
C CYS F 137 -16.34 55.12 -17.88
N TRP F 138 -17.04 56.21 -17.57
CA TRP F 138 -17.84 56.95 -18.54
C TRP F 138 -17.80 58.43 -18.15
N ILE F 139 -18.01 59.29 -19.13
CA ILE F 139 -18.00 60.74 -18.91
C ILE F 139 -19.29 61.39 -19.37
N ILE F 140 -20.17 61.70 -18.45
CA ILE F 140 -21.38 62.34 -18.87
C ILE F 140 -21.21 63.85 -18.72
N ASP F 141 -22.11 64.62 -19.35
CA ASP F 141 -22.09 66.07 -19.27
C ASP F 141 -23.21 66.52 -18.34
N ASN F 142 -22.84 67.06 -17.18
CA ASN F 142 -23.82 67.48 -16.20
C ASN F 142 -24.70 68.62 -16.64
N ASN F 143 -24.47 69.12 -17.84
CA ASN F 143 -25.32 70.15 -18.37
C ASN F 143 -26.56 69.43 -18.93
N ILE F 144 -26.37 68.21 -19.43
CA ILE F 144 -27.48 67.40 -19.96
C ILE F 144 -27.83 66.44 -18.85
N CYS F 145 -26.80 65.81 -18.27
CA CYS F 145 -27.06 64.91 -17.18
C CYS F 145 -26.75 65.49 -15.80
N ASP F 146 -27.72 66.23 -15.28
CA ASP F 146 -27.63 66.82 -13.95
C ASP F 146 -27.53 65.69 -12.92
N GLN F 147 -27.24 66.04 -11.67
CA GLN F 147 -27.13 65.02 -10.60
C GLN F 147 -28.29 64.06 -10.74
N SER F 148 -29.51 64.60 -10.72
CA SER F 148 -30.71 63.80 -10.85
C SER F 148 -30.48 62.56 -11.68
N CYS F 149 -30.24 62.70 -12.99
CA CYS F 149 -30.03 61.49 -13.78
C CYS F 149 -28.74 60.78 -13.41
N GLN F 150 -27.71 61.51 -12.99
CA GLN F 150 -26.49 60.84 -12.60
C GLN F 150 -26.90 59.82 -11.58
N ASN F 151 -27.66 60.28 -10.60
CA ASN F 151 -28.16 59.41 -9.56
C ASN F 151 -29.03 58.31 -10.17
N PHE F 152 -29.87 58.66 -11.14
CA PHE F 152 -30.68 57.64 -11.78
C PHE F 152 -29.72 56.67 -12.48
N ILE F 153 -28.91 57.18 -13.40
CA ILE F 153 -27.94 56.38 -14.15
C ILE F 153 -27.21 55.37 -13.29
N PHE F 154 -26.56 55.88 -12.25
CA PHE F 154 -25.82 55.03 -11.32
C PHE F 154 -26.69 54.77 -10.08
N LYS F 155 -26.27 55.21 -8.90
CA LYS F 155 -27.06 54.99 -7.68
C LYS F 155 -28.51 54.45 -7.78
N PHE F 156 -29.35 55.00 -8.68
CA PHE F 156 -30.74 54.56 -8.92
C PHE F 156 -31.90 55.07 -8.02
N ASN F 157 -32.06 56.38 -7.85
CA ASN F 157 -33.13 56.92 -6.99
C ASN F 157 -34.52 56.97 -7.67
N GLU F 158 -34.54 56.73 -8.99
CA GLU F 158 -35.77 56.74 -9.79
C GLU F 158 -36.56 58.06 -9.74
N THR F 159 -35.86 59.17 -9.93
CA THR F 159 -36.46 60.51 -9.89
C THR F 159 -35.68 61.57 -10.74
N ALA F 160 -36.30 62.05 -11.82
CA ALA F 160 -35.72 63.09 -12.68
C ALA F 160 -34.62 62.75 -13.71
N PRO F 161 -34.84 61.86 -14.68
CA PRO F 161 -33.79 61.56 -15.67
C PRO F 161 -34.10 61.59 -17.22
N VAL F 162 -34.55 60.42 -17.72
CA VAL F 162 -34.93 60.01 -19.10
C VAL F 162 -34.69 60.83 -20.38
N PRO F 163 -34.45 60.12 -21.50
CA PRO F 163 -34.20 60.49 -22.90
C PRO F 163 -35.31 60.19 -23.95
N THR F 164 -36.54 59.87 -23.50
CA THR F 164 -37.68 59.62 -24.41
C THR F 164 -38.92 58.93 -23.84
N ILE F 165 -38.92 57.59 -23.86
CA ILE F 165 -39.99 56.69 -23.39
C ILE F 165 -40.45 55.84 -24.55
C1 NAG G . -35.56 23.57 -27.83
C2 NAG G . -36.66 23.32 -28.87
C3 NAG G . -36.58 21.92 -29.41
C4 NAG G . -35.24 21.77 -30.03
C5 NAG G . -34.10 22.05 -29.06
C6 NAG G . -33.12 23.10 -29.53
C7 NAG G . -38.84 24.31 -29.05
C8 NAG G . -40.22 24.60 -28.45
N2 NAG G . -37.98 23.59 -28.33
O3 NAG G . -37.56 21.73 -30.40
O4 NAG G . -35.15 20.45 -30.54
O5 NAG G . -34.61 22.49 -27.77
O6 NAG G . -32.39 22.62 -30.66
O7 NAG G . -38.56 24.75 -30.18
C1 NAG G . -34.41 20.40 -31.68
C2 NAG G . -33.46 19.24 -31.63
C3 NAG G . -32.59 19.33 -32.86
C4 NAG G . -33.57 19.05 -33.99
C5 NAG G . -34.58 20.21 -34.05
C6 NAG G . -35.61 20.13 -35.15
C7 NAG G . -33.28 18.76 -29.29
C8 NAG G . -32.45 18.74 -28.01
N2 NAG G . -32.70 19.24 -30.40
O3 NAG G . -31.54 18.38 -32.78
O4 NAG G . -32.89 18.85 -35.25
O5 NAG G . -35.30 20.26 -32.79
O6 NAG G . -36.44 21.30 -35.16
O7 NAG G . -34.45 18.34 -29.28
C1 BMA G . -32.60 17.51 -35.55
C2 BMA G . -33.77 16.82 -36.30
C3 BMA G . -33.53 16.78 -37.82
C4 BMA G . -32.75 18.03 -38.29
C5 BMA G . -31.36 18.14 -37.56
C6 BMA G . -30.89 19.57 -37.28
O2 BMA G . -35.01 17.44 -36.01
O3 BMA G . -34.78 16.71 -38.52
O4 BMA G . -32.56 17.97 -39.70
O5 BMA G . -31.36 17.42 -36.29
O6 BMA G . -29.86 19.60 -36.29
C1 NAG H . 7.03 -8.77 -21.98
C2 NAG H . 6.91 -7.25 -21.96
C3 NAG H . 8.21 -6.66 -22.46
C4 NAG H . 9.39 -7.14 -21.60
C5 NAG H . 9.36 -8.67 -21.37
C6 NAG H . 10.15 -9.01 -20.13
C7 NAG H . 4.69 -6.42 -22.27
C8 NAG H . 3.59 -5.96 -23.21
N2 NAG H . 5.83 -6.83 -22.81
O3 NAG H . 8.13 -5.25 -22.43
O4 NAG H . 10.63 -6.77 -22.26
O5 NAG H . 8.04 -9.15 -21.05
O6 NAG H . 9.31 -8.93 -18.98
O7 NAG H . 4.50 -6.39 -21.05
C1 NAG H . 11.45 -5.84 -21.62
C2 NAG H . 12.92 -6.08 -21.93
C3 NAG H . 13.75 -5.06 -21.16
C4 NAG H . 13.34 -3.66 -21.56
C5 NAG H . 11.82 -3.47 -21.39
C6 NAG H . 11.34 -2.15 -21.99
C7 NAG H . 12.98 -8.45 -22.37
C8 NAG H . 13.45 -9.82 -21.91
N2 NAG H . 13.31 -7.42 -21.58
O3 NAG H . 15.13 -5.26 -21.42
O4 NAG H . 14.05 -2.69 -20.76
O5 NAG H . 11.09 -4.52 -22.08
O6 NAG H . 11.85 -1.05 -21.25
O7 NAG H . 12.31 -8.32 -23.41
C1 BMA H . 14.85 -1.78 -21.46
C2 BMA H . 14.95 -0.45 -20.67
C3 BMA H . 15.95 0.51 -21.36
C4 BMA H . 17.29 -0.18 -21.64
C5 BMA H . 17.04 -1.51 -22.41
C6 BMA H . 18.30 -2.32 -22.73
O2 BMA H . 15.35 -0.72 -19.33
O3 BMA H . 16.17 1.67 -20.54
O4 BMA H . 18.12 0.68 -22.41
O5 BMA H . 16.16 -2.37 -21.64
O6 BMA H . 19.34 -2.10 -21.78
C1 NAG I . -13.95 -39.17 -1.45
C2 NAG I . -15.45 -39.09 -1.05
C3 NAG I . -15.95 -37.71 -1.39
C4 NAG I . -15.13 -36.66 -0.69
C5 NAG I . -13.65 -36.86 -0.98
C6 NAG I . -12.82 -35.93 -0.13
C7 NAG I . -16.56 -41.22 -1.10
C8 NAG I . -17.48 -42.19 -1.82
N2 NAG I . -16.28 -40.07 -1.71
O3 NAG I . -17.30 -37.58 -1.01
O4 NAG I . -15.53 -35.40 -1.20
O5 NAG I . -13.23 -38.21 -0.69
O6 NAG I . -12.65 -36.49 1.16
O7 NAG I . -16.05 -41.54 -0.02
C1 NAG I . -15.99 -34.52 -0.27
C2 NAG I . -16.12 -33.15 -0.90
C3 NAG I . -16.71 -32.15 0.10
C4 NAG I . -17.90 -32.73 0.87
C5 NAG I . -17.74 -34.22 1.25
C6 NAG I . -19.05 -34.88 1.68
C7 NAG I . -14.43 -32.82 -2.56
C8 NAG I . -13.04 -32.36 -2.91
N2 NAG I . -14.79 -32.71 -1.30
O3 NAG I . -17.17 -31.00 -0.62
O4 NAG I . -18.08 -31.94 2.06
O5 NAG I . -17.26 -34.98 0.14
O6 NAG I . -19.16 -36.19 1.14
O7 NAG I . -15.16 -33.27 -3.44
C1 BMA I . -19.36 -31.45 2.21
C2 BMA I . -19.67 -31.20 3.69
C3 BMA I . -21.15 -30.82 3.80
C4 BMA I . -21.47 -29.61 2.88
C5 BMA I . -20.81 -29.72 1.44
C6 BMA I . -20.75 -28.38 0.71
O2 BMA I . -18.84 -30.16 4.16
O3 BMA I . -21.51 -30.53 5.15
O4 BMA I . -22.88 -29.51 2.74
O5 BMA I . -19.46 -30.22 1.49
O6 BMA I . -19.41 -27.88 0.64
C1 NAG J . -9.51 -7.45 -26.43
C2 NAG J . -8.64 -7.42 -27.67
C3 NAG J . -9.51 -7.75 -28.86
C4 NAG J . -10.06 -9.16 -28.68
C5 NAG J . -10.76 -9.36 -27.30
C6 NAG J . -10.91 -10.86 -27.00
C7 NAG J . -6.73 -5.99 -27.30
C8 NAG J . -6.06 -4.64 -27.53
N2 NAG J . -7.95 -6.15 -27.83
O3 NAG J . -8.73 -7.68 -30.06
O4 NAG J . -11.01 -9.44 -29.73
O5 NAG J . -9.95 -8.81 -26.20
O6 NAG J . -11.97 -11.13 -26.09
O7 NAG J . -6.16 -6.87 -26.64
C1 NAG J . -10.65 -10.43 -30.65
C2 NAG J . -11.88 -10.92 -31.36
C3 NAG J . -11.52 -11.95 -32.42
C4 NAG J . -10.37 -11.47 -33.34
C5 NAG J . -9.24 -10.82 -32.54
C6 NAG J . -8.26 -10.10 -33.44
C7 NAG J . -13.60 -10.73 -29.68
C8 NAG J . -14.53 -11.43 -28.70
N2 NAG J . -12.80 -11.51 -30.40
O3 NAG J . -12.68 -12.22 -33.21
O4 NAG J . -9.84 -12.60 -34.07
O5 NAG J . -9.75 -9.84 -31.60
O6 NAG J . -6.96 -10.07 -32.86
O7 NAG J . -13.63 -9.51 -29.80
C1 BMA J . -10.27 -12.80 -35.37
C2 BMA J . -9.32 -13.76 -36.12
C3 BMA J . -9.85 -13.97 -37.56
C4 BMA J . -11.34 -14.42 -37.55
C5 BMA J . -12.20 -13.50 -36.65
C6 BMA J . -13.60 -14.05 -36.46
O2 BMA J . -9.22 -15.00 -35.43
O3 BMA J . -9.07 -14.93 -38.24
O4 BMA J . -11.85 -14.39 -38.87
O5 BMA J . -11.60 -13.36 -35.34
O6 BMA J . -13.65 -14.95 -35.36
C1 NAG K . -8.77 24.07 -24.02
C2 NAG K . -7.82 22.92 -24.25
C3 NAG K . -6.84 23.19 -25.40
C4 NAG K . -7.65 23.66 -26.62
C5 NAG K . -8.35 24.93 -26.19
C6 NAG K . -9.02 25.75 -27.26
C7 NAG K . -7.06 21.49 -22.49
C8 NAG K . -6.31 21.35 -21.19
N2 NAG K . -7.10 22.70 -23.02
O3 NAG K . -6.11 22.02 -25.68
O4 NAG K . -6.80 23.89 -27.78
O5 NAG K . -9.36 24.57 -25.22
O6 NAG K . -9.08 27.11 -26.87
O7 NAG K . -7.58 20.51 -23.01
C1 NDG K . -7.34 23.37 -28.95
C2 NDG K . -6.49 22.19 -29.50
C3 NDG K . -5.38 22.61 -30.45
C4 NDG K . -5.96 23.57 -31.50
C5 NDG K . -6.37 24.77 -30.65
C6 NDG K . -6.59 26.11 -31.31
C7 NDG K . -4.62 21.18 -28.28
C8 NDG K . -4.23 20.33 -27.07
O5 NDG K . -7.56 24.43 -29.90
O3 NDG K . -4.80 21.45 -31.03
O4 NDG K . -4.96 23.93 -32.49
O6 NDG K . -5.97 27.16 -30.58
O7 NDG K . -3.74 21.61 -29.02
N2 NDG K . -5.93 21.40 -28.42
C1 MAN K . -5.03 23.47 -33.83
C2 MAN K . -6.37 22.80 -34.19
C3 MAN K . -6.52 21.44 -33.49
C4 MAN K . -5.27 20.56 -33.70
C5 MAN K . -3.99 21.34 -33.36
C6 MAN K . -2.71 20.56 -33.60
O2 MAN K . -6.45 22.62 -35.61
O3 MAN K . -7.67 20.77 -33.98
O4 MAN K . -5.34 19.42 -32.85
O5 MAN K . -3.92 22.57 -34.12
O6 MAN K . -2.29 19.88 -32.42
C1 NAG L . 10.17 35.25 -35.29
C2 NAG L . 11.48 35.75 -35.89
C3 NAG L . 12.62 35.17 -35.07
C4 NAG L . 12.60 35.97 -33.80
C5 NAG L . 11.19 35.96 -33.18
C6 NAG L . 10.57 37.31 -33.16
C7 NAG L . 11.50 36.45 -38.18
C8 NAG L . 11.60 36.07 -39.66
N2 NAG L . 11.59 35.45 -37.30
O3 NAG L . 13.86 35.35 -35.74
O4 NAG L . 13.57 35.50 -32.86
O5 NAG L . 10.29 35.05 -33.87
O6 NAG L . 11.18 38.10 -32.16
O7 NAG L . 11.36 37.64 -37.85
C1 NAG L . 14.14 36.52 -32.12
C2 NAG L . 14.98 35.99 -30.96
C3 NAG L . 15.57 37.17 -30.19
C4 NAG L . 16.39 38.06 -31.16
C5 NAG L . 15.51 38.47 -32.35
C6 NAG L . 16.25 39.29 -33.40
C7 NAG L . 14.09 33.85 -30.33
C8 NAG L . 13.26 33.03 -29.35
N2 NAG L . 14.20 35.15 -30.07
O3 NAG L . 16.38 36.70 -29.11
O4 NAG L . 16.87 39.23 -30.49
O5 NAG L . 14.97 37.29 -33.00
O6 NAG L . 15.68 40.61 -33.50
O7 NAG L . 14.60 33.31 -31.33
C1 BMA L . 18.13 39.15 -29.93
C2 BMA L . 19.03 40.26 -30.51
C3 BMA L . 20.37 40.38 -29.74
C4 BMA L . 20.15 40.37 -28.20
C5 BMA L . 19.25 39.17 -27.82
C6 BMA L . 18.95 39.06 -26.33
O2 BMA L . 18.34 41.51 -30.48
O3 BMA L . 21.04 41.57 -30.12
O4 BMA L . 21.39 40.28 -27.53
O5 BMA L . 17.99 39.27 -28.51
O6 BMA L . 18.15 37.92 -26.06
C1 NAG M . 15.90 12.94 13.84
C2 NAG M . 14.74 13.73 13.29
C3 NAG M . 14.20 14.55 14.41
C4 NAG M . 13.70 13.62 15.53
C5 NAG M . 14.75 12.56 15.89
C6 NAG M . 14.08 11.41 16.59
C7 NAG M . 14.87 14.20 10.97
C8 NAG M . 15.30 15.13 9.85
N2 NAG M . 15.15 14.58 12.21
O3 NAG M . 13.15 15.36 13.94
O4 NAG M . 13.41 14.41 16.69
O5 NAG M . 15.36 11.98 14.72
O6 NAG M . 13.62 10.45 15.64
O7 NAG M . 14.28 13.16 10.72
C1 NAG M . 12.07 14.56 17.05
C2 NAG M . 11.95 14.73 18.56
C3 NAG M . 10.49 14.96 18.96
C4 NAG M . 9.79 16.05 18.10
C5 NAG M . 10.13 15.90 16.60
C6 NAG M . 9.68 17.07 15.74
C7 NAG M . 13.74 13.35 19.34
C8 NAG M . 14.18 12.06 20.02
N2 NAG M . 12.44 13.53 19.20
O3 NAG M . 10.44 15.35 20.33
O4 NAG M . 8.36 15.91 18.26
O5 NAG M . 11.57 15.74 16.41
O6 NAG M . 10.06 18.32 16.30
O7 NAG M . 14.58 14.15 18.94
C1 BMA M . 7.66 16.95 18.87
C2 BMA M . 6.23 17.07 18.27
C3 BMA M . 5.51 18.25 18.93
C4 BMA M . 5.51 18.05 20.47
C5 BMA M . 6.93 17.71 21.03
C6 BMA M . 6.90 17.23 22.48
O2 BMA M . 5.48 15.88 18.51
O3 BMA M . 4.17 18.37 18.44
O4 BMA M . 5.04 19.24 21.08
O5 BMA M . 7.57 16.65 20.27
O6 BMA M . 7.80 16.14 22.68
C1 NAG N . 35.71 -21.58 0.32
C2 NAG N . 36.03 -21.76 -1.17
C3 NAG N . 35.23 -20.77 -2.06
C4 NAG N . 33.73 -20.90 -1.78
C5 NAG N . 33.53 -20.70 -0.26
C6 NAG N . 32.08 -20.78 0.22
C7 NAG N . 38.17 -22.70 -1.66
C8 NAG N . 39.65 -22.48 -1.89
N2 NAG N . 37.45 -21.63 -1.41
O3 NAG N . 35.49 -21.03 -3.44
O4 NAG N . 32.96 -19.89 -2.53
O5 NAG N . 34.30 -21.67 0.52
O6 NAG N . 31.50 -22.08 0.07
O7 NAG N . 37.71 -23.85 -1.72
C1 NDG N . 32.64 -20.03 -3.89
C2 NDG N . 31.66 -18.92 -4.29
C3 NDG N . 30.64 -19.44 -5.31
C4 NDG N . 31.31 -20.38 -6.33
C5 NDG N . 31.79 -21.62 -5.55
C6 NDG N . 33.07 -22.22 -6.10
C7 NDG N . 31.41 -17.36 -2.45
C8 NDG N . 30.59 -16.89 -1.27
O5 NDG N . 32.02 -21.32 -4.13
O3 NDG N . 30.03 -18.35 -5.97
O4 NDG N . 30.37 -20.75 -7.39
O6 NDG N . 34.09 -21.23 -6.23
O7 NDG N . 32.43 -16.78 -2.73
N2 NDG N . 30.95 -18.41 -3.13
C1 BMA N . 30.62 -20.34 -8.72
C2 BMA N . 31.21 -21.48 -9.57
C3 BMA N . 31.55 -20.93 -10.97
C4 BMA N . 30.30 -20.37 -11.63
C5 BMA N . 29.59 -19.36 -10.70
C6 BMA N . 28.23 -18.99 -11.26
O2 BMA N . 30.25 -22.53 -9.68
O3 BMA N . 32.11 -21.95 -11.80
O4 BMA N . 30.63 -19.74 -12.85
O5 BMA N . 29.39 -19.91 -9.36
O6 BMA N . 27.43 -20.14 -11.51
C1 NAG O . 23.51 17.00 -0.99
C2 NAG O . 23.73 18.10 0.05
C3 NAG O . 24.98 18.89 -0.25
C4 NAG O . 26.19 17.96 -0.32
C5 NAG O . 25.88 16.68 -1.15
C6 NAG O . 26.89 15.60 -0.87
C7 NAG O . 21.69 18.71 1.06
C8 NAG O . 20.54 19.69 1.20
N2 NAG O . 22.62 18.99 0.16
O3 NAG O . 25.17 19.85 0.77
O4 NAG O . 27.27 18.70 -0.93
O5 NAG O . 24.59 16.09 -0.84
O6 NAG O . 26.80 14.59 -1.86
O7 NAG O . 21.72 17.69 1.76
C1 NAG O . 28.46 18.85 -0.21
C2 NAG O . 29.64 19.01 -1.17
C3 NAG O . 30.94 19.20 -0.37
C4 NAG O . 30.80 20.39 0.59
C5 NAG O . 29.51 20.20 1.43
C6 NAG O . 29.20 21.32 2.38
C7 NAG O . 28.94 17.79 -3.08
C8 NAG O . 29.07 16.57 -3.97
N2 NAG O . 29.74 17.85 -2.02
O3 NAG O . 32.02 19.42 -1.27
O4 NAG O . 31.95 20.42 1.47
O5 NAG O . 28.36 20.03 0.58
O6 NAG O . 28.06 21.00 3.17
O7 NAG O . 28.13 18.67 -3.36
C1 BMA O . 32.71 21.57 1.58
C2 BMA O . 33.34 21.61 2.99
C3 BMA O . 34.18 22.86 3.11
C4 BMA O . 35.31 22.76 2.08
C5 BMA O . 34.70 22.62 0.66
C6 BMA O . 35.76 22.32 -0.37
O2 BMA O . 34.17 20.46 3.13
O3 BMA O . 34.73 22.96 4.43
O4 BMA O . 36.13 23.91 2.15
O5 BMA O . 33.75 21.51 0.60
O6 BMA O . 35.92 20.92 -0.54
C1 NAG P . -2.33 33.36 -12.10
C2 NAG P . -1.78 32.96 -10.75
C3 NAG P . -1.88 34.15 -9.77
C4 NAG P . -1.15 35.39 -10.34
C5 NAG P . -1.81 35.66 -11.69
C6 NAG P . -1.33 36.90 -12.43
C7 NAG P . -2.10 31.11 -9.32
C8 NAG P . -2.98 29.97 -8.85
N2 NAG P . -2.59 31.88 -10.27
O3 NAG P . -1.33 33.80 -8.51
O4 NAG P . -1.30 36.53 -9.45
O5 NAG P . -1.63 34.51 -12.57
O6 NAG P . -2.27 37.29 -13.42
O7 NAG P . -0.98 31.27 -8.85
C1 NDG P . -0.20 37.36 -9.21
C2 NDG P . 0.68 36.83 -8.05
C3 NDG P . 1.15 37.98 -7.16
C4 NDG P . 1.65 39.09 -8.08
C5 NDG P . 0.40 39.68 -8.80
C6 NDG P . 0.78 40.04 -10.20
C7 NDG P . 0.63 34.72 -6.90
C8 NDG P . -0.12 33.75 -6.00
O5 NDG P . -0.67 38.70 -8.92
O3 NDG P . 2.15 37.54 -6.27
O4 NDG P . 2.37 40.11 -7.33
O6 NDG P . 1.54 38.98 -10.76
O7 NDG P . 1.76 34.41 -7.32
N2 NDG P . 0.00 35.84 -7.23
C1 MAN P . 3.75 39.92 -7.11
C2 MAN P . 4.01 39.45 -5.64
C3 MAN P . 3.55 40.53 -4.64
C4 MAN P . 4.23 41.87 -4.97
C5 MAN P . 4.02 42.24 -6.47
C6 MAN P . 4.78 43.48 -6.88
O2 MAN P . 5.41 39.21 -5.45
O3 MAN P . 3.85 40.13 -3.31
O4 MAN P . 3.69 42.90 -4.14
O5 MAN P . 4.45 41.17 -7.35
O6 MAN P . 4.07 44.67 -6.52
C1 NAG Q . -11.53 49.81 4.67
C2 NAG Q . -12.19 50.66 5.78
C3 NAG Q . -12.84 49.78 6.87
C4 NAG Q . -13.76 48.75 6.20
C5 NAG Q . -13.02 47.96 5.13
C6 NAG Q . -14.02 47.08 4.39
C7 NAG Q . -11.73 52.98 6.32
C8 NAG Q . -10.81 54.06 6.88
N2 NAG Q . -11.33 51.70 6.33
O3 NAG Q . -13.62 50.62 7.73
O4 NAG Q . -14.35 47.84 7.16
O5 NAG Q . -12.45 48.84 4.14
O6 NAG Q . -15.21 47.79 4.12
O7 NAG Q . -12.81 53.32 5.84
C1 NAG Q . -15.74 47.89 7.18
C2 NAG Q . -16.38 46.58 7.64
C3 NAG Q . -17.89 46.72 7.58
C4 NAG Q . -18.38 47.96 8.35
C5 NAG Q . -17.55 49.20 7.94
C6 NAG Q . -17.87 50.48 8.71
C7 NAG Q . -15.04 44.63 7.21
C8 NAG Q . -14.78 43.45 6.30
N2 NAG Q . -16.02 45.44 6.81
O3 NAG Q . -18.50 45.56 8.10
O4 NAG Q . -19.75 48.19 7.97
O5 NAG Q . -16.14 48.94 8.07
O6 NAG Q . -18.68 51.34 7.92
O7 NAG Q . -14.35 44.82 8.21
C1 BMA Q . -20.70 48.28 8.98
C2 BMA Q . -22.00 48.89 8.41
C3 BMA Q . -23.14 48.84 9.45
C4 BMA Q . -23.28 47.43 10.08
C5 BMA Q . -21.89 46.93 10.58
C6 BMA Q . -21.94 45.50 11.11
O2 BMA Q . -22.39 48.20 7.21
O3 BMA Q . -24.38 49.21 8.84
O4 BMA Q . -24.19 47.48 11.18
O5 BMA Q . -20.93 46.95 9.49
O6 BMA Q . -22.55 45.43 12.39
C1 NAG R . -23.48 -3.39 8.39
C2 NAG R . -23.53 -2.46 7.20
C3 NAG R . -24.51 -3.02 6.15
C4 NAG R . -24.22 -4.49 5.83
C5 NAG R . -24.04 -5.30 7.12
C6 NAG R . -23.55 -6.69 6.86
C7 NAG R . -23.10 -0.17 7.69
C8 NAG R . -23.62 1.17 8.19
N2 NAG R . -23.98 -1.16 7.66
O3 NAG R . -24.42 -2.24 4.97
O4 NAG R . -25.32 -5.04 5.07
O5 NAG R . -23.05 -4.67 7.95
O6 NAG R . -22.14 -6.74 6.99
O7 NAG R . -21.91 -0.29 7.34
C1 NAG R . -25.07 -5.27 3.72
C2 NAG R . -25.85 -6.49 3.21
C3 NAG R . -25.53 -6.71 1.71
C4 NAG R . -25.66 -5.42 0.87
C5 NAG R . -25.02 -4.19 1.59
C6 NAG R . -25.36 -2.85 0.94
C7 NAG R . -26.00 -7.91 5.15
C8 NAG R . -25.54 -9.18 5.87
N2 NAG R . -25.46 -7.67 3.95
O3 NAG R . -26.39 -7.70 1.17
O4 NAG R . -25.00 -5.60 -0.41
O5 NAG R . -25.46 -4.11 2.96
O6 NAG R . -24.27 -2.36 0.17
O7 NAG R . -26.82 -7.17 5.68
C1 BMA R . -25.71 -5.25 -1.55
C2 BMA R . -24.76 -4.99 -2.73
C3 BMA R . -25.59 -4.59 -3.97
C4 BMA R . -26.69 -5.62 -4.26
C5 BMA R . -27.47 -6.02 -2.97
C6 BMA R . -28.33 -7.25 -3.15
O2 BMA R . -23.98 -6.15 -2.99
O3 BMA R . -24.75 -4.46 -5.11
O4 BMA R . -27.60 -5.07 -5.21
O5 BMA R . -26.57 -6.33 -1.88
O6 BMA R . -27.96 -8.28 -2.24
C1 NAG S . 3.02 -11.43 40.14
C2 NAG S . 3.83 -10.34 40.82
C3 NAG S . 3.79 -9.09 39.95
C4 NAG S . 4.12 -9.37 38.49
C5 NAG S . 3.37 -10.58 37.97
C6 NAG S . 3.95 -10.99 36.67
C7 NAG S . 3.85 -10.42 43.23
C8 NAG S . 3.12 -10.08 44.51
N2 NAG S . 3.23 -10.06 42.11
O3 NAG S . 4.73 -8.17 40.44
O4 NAG S . 3.75 -8.24 37.69
O5 NAG S . 3.55 -11.70 38.85
O6 NAG S . 5.05 -11.86 36.90
O7 NAG S . 4.94 -11.00 43.26
C1 NAG S . 4.77 -7.52 37.12
C2 NAG S . 4.21 -6.50 36.18
C3 NAG S . 5.33 -5.70 35.55
C4 NAG S . 6.38 -5.18 36.56
C5 NAG S . 6.64 -6.15 37.76
C6 NAG S . 7.13 -5.40 38.99
C7 NAG S . 2.06 -6.99 35.24
C8 NAG S . 1.23 -7.60 34.12
N2 NAG S . 3.38 -7.10 35.15
O3 NAG S . 4.75 -4.57 34.90
O4 NAG S . 7.63 -4.93 35.87
O5 NAG S . 5.44 -6.83 38.17
O6 NAG S . 6.04 -4.87 39.77
O7 NAG S . 1.50 -6.45 36.18
C1 BMA S . 8.24 -3.70 36.11
C2 BMA S . 9.76 -3.82 36.00
C3 BMA S . 10.38 -2.45 36.38
C4 BMA S . 9.77 -1.32 35.52
C5 BMA S . 8.23 -1.40 35.44
C6 BMA S . 7.63 -0.49 34.37
O2 BMA S . 10.11 -4.17 34.66
O3 BMA S . 11.82 -2.45 36.29
O4 BMA S . 10.14 -0.07 36.08
O5 BMA S . 7.78 -2.75 35.14
O6 BMA S . 7.13 -1.23 33.26
C1 NAG T . -21.11 11.45 16.70
C2 NAG T . -22.58 11.27 16.36
C3 NAG T . -23.40 12.16 17.26
C4 NAG T . -23.13 11.73 18.70
C5 NAG T . -21.63 11.83 18.99
C6 NAG T . -21.31 11.28 20.36
C7 NAG T . -23.15 10.57 14.13
C8 NAG T . -23.44 10.93 12.67
N2 NAG T . -22.85 11.57 14.97
O3 NAG T . -24.77 12.00 16.96
O4 NAG T . -23.88 12.57 19.58
O5 NAG T . -20.88 11.03 18.04
O6 NAG T . -21.26 9.87 20.32
O7 NAG T . -23.19 9.37 14.49
C1 NAG T . -24.87 11.93 20.31
C2 NAG T . -25.15 12.69 21.59
C3 NAG T . -26.27 11.98 22.37
C4 NAG T . -27.50 11.72 21.48
C5 NAG T . -27.09 11.12 20.13
C6 NAG T . -28.24 11.03 19.14
C7 NAG T . -22.92 13.54 22.03
C8 NAG T . -21.72 13.53 22.94
N2 NAG T . -23.95 12.76 22.40
O3 NAG T . -26.65 12.78 23.47
O4 NAG T . -28.40 10.80 22.17
O5 NAG T . -26.05 11.90 19.52
O6 NAG T . -27.98 10.06 18.13
O7 NAG T . -22.93 14.25 21.01
C1 BMA T . -29.57 11.34 22.68
C2 BMA T . -30.58 10.21 23.00
C3 BMA T . -31.86 10.83 23.63
C4 BMA T . -31.50 11.73 24.82
C5 BMA T . -30.39 12.74 24.45
C6 BMA T . -29.85 13.48 25.66
O2 BMA T . -29.98 9.24 23.87
O3 BMA T . -32.77 9.80 24.06
O4 BMA T . -32.67 12.42 25.26
O5 BMA T . -29.24 12.06 23.87
O6 BMA T . -28.57 12.99 26.04
C1 NAG U . -17.92 28.54 -10.78
C2 NAG U . -18.65 27.34 -10.20
C3 NAG U . -20.08 27.22 -10.72
C4 NAG U . -20.78 28.53 -10.45
C5 NAG U . -20.02 29.54 -11.31
C6 NAG U . -20.60 30.91 -11.54
C7 NAG U . -17.66 25.20 -9.66
C8 NAG U . -16.88 24.02 -10.18
N2 NAG U . -17.91 26.14 -10.56
O3 NAG U . -20.74 26.18 -10.05
O4 NAG U . -22.19 28.46 -10.76
O5 NAG U . -18.71 29.73 -10.72
O6 NAG U . -19.87 31.59 -12.56
O7 NAG U . -18.04 25.24 -8.49
C1 NDG U . -22.98 28.81 -9.67
C2 NDG U . -23.60 27.59 -8.91
C3 NDG U . -25.00 27.20 -9.40
C4 NDG U . -25.85 28.45 -9.37
C5 NDG U . -25.21 29.27 -10.49
C6 NDG U . -25.98 30.40 -11.14
C7 NDG U . -22.98 25.25 -9.42
C8 NDG U . -21.97 24.14 -9.19
O5 NDG U . -23.95 29.81 -10.04
O3 NDG U . -25.55 26.17 -8.60
O4 NDG U . -27.27 28.13 -9.56
O6 NDG U . -25.54 30.60 -12.48
O7 NDG U . -23.97 25.04 -10.14
N2 NDG U . -22.71 26.43 -8.83
C1 MAN U . -28.05 27.93 -8.40
C2 MAN U . -28.18 26.42 -8.02
C3 MAN U . -29.12 25.65 -8.98
C4 MAN U . -30.43 26.41 -9.21
C5 MAN U . -30.15 27.88 -9.60
C6 MAN U . -31.41 28.70 -9.84
O2 MAN U . -28.66 26.28 -6.68
O3 MAN U . -29.39 24.36 -8.44
O4 MAN U . -31.17 25.78 -10.26
O5 MAN U . -29.36 28.53 -8.58
O6 MAN U . -32.14 28.96 -8.64
#